data_1NB9
# 
_entry.id   1NB9 
# 
_audit_conform.dict_name       mmcif_pdbx.dic 
_audit_conform.dict_version    5.376 
_audit_conform.dict_location   http://mmcif.pdb.org/dictionaries/ascii/mmcif_pdbx.dic 
# 
loop_
_database_2.database_id 
_database_2.database_code 
_database_2.pdbx_database_accession 
_database_2.pdbx_DOI 
PDB   1NB9         pdb_00001nb9 10.2210/pdb1nb9/pdb 
RCSB  RCSB017737   ?            ?                   
WWPDB D_1000017737 ?            ?                   
# 
loop_
_pdbx_database_related.db_name 
_pdbx_database_related.db_id 
_pdbx_database_related.details 
_pdbx_database_related.content_type 
PDB 1NB0 . unspecified 
PDB 1nbg . unspecified 
# 
_pdbx_database_status.status_code                     REL 
_pdbx_database_status.entry_id                        1NB9 
_pdbx_database_status.recvd_initial_deposition_date   2002-12-02 
_pdbx_database_status.deposit_site                    RCSB 
_pdbx_database_status.process_site                    RCSB 
_pdbx_database_status.status_code_sf                  REL 
_pdbx_database_status.SG_entry                        . 
_pdbx_database_status.pdb_format_compatible           Y 
_pdbx_database_status.status_code_mr                  ? 
_pdbx_database_status.status_code_cs                  ? 
_pdbx_database_status.status_code_nmr_data            ? 
_pdbx_database_status.methods_development_category    ? 
# 
loop_
_audit_author.name 
_audit_author.pdbx_ordinal 
'Karthikeyan, S.' 1 
'Zhou, Q.'        2 
'Mseeh, F.'       3 
'Grishin, N.V.'   4 
'Osterman, A.L.'  5 
'Zhang, H.'       6 
# 
_citation.id                        primary 
_citation.title                     
'Crystal Structure of Human Riboflavin Kinase Reveals a Beta Barrel Fold and a Novel Active Site Arch' 
_citation.journal_abbrev            Structure 
_citation.journal_volume            11 
_citation.page_first                265 
_citation.page_last                 273 
_citation.year                      2003 
_citation.journal_id_ASTM           STRUE6 
_citation.country                   UK 
_citation.journal_id_ISSN           0969-2126 
_citation.journal_id_CSD            2005 
_citation.book_publisher            ? 
_citation.pdbx_database_id_PubMed   12623014 
_citation.pdbx_database_id_DOI      '10.1016/S0969-2126(03)00024-8' 
# 
loop_
_citation_author.citation_id 
_citation_author.name 
_citation_author.ordinal 
_citation_author.identifier_ORCID 
primary 'Karthikeyan, S.' 1 ? 
primary 'Zhou, Q.'        2 ? 
primary 'Mseeh, F.'       3 ? 
primary 'Grishin, N.V.'   4 ? 
primary 'Osterman, A.L.'  5 ? 
primary 'Zhang, H.'       6 ? 
# 
_cell.entry_id           1NB9 
_cell.length_a           56.957 
_cell.length_b           56.957 
_cell.length_c           82.501 
_cell.angle_alpha        90.00 
_cell.angle_beta         90.00 
_cell.angle_gamma        120.00 
_cell.Z_PDB              6 
_cell.pdbx_unique_axis   ? 
# 
_symmetry.entry_id                         1NB9 
_symmetry.space_group_name_H-M             'P 31 2 1' 
_symmetry.pdbx_full_space_group_name_H-M   ? 
_symmetry.cell_setting                     ? 
_symmetry.Int_Tables_number                152 
# 
loop_
_entity.id 
_entity.type 
_entity.src_method 
_entity.pdbx_description 
_entity.formula_weight 
_entity.pdbx_number_of_molecules 
_entity.pdbx_ec 
_entity.pdbx_mutation 
_entity.pdbx_fragment 
_entity.details 
1 polymer     man 'hypothetical protein FLJ11149' 16772.084 1   2.7.1.26 ? ? ? 
2 non-polymer syn 'MAGNESIUM ION'                 24.305    1   ?        ? ? ? 
3 non-polymer syn "ADENOSINE-5'-DIPHOSPHATE"      427.201   1   ?        ? ? ? 
4 non-polymer syn RIBOFLAVIN                      376.364   1   ?        ? ? ? 
5 water       nat water                           18.015    118 ?        ? ? ? 
# 
_entity_name_com.entity_id   1 
_entity_name_com.name        'Riboflavin kinase' 
# 
_entity_poly.entity_id                      1 
_entity_poly.type                           'polypeptide(L)' 
_entity_poly.nstd_linkage                   no 
_entity_poly.nstd_monomer                   no 
_entity_poly.pdbx_seq_one_letter_code       
;RHLPYFCRGQVVRGFGRGSKQLGIPTANFPEQVVDNLPADISTGIYYGWASVGSGDVHKMVVSIGWNPYYKNTKKSMETH
IMHTFKEDFYGEILNVAIVGYLRPEKNFDSLESLISAIQGDIEEAKKRLELPEYLKIKEDNFFQVSK
;
_entity_poly.pdbx_seq_one_letter_code_can   
;RHLPYFCRGQVVRGFGRGSKQLGIPTANFPEQVVDNLPADISTGIYYGWASVGSGDVHKMVVSIGWNPYYKNTKKSMETH
IMHTFKEDFYGEILNVAIVGYLRPEKNFDSLESLISAIQGDIEEAKKRLELPEYLKIKEDNFFQVSK
;
_entity_poly.pdbx_strand_id                 A 
_entity_poly.pdbx_target_identifier         ? 
# 
loop_
_entity_poly_seq.entity_id 
_entity_poly_seq.num 
_entity_poly_seq.mon_id 
_entity_poly_seq.hetero 
1 1   ARG n 
1 2   HIS n 
1 3   LEU n 
1 4   PRO n 
1 5   TYR n 
1 6   PHE n 
1 7   CYS n 
1 8   ARG n 
1 9   GLY n 
1 10  GLN n 
1 11  VAL n 
1 12  VAL n 
1 13  ARG n 
1 14  GLY n 
1 15  PHE n 
1 16  GLY n 
1 17  ARG n 
1 18  GLY n 
1 19  SER n 
1 20  LYS n 
1 21  GLN n 
1 22  LEU n 
1 23  GLY n 
1 24  ILE n 
1 25  PRO n 
1 26  THR n 
1 27  ALA n 
1 28  ASN n 
1 29  PHE n 
1 30  PRO n 
1 31  GLU n 
1 32  GLN n 
1 33  VAL n 
1 34  VAL n 
1 35  ASP n 
1 36  ASN n 
1 37  LEU n 
1 38  PRO n 
1 39  ALA n 
1 40  ASP n 
1 41  ILE n 
1 42  SER n 
1 43  THR n 
1 44  GLY n 
1 45  ILE n 
1 46  TYR n 
1 47  TYR n 
1 48  GLY n 
1 49  TRP n 
1 50  ALA n 
1 51  SER n 
1 52  VAL n 
1 53  GLY n 
1 54  SER n 
1 55  GLY n 
1 56  ASP n 
1 57  VAL n 
1 58  HIS n 
1 59  LYS n 
1 60  MET n 
1 61  VAL n 
1 62  VAL n 
1 63  SER n 
1 64  ILE n 
1 65  GLY n 
1 66  TRP n 
1 67  ASN n 
1 68  PRO n 
1 69  TYR n 
1 70  TYR n 
1 71  LYS n 
1 72  ASN n 
1 73  THR n 
1 74  LYS n 
1 75  LYS n 
1 76  SER n 
1 77  MET n 
1 78  GLU n 
1 79  THR n 
1 80  HIS n 
1 81  ILE n 
1 82  MET n 
1 83  HIS n 
1 84  THR n 
1 85  PHE n 
1 86  LYS n 
1 87  GLU n 
1 88  ASP n 
1 89  PHE n 
1 90  TYR n 
1 91  GLY n 
1 92  GLU n 
1 93  ILE n 
1 94  LEU n 
1 95  ASN n 
1 96  VAL n 
1 97  ALA n 
1 98  ILE n 
1 99  VAL n 
1 100 GLY n 
1 101 TYR n 
1 102 LEU n 
1 103 ARG n 
1 104 PRO n 
1 105 GLU n 
1 106 LYS n 
1 107 ASN n 
1 108 PHE n 
1 109 ASP n 
1 110 SER n 
1 111 LEU n 
1 112 GLU n 
1 113 SER n 
1 114 LEU n 
1 115 ILE n 
1 116 SER n 
1 117 ALA n 
1 118 ILE n 
1 119 GLN n 
1 120 GLY n 
1 121 ASP n 
1 122 ILE n 
1 123 GLU n 
1 124 GLU n 
1 125 ALA n 
1 126 LYS n 
1 127 LYS n 
1 128 ARG n 
1 129 LEU n 
1 130 GLU n 
1 131 LEU n 
1 132 PRO n 
1 133 GLU n 
1 134 TYR n 
1 135 LEU n 
1 136 LYS n 
1 137 ILE n 
1 138 LYS n 
1 139 GLU n 
1 140 ASP n 
1 141 ASN n 
1 142 PHE n 
1 143 PHE n 
1 144 GLN n 
1 145 VAL n 
1 146 SER n 
1 147 LYS n 
# 
_entity_src_gen.entity_id                          1 
_entity_src_gen.pdbx_src_id                        1 
_entity_src_gen.pdbx_alt_source_flag               sample 
_entity_src_gen.pdbx_seq_type                      ? 
_entity_src_gen.pdbx_beg_seq_num                   ? 
_entity_src_gen.pdbx_end_seq_num                   ? 
_entity_src_gen.gene_src_common_name               human 
_entity_src_gen.gene_src_genus                     Homo 
_entity_src_gen.pdbx_gene_src_gene                 FLJ11149 
_entity_src_gen.gene_src_species                   ? 
_entity_src_gen.gene_src_strain                    ? 
_entity_src_gen.gene_src_tissue                    ? 
_entity_src_gen.gene_src_tissue_fraction           ? 
_entity_src_gen.gene_src_details                   ? 
_entity_src_gen.pdbx_gene_src_fragment             ? 
_entity_src_gen.pdbx_gene_src_scientific_name      'Homo sapiens' 
_entity_src_gen.pdbx_gene_src_ncbi_taxonomy_id     9606 
_entity_src_gen.pdbx_gene_src_variant              ? 
_entity_src_gen.pdbx_gene_src_cell_line            ? 
_entity_src_gen.pdbx_gene_src_atcc                 ? 
_entity_src_gen.pdbx_gene_src_organ                ? 
_entity_src_gen.pdbx_gene_src_organelle            ? 
_entity_src_gen.pdbx_gene_src_cell                 ? 
_entity_src_gen.pdbx_gene_src_cellular_location    ? 
_entity_src_gen.host_org_common_name               ? 
_entity_src_gen.pdbx_host_org_scientific_name      'Escherichia coli BL21' 
_entity_src_gen.pdbx_host_org_ncbi_taxonomy_id     511693 
_entity_src_gen.host_org_genus                     Escherichia 
_entity_src_gen.pdbx_host_org_gene                 ? 
_entity_src_gen.pdbx_host_org_organ                ? 
_entity_src_gen.host_org_species                   'Escherichia coli' 
_entity_src_gen.pdbx_host_org_tissue               ? 
_entity_src_gen.pdbx_host_org_tissue_fraction      ? 
_entity_src_gen.pdbx_host_org_strain               BL21 
_entity_src_gen.pdbx_host_org_variant              ? 
_entity_src_gen.pdbx_host_org_cell_line            ? 
_entity_src_gen.pdbx_host_org_atcc                 ? 
_entity_src_gen.pdbx_host_org_culture_collection   ? 
_entity_src_gen.pdbx_host_org_cell                 ? 
_entity_src_gen.pdbx_host_org_organelle            ? 
_entity_src_gen.pdbx_host_org_cellular_location    ? 
_entity_src_gen.pdbx_host_org_vector_type          PLASMID 
_entity_src_gen.pdbx_host_org_vector               ? 
_entity_src_gen.host_org_details                   ? 
_entity_src_gen.expression_system_id               ? 
_entity_src_gen.plasmid_name                       pPROEX-Hta 
_entity_src_gen.plasmid_details                    ? 
_entity_src_gen.pdbx_description                   ? 
# 
_struct_ref.id                         1 
_struct_ref.db_name                    UNP 
_struct_ref.db_code                    RIFK_HUMAN 
_struct_ref.pdbx_db_accession          Q969G6 
_struct_ref.entity_id                  1 
_struct_ref.pdbx_seq_one_letter_code   
;RHLPYFCRGQVVRGFGRGSKQLGIPTANFPEQVVDNLPADISTGIYYGWASVGSGDVHKMVVSIGWNPYYKNTKKSMETH
IMHTFKEDFYGEILNVAIVGYLRPEKNFDSLESLISAIQGDIEEAKKRLELPEHLKIKEDNFFQVSK
;
_struct_ref.pdbx_align_begin           9 
_struct_ref.pdbx_db_isoform            ? 
# 
_struct_ref_seq.align_id                      1 
_struct_ref_seq.ref_id                        1 
_struct_ref_seq.pdbx_PDB_id_code              1NB9 
_struct_ref_seq.pdbx_strand_id                A 
_struct_ref_seq.seq_align_beg                 1 
_struct_ref_seq.pdbx_seq_align_beg_ins_code   ? 
_struct_ref_seq.seq_align_end                 147 
_struct_ref_seq.pdbx_seq_align_end_ins_code   ? 
_struct_ref_seq.pdbx_db_accession             Q969G6 
_struct_ref_seq.db_align_beg                  9 
_struct_ref_seq.pdbx_db_align_beg_ins_code    ? 
_struct_ref_seq.db_align_end                  155 
_struct_ref_seq.pdbx_db_align_end_ins_code    ? 
_struct_ref_seq.pdbx_auth_seq_align_beg       9 
_struct_ref_seq.pdbx_auth_seq_align_end       155 
# 
_struct_ref_seq_dif.align_id                     1 
_struct_ref_seq_dif.pdbx_pdb_id_code             1NB9 
_struct_ref_seq_dif.mon_id                       TYR 
_struct_ref_seq_dif.pdbx_pdb_strand_id           A 
_struct_ref_seq_dif.seq_num                      134 
_struct_ref_seq_dif.pdbx_pdb_ins_code            ? 
_struct_ref_seq_dif.pdbx_seq_db_name             UNP 
_struct_ref_seq_dif.pdbx_seq_db_accession_code   Q969G6 
_struct_ref_seq_dif.db_mon_id                    HIS 
_struct_ref_seq_dif.pdbx_seq_db_seq_num          142 
_struct_ref_seq_dif.details                      conflict 
_struct_ref_seq_dif.pdbx_auth_seq_num            142 
_struct_ref_seq_dif.pdbx_ordinal                 1 
# 
loop_
_chem_comp.id 
_chem_comp.type 
_chem_comp.mon_nstd_flag 
_chem_comp.name 
_chem_comp.pdbx_synonyms 
_chem_comp.formula 
_chem_comp.formula_weight 
ADP non-polymer         n "ADENOSINE-5'-DIPHOSPHATE" ?                         'C10 H15 N5 O10 P2' 427.201 
ALA 'L-peptide linking' y ALANINE                    ?                         'C3 H7 N O2'        89.093  
ARG 'L-peptide linking' y ARGININE                   ?                         'C6 H15 N4 O2 1'    175.209 
ASN 'L-peptide linking' y ASPARAGINE                 ?                         'C4 H8 N2 O3'       132.118 
ASP 'L-peptide linking' y 'ASPARTIC ACID'            ?                         'C4 H7 N O4'        133.103 
CYS 'L-peptide linking' y CYSTEINE                   ?                         'C3 H7 N O2 S'      121.158 
GLN 'L-peptide linking' y GLUTAMINE                  ?                         'C5 H10 N2 O3'      146.144 
GLU 'L-peptide linking' y 'GLUTAMIC ACID'            ?                         'C5 H9 N O4'        147.129 
GLY 'peptide linking'   y GLYCINE                    ?                         'C2 H5 N O2'        75.067  
HIS 'L-peptide linking' y HISTIDINE                  ?                         'C6 H10 N3 O2 1'    156.162 
HOH non-polymer         . WATER                      ?                         'H2 O'              18.015  
ILE 'L-peptide linking' y ISOLEUCINE                 ?                         'C6 H13 N O2'       131.173 
LEU 'L-peptide linking' y LEUCINE                    ?                         'C6 H13 N O2'       131.173 
LYS 'L-peptide linking' y LYSINE                     ?                         'C6 H15 N2 O2 1'    147.195 
MET 'L-peptide linking' y METHIONINE                 ?                         'C5 H11 N O2 S'     149.211 
MG  non-polymer         . 'MAGNESIUM ION'            ?                         'Mg 2'              24.305  
PHE 'L-peptide linking' y PHENYLALANINE              ?                         'C9 H11 N O2'       165.189 
PRO 'L-peptide linking' y PROLINE                    ?                         'C5 H9 N O2'        115.130 
RBF non-polymer         . RIBOFLAVIN                 'RIBOFLAVINE; VITAMIN B2' 'C17 H20 N4 O6'     376.364 
SER 'L-peptide linking' y SERINE                     ?                         'C3 H7 N O3'        105.093 
THR 'L-peptide linking' y THREONINE                  ?                         'C4 H9 N O3'        119.119 
TRP 'L-peptide linking' y TRYPTOPHAN                 ?                         'C11 H12 N2 O2'     204.225 
TYR 'L-peptide linking' y TYROSINE                   ?                         'C9 H11 N O3'       181.189 
VAL 'L-peptide linking' y VALINE                     ?                         'C5 H11 N O2'       117.146 
# 
_exptl.entry_id          1NB9 
_exptl.method            'X-RAY DIFFRACTION' 
_exptl.crystals_number   1 
# 
_exptl_crystal.id                    1 
_exptl_crystal.density_meas          ? 
_exptl_crystal.density_Matthews      2.01 
_exptl_crystal.density_percent_sol   38.18 
_exptl_crystal.description           ? 
# 
_exptl_crystal_grow.crystal_id      1 
_exptl_crystal_grow.method          'VAPOR DIFFUSION, HANGING DROP' 
_exptl_crystal_grow.temp            293 
_exptl_crystal_grow.temp_details    ? 
_exptl_crystal_grow.pH              6.5 
_exptl_crystal_grow.pdbx_details    'Na cadodalyte, Mg acetate, PEG 8000, pH 6.5, VAPOR DIFFUSION, HANGING DROP, temperature 293K' 
_exptl_crystal_grow.pdbx_pH_range   . 
# 
_diffrn.id                     1 
_diffrn.ambient_temp           100 
_diffrn.ambient_temp_details   ? 
_diffrn.crystal_id             1 
# 
_diffrn_detector.diffrn_id              1 
_diffrn_detector.detector               'IMAGE PLATE' 
_diffrn_detector.type                   'RIGAKU RAXIS IV' 
_diffrn_detector.pdbx_collection_date   2002-09-05 
_diffrn_detector.details                'OSMIC MIRROR' 
# 
_diffrn_radiation.diffrn_id                        1 
_diffrn_radiation.wavelength_id                    1 
_diffrn_radiation.pdbx_monochromatic_or_laue_m_l   M 
_diffrn_radiation.monochromator                    MIRRORS 
_diffrn_radiation.pdbx_diffrn_protocol             'SINGLE WAVELENGTH' 
_diffrn_radiation.pdbx_scattering_type             x-ray 
# 
_diffrn_radiation_wavelength.id           1 
_diffrn_radiation_wavelength.wavelength   1.5418 
_diffrn_radiation_wavelength.wt           1.0 
# 
_diffrn_source.diffrn_id                   1 
_diffrn_source.source                      'ROTATING ANODE' 
_diffrn_source.type                        'RIGAKU RUH3R' 
_diffrn_source.pdbx_synchrotron_site       ? 
_diffrn_source.pdbx_synchrotron_beamline   ? 
_diffrn_source.pdbx_wavelength             ? 
_diffrn_source.pdbx_wavelength_list        1.5418 
# 
_reflns.entry_id                     1NB9 
_reflns.observed_criterion_sigma_I   -3.0 
_reflns.observed_criterion_sigma_F   1.0 
_reflns.d_resolution_low             50.0 
_reflns.d_resolution_high            1.7 
_reflns.number_obs                   17163 
_reflns.number_all                   ? 
_reflns.percent_possible_obs         97.5 
_reflns.pdbx_Rmerge_I_obs            ? 
_reflns.pdbx_Rsym_value              0.03 
_reflns.pdbx_netI_over_sigmaI        42.2 
_reflns.B_iso_Wilson_estimate        26.838 
_reflns.pdbx_redundancy              7.2 
_reflns.R_free_details               ? 
_reflns.limit_h_max                  ? 
_reflns.limit_h_min                  ? 
_reflns.limit_k_max                  ? 
_reflns.limit_k_min                  ? 
_reflns.limit_l_max                  ? 
_reflns.limit_l_min                  ? 
_reflns.observed_criterion_F_max     ? 
_reflns.observed_criterion_F_min     ? 
_reflns.pdbx_ordinal                 1 
_reflns.pdbx_diffrn_id               1 
# 
_reflns_shell.d_res_high             1.70 
_reflns_shell.d_res_low              1.76 
_reflns_shell.percent_possible_all   90.3 
_reflns_shell.Rmerge_I_obs           ? 
_reflns_shell.pdbx_Rsym_value        0.263 
_reflns_shell.meanI_over_sigI_obs    5.1 
_reflns_shell.pdbx_redundancy        3.4 
_reflns_shell.percent_possible_obs   ? 
_reflns_shell.number_unique_all      1557 
_reflns_shell.pdbx_ordinal           1 
_reflns_shell.pdbx_diffrn_id         1 
# 
_refine.entry_id                                 1NB9 
_refine.ls_number_reflns_obs                     16284 
_refine.ls_number_reflns_all                     17150 
_refine.pdbx_ls_sigma_I                          ? 
_refine.pdbx_ls_sigma_F                          0.0 
_refine.pdbx_data_cutoff_high_absF               ? 
_refine.pdbx_data_cutoff_low_absF                ? 
_refine.ls_d_res_low                             49.39 
_refine.ls_d_res_high                            1.70 
_refine.ls_percent_reflns_obs                    97.64 
_refine.ls_R_factor_obs                          0.18476 
_refine.ls_R_factor_all                          ? 
_refine.ls_R_factor_R_work                       0.18362 
_refine.ls_R_factor_R_free                       0.20573 
_refine.ls_R_factor_R_free_error                 ? 
_refine.ls_R_factor_R_free_error_details         ? 
_refine.ls_percent_reflns_R_free                 5.0 
_refine.ls_number_reflns_R_free                  866 
_refine.ls_number_parameters                     ? 
_refine.ls_number_restraints                     ? 
_refine.occupancy_min                            ? 
_refine.occupancy_max                            ? 
_refine.correlation_coeff_Fo_to_Fc               0.961 
_refine.correlation_coeff_Fo_to_Fc_free          0.959 
_refine.B_iso_mean                               20.827 
_refine.aniso_B[1][1]                            0.29 
_refine.aniso_B[2][2]                            0.29 
_refine.aniso_B[3][3]                            -0.44 
_refine.aniso_B[1][2]                            0.15 
_refine.aniso_B[1][3]                            0.00 
_refine.aniso_B[2][3]                            0.00 
_refine.solvent_model_details                    'BABINET MODEL WITH MASK' 
_refine.solvent_model_param_ksol                 ? 
_refine.solvent_model_param_bsol                 ? 
_refine.pdbx_solvent_vdw_probe_radii             1.40 
_refine.pdbx_solvent_ion_probe_radii             0.80 
_refine.pdbx_solvent_shrinkage_radii             0.80 
_refine.pdbx_ls_cross_valid_method               THROUGHOUT 
_refine.details                                  'HYDROGENS HAVE BEEN ADDED IN THE RIDING POSITIONS' 
_refine.pdbx_starting_model                      'PDB ENTRY 1NB0' 
_refine.pdbx_method_to_determine_struct          'MOLECULAR REPLACEMENT' 
_refine.pdbx_isotropic_thermal_model             ISOTROPIC 
_refine.pdbx_stereochemistry_target_values       'MAXIMUM LIKELIHOOD' 
_refine.pdbx_stereochem_target_val_spec_case     ? 
_refine.pdbx_R_Free_selection_details            RANDOM 
_refine.pdbx_overall_ESU_R_Free                  0.104 
_refine.overall_SU_B                             2.024 
_refine.ls_redundancy_reflns_obs                 ? 
_refine.B_iso_min                                ? 
_refine.B_iso_max                                ? 
_refine.overall_SU_R_Cruickshank_DPI             ? 
_refine.overall_SU_R_free                        ? 
_refine.pdbx_overall_ESU_R                       0.114 
_refine.overall_SU_ML                            0.068 
_refine.pdbx_data_cutoff_high_rms_absF           ? 
_refine.pdbx_refine_id                           'X-RAY DIFFRACTION' 
_refine.pdbx_TLS_residual_ADP_flag               'LIKELY RESIDUAL' 
_refine.pdbx_diffrn_id                           1 
_refine.pdbx_overall_phase_error                 ? 
_refine.pdbx_overall_SU_R_free_Cruickshank_DPI   ? 
_refine.pdbx_overall_SU_R_Blow_DPI               ? 
_refine.pdbx_overall_SU_R_free_Blow_DPI          ? 
# 
_refine_hist.pdbx_refine_id                   'X-RAY DIFFRACTION' 
_refine_hist.cycle_id                         LAST 
_refine_hist.pdbx_number_atoms_protein        1177 
_refine_hist.pdbx_number_atoms_nucleic_acid   0 
_refine_hist.pdbx_number_atoms_ligand         55 
_refine_hist.number_atoms_solvent             118 
_refine_hist.number_atoms_total               1350 
_refine_hist.d_res_high                       1.70 
_refine_hist.d_res_low                        49.39 
# 
loop_
_refine_ls_restr.type 
_refine_ls_restr.dev_ideal 
_refine_ls_restr.dev_ideal_target 
_refine_ls_restr.weight 
_refine_ls_restr.number 
_refine_ls_restr.pdbx_refine_id 
_refine_ls_restr.pdbx_restraint_function 
r_bond_refined_d         0.016 0.022 ? 1291 'X-RAY DIFFRACTION' ? 
r_angle_refined_deg      1.725 2.003 ? 1751 'X-RAY DIFFRACTION' ? 
r_dihedral_angle_1_deg   6.097 5.000 ? 146  'X-RAY DIFFRACTION' ? 
r_chiral_restr           0.117 0.200 ? 183  'X-RAY DIFFRACTION' ? 
r_gen_planes_refined     0.009 0.020 ? 964  'X-RAY DIFFRACTION' ? 
r_nbd_refined            0.214 0.200 ? 544  'X-RAY DIFFRACTION' ? 
r_xyhbond_nbd_refined    0.153 0.200 ? 113  'X-RAY DIFFRACTION' ? 
r_symmetry_vdw_refined   0.195 0.200 ? 47   'X-RAY DIFFRACTION' ? 
r_symmetry_hbond_refined 0.168 0.200 ? 12   'X-RAY DIFFRACTION' ? 
r_mcbond_it              1.002 1.500 ? 732  'X-RAY DIFFRACTION' ? 
r_mcangle_it             1.799 2.000 ? 1188 'X-RAY DIFFRACTION' ? 
r_scbond_it              2.536 3.000 ? 559  'X-RAY DIFFRACTION' ? 
r_scangle_it             4.104 4.500 ? 563  'X-RAY DIFFRACTION' ? 
# 
_refine_ls_shell.pdbx_total_number_of_bins_used   20 
_refine_ls_shell.d_res_high                       1.700 
_refine_ls_shell.d_res_low                        1.744 
_refine_ls_shell.number_reflns_R_work             1067 
_refine_ls_shell.R_factor_R_work                  0.301 
_refine_ls_shell.percent_reflns_obs               ? 
_refine_ls_shell.R_factor_R_free                  0.319 
_refine_ls_shell.R_factor_R_free_error            ? 
_refine_ls_shell.percent_reflns_R_free            ? 
_refine_ls_shell.number_reflns_R_free             59 
_refine_ls_shell.number_reflns_obs                1067 
_refine_ls_shell.redundancy_reflns_obs            ? 
_refine_ls_shell.number_reflns_all                ? 
_refine_ls_shell.pdbx_refine_id                   'X-RAY DIFFRACTION' 
_refine_ls_shell.R_factor_all                     ? 
# 
_struct.entry_id                  1NB9 
_struct.title                     'Crystal Structure of Riboflavin Kinase' 
_struct.pdbx_model_details        ? 
_struct.pdbx_CASP_flag            ? 
_struct.pdbx_model_type_details   ? 
# 
_struct_keywords.entry_id        1NB9 
_struct_keywords.pdbx_keywords   TRANSFERASE 
_struct_keywords.text            'TRANSFERASE, BETA BARREL, RIBOFLAVIN, RIBOFLAVIN KINASE' 
# 
loop_
_struct_asym.id 
_struct_asym.pdbx_blank_PDB_chainid_flag 
_struct_asym.pdbx_modified 
_struct_asym.entity_id 
_struct_asym.details 
A N N 1 ? 
B N N 2 ? 
C N N 3 ? 
D N N 4 ? 
E N N 5 ? 
# 
_struct_biol.id   1 
# 
loop_
_struct_conf.conf_type_id 
_struct_conf.id 
_struct_conf.pdbx_PDB_helix_id 
_struct_conf.beg_label_comp_id 
_struct_conf.beg_label_asym_id 
_struct_conf.beg_label_seq_id 
_struct_conf.pdbx_beg_PDB_ins_code 
_struct_conf.end_label_comp_id 
_struct_conf.end_label_asym_id 
_struct_conf.end_label_seq_id 
_struct_conf.pdbx_end_PDB_ins_code 
_struct_conf.beg_auth_comp_id 
_struct_conf.beg_auth_asym_id 
_struct_conf.beg_auth_seq_id 
_struct_conf.end_auth_comp_id 
_struct_conf.end_auth_asym_id 
_struct_conf.end_auth_seq_id 
_struct_conf.pdbx_PDB_helix_class 
_struct_conf.details 
_struct_conf.pdbx_PDB_helix_length 
HELX_P HELX_P1 1 GLY A 18  ? GLY A 23  ? GLY A 26  GLY A 31  5 ? 6  
HELX_P HELX_P2 2 PRO A 30  ? ASN A 36  ? PRO A 38  ASN A 44  1 ? 7  
HELX_P HELX_P3 3 SER A 110 ? LEU A 129 ? SER A 118 LEU A 137 1 ? 20 
HELX_P HELX_P4 4 LEU A 131 ? LYS A 136 ? LEU A 139 LYS A 144 1 ? 6  
HELX_P HELX_P5 5 ILE A 137 ? GLU A 139 ? ILE A 145 GLU A 147 5 ? 3  
HELX_P HELX_P6 6 ASP A 140 ? VAL A 145 ? ASP A 148 VAL A 153 1 ? 6  
# 
_struct_conf_type.id          HELX_P 
_struct_conf_type.criteria    ? 
_struct_conf_type.reference   ? 
# 
loop_
_struct_conn.id 
_struct_conn.conn_type_id 
_struct_conn.pdbx_leaving_atom_flag 
_struct_conn.pdbx_PDB_id 
_struct_conn.ptnr1_label_asym_id 
_struct_conn.ptnr1_label_comp_id 
_struct_conn.ptnr1_label_seq_id 
_struct_conn.ptnr1_label_atom_id 
_struct_conn.pdbx_ptnr1_label_alt_id 
_struct_conn.pdbx_ptnr1_PDB_ins_code 
_struct_conn.pdbx_ptnr1_standard_comp_id 
_struct_conn.ptnr1_symmetry 
_struct_conn.ptnr2_label_asym_id 
_struct_conn.ptnr2_label_comp_id 
_struct_conn.ptnr2_label_seq_id 
_struct_conn.ptnr2_label_atom_id 
_struct_conn.pdbx_ptnr2_label_alt_id 
_struct_conn.pdbx_ptnr2_PDB_ins_code 
_struct_conn.ptnr1_auth_asym_id 
_struct_conn.ptnr1_auth_comp_id 
_struct_conn.ptnr1_auth_seq_id 
_struct_conn.ptnr2_auth_asym_id 
_struct_conn.ptnr2_auth_comp_id 
_struct_conn.ptnr2_auth_seq_id 
_struct_conn.ptnr2_symmetry 
_struct_conn.pdbx_ptnr3_label_atom_id 
_struct_conn.pdbx_ptnr3_label_seq_id 
_struct_conn.pdbx_ptnr3_label_comp_id 
_struct_conn.pdbx_ptnr3_label_asym_id 
_struct_conn.pdbx_ptnr3_label_alt_id 
_struct_conn.pdbx_ptnr3_PDB_ins_code 
_struct_conn.details 
_struct_conn.pdbx_dist_value 
_struct_conn.pdbx_value_order 
_struct_conn.pdbx_role 
metalc1 metalc ? ? A THR 26 O   ? ? ? 1_555 B MG  . MG  ? ? A THR 34  A MG  201 1_555 ? ? ? ? ? ? ? 2.160 ? ? 
metalc2 metalc ? ? A THR 26 OG1 ? ? ? 1_555 B MG  . MG  ? ? A THR 34  A MG  201 1_555 ? ? ? ? ? ? ? 2.155 ? ? 
metalc3 metalc ? ? B MG  .  MG  ? ? ? 1_555 C ADP . O1B ? ? A MG  201 A ADP 301 1_555 ? ? ? ? ? ? ? 2.055 ? ? 
metalc4 metalc ? ? B MG  .  MG  ? ? ? 1_555 C ADP . O2A ? ? A MG  201 A ADP 301 1_555 ? ? ? ? ? ? ? 2.003 ? ? 
metalc5 metalc ? ? B MG  .  MG  ? ? ? 1_555 E HOH . O   ? ? A MG  201 A HOH 502 1_555 ? ? ? ? ? ? ? 2.111 ? ? 
metalc6 metalc ? ? B MG  .  MG  ? ? ? 1_555 E HOH . O   ? ? A MG  201 A HOH 568 1_555 ? ? ? ? ? ? ? 2.079 ? ? 
# 
_struct_conn_type.id          metalc 
_struct_conn_type.criteria    ? 
_struct_conn_type.reference   ? 
# 
_struct_mon_prot_cis.pdbx_id                1 
_struct_mon_prot_cis.label_comp_id          LEU 
_struct_mon_prot_cis.label_seq_id           3 
_struct_mon_prot_cis.label_asym_id          A 
_struct_mon_prot_cis.label_alt_id           . 
_struct_mon_prot_cis.pdbx_PDB_ins_code      ? 
_struct_mon_prot_cis.auth_comp_id           LEU 
_struct_mon_prot_cis.auth_seq_id            11 
_struct_mon_prot_cis.auth_asym_id           A 
_struct_mon_prot_cis.pdbx_label_comp_id_2   PRO 
_struct_mon_prot_cis.pdbx_label_seq_id_2    4 
_struct_mon_prot_cis.pdbx_label_asym_id_2   A 
_struct_mon_prot_cis.pdbx_PDB_ins_code_2    ? 
_struct_mon_prot_cis.pdbx_auth_comp_id_2    PRO 
_struct_mon_prot_cis.pdbx_auth_seq_id_2     12 
_struct_mon_prot_cis.pdbx_auth_asym_id_2    A 
_struct_mon_prot_cis.pdbx_PDB_model_num     1 
_struct_mon_prot_cis.pdbx_omega_angle       -0.38 
# 
_struct_sheet.id               A 
_struct_sheet.type             ? 
_struct_sheet.number_strands   6 
_struct_sheet.details          ? 
# 
loop_
_struct_sheet_order.sheet_id 
_struct_sheet_order.range_id_1 
_struct_sheet_order.range_id_2 
_struct_sheet_order.offset 
_struct_sheet_order.sense 
A 1 2 ? anti-parallel 
A 2 3 ? anti-parallel 
A 3 4 ? anti-parallel 
A 4 5 ? anti-parallel 
A 5 6 ? anti-parallel 
# 
loop_
_struct_sheet_range.sheet_id 
_struct_sheet_range.id 
_struct_sheet_range.beg_label_comp_id 
_struct_sheet_range.beg_label_asym_id 
_struct_sheet_range.beg_label_seq_id 
_struct_sheet_range.pdbx_beg_PDB_ins_code 
_struct_sheet_range.end_label_comp_id 
_struct_sheet_range.end_label_asym_id 
_struct_sheet_range.end_label_seq_id 
_struct_sheet_range.pdbx_end_PDB_ins_code 
_struct_sheet_range.beg_auth_comp_id 
_struct_sheet_range.beg_auth_asym_id 
_struct_sheet_range.beg_auth_seq_id 
_struct_sheet_range.end_auth_comp_id 
_struct_sheet_range.end_auth_asym_id 
_struct_sheet_range.end_auth_seq_id 
A 1 TYR A 5  ? GLN A 10  ? TYR A 13  GLN A 18  
A 2 ILE A 93 ? ARG A 103 ? ILE A 101 ARG A 111 
A 3 GLY A 44 ? VAL A 52  ? GLY A 52  VAL A 60  
A 4 HIS A 58 ? TRP A 66  ? HIS A 66  TRP A 74  
A 5 LYS A 75 ? ILE A 81  ? LYS A 83  ILE A 89  
A 6 ALA A 27 ? ASN A 28  ? ALA A 35  ASN A 36  
# 
loop_
_pdbx_struct_sheet_hbond.sheet_id 
_pdbx_struct_sheet_hbond.range_id_1 
_pdbx_struct_sheet_hbond.range_id_2 
_pdbx_struct_sheet_hbond.range_1_label_atom_id 
_pdbx_struct_sheet_hbond.range_1_label_comp_id 
_pdbx_struct_sheet_hbond.range_1_label_asym_id 
_pdbx_struct_sheet_hbond.range_1_label_seq_id 
_pdbx_struct_sheet_hbond.range_1_PDB_ins_code 
_pdbx_struct_sheet_hbond.range_1_auth_atom_id 
_pdbx_struct_sheet_hbond.range_1_auth_comp_id 
_pdbx_struct_sheet_hbond.range_1_auth_asym_id 
_pdbx_struct_sheet_hbond.range_1_auth_seq_id 
_pdbx_struct_sheet_hbond.range_2_label_atom_id 
_pdbx_struct_sheet_hbond.range_2_label_comp_id 
_pdbx_struct_sheet_hbond.range_2_label_asym_id 
_pdbx_struct_sheet_hbond.range_2_label_seq_id 
_pdbx_struct_sheet_hbond.range_2_PDB_ins_code 
_pdbx_struct_sheet_hbond.range_2_auth_atom_id 
_pdbx_struct_sheet_hbond.range_2_auth_comp_id 
_pdbx_struct_sheet_hbond.range_2_auth_asym_id 
_pdbx_struct_sheet_hbond.range_2_auth_seq_id 
A 1 2 N CYS A 7   ? N CYS A 15  O VAL A 96 ? O VAL A 104 
A 2 3 O LEU A 102 ? O LEU A 110 N ILE A 45 ? N ILE A 53  
A 3 4 N GLY A 44  ? N GLY A 52  O ILE A 64 ? O ILE A 72  
A 4 5 N SER A 63  ? N SER A 71  O GLU A 78 ? O GLU A 86  
A 5 6 O THR A 79  ? O THR A 87  N ALA A 27 ? N ALA A 35  
# 
loop_
_struct_site.id 
_struct_site.pdbx_evidence_code 
_struct_site.pdbx_auth_asym_id 
_struct_site.pdbx_auth_comp_id 
_struct_site.pdbx_auth_seq_id 
_struct_site.pdbx_auth_ins_code 
_struct_site.pdbx_num_residues 
_struct_site.details 
AC1 Software A MG  201 ? 4  'BINDING SITE FOR RESIDUE MG A 201'  
AC2 Software A ADP 301 ? 24 'BINDING SITE FOR RESIDUE ADP A 301' 
AC3 Software A RBF 401 ? 11 'BINDING SITE FOR RESIDUE RBF A 401' 
# 
loop_
_struct_site_gen.id 
_struct_site_gen.site_id 
_struct_site_gen.pdbx_num_res 
_struct_site_gen.label_comp_id 
_struct_site_gen.label_asym_id 
_struct_site_gen.label_seq_id 
_struct_site_gen.pdbx_auth_ins_code 
_struct_site_gen.auth_comp_id 
_struct_site_gen.auth_asym_id 
_struct_site_gen.auth_seq_id 
_struct_site_gen.label_atom_id 
_struct_site_gen.label_alt_id 
_struct_site_gen.symmetry 
_struct_site_gen.details 
1  AC1 4  THR A 26  ? THR A 34  . ? 1_555 ? 
2  AC1 4  ADP C .   ? ADP A 301 . ? 1_555 ? 
3  AC1 4  HOH E .   ? HOH A 502 . ? 1_555 ? 
4  AC1 4  HOH E .   ? HOH A 568 . ? 1_555 ? 
5  AC2 24 VAL A 11  ? VAL A 19  . ? 1_555 ? 
6  AC2 24 ARG A 13  ? ARG A 21  . ? 1_555 ? 
7  AC2 24 GLY A 14  ? GLY A 22  . ? 1_555 ? 
8  AC2 24 GLY A 18  ? GLY A 26  . ? 1_555 ? 
9  AC2 24 SER A 19  ? SER A 27  . ? 1_555 ? 
10 AC2 24 LYS A 20  ? LYS A 28  . ? 1_555 ? 
11 AC2 24 PRO A 25  ? PRO A 33  . ? 1_555 ? 
12 AC2 24 THR A 26  ? THR A 34  . ? 1_555 ? 
13 AC2 24 ASN A 28  ? ASN A 36  . ? 1_555 ? 
14 AC2 24 THR A 79  ? THR A 87  . ? 1_555 ? 
15 AC2 24 ILE A 81  ? ILE A 89  . ? 1_555 ? 
16 AC2 24 HIS A 83  ? HIS A 91  . ? 1_555 ? 
17 AC2 24 PHE A 85  ? PHE A 93  . ? 1_555 ? 
18 AC2 24 ASP A 88  ? ASP A 96  . ? 1_555 ? 
19 AC2 24 PHE A 89  ? PHE A 97  . ? 1_555 ? 
20 AC2 24 TYR A 90  ? TYR A 98  . ? 1_555 ? 
21 AC2 24 MG  B .   ? MG  A 201 . ? 1_555 ? 
22 AC2 24 HOH E .   ? HOH A 501 . ? 1_555 ? 
23 AC2 24 HOH E .   ? HOH A 502 . ? 1_555 ? 
24 AC2 24 HOH E .   ? HOH A 508 . ? 1_555 ? 
25 AC2 24 HOH E .   ? HOH A 509 . ? 1_555 ? 
26 AC2 24 HOH E .   ? HOH A 518 . ? 1_555 ? 
27 AC2 24 HOH E .   ? HOH A 523 . ? 3_564 ? 
28 AC2 24 HOH E .   ? HOH A 568 . ? 1_555 ? 
29 AC3 11 THR A 26  ? THR A 34  . ? 1_555 ? 
30 AC3 11 ILE A 45  ? ILE A 53  . ? 1_555 ? 
31 AC3 11 VAL A 61  ? VAL A 69  . ? 1_555 ? 
32 AC3 11 GLU A 78  ? GLU A 86  . ? 1_555 ? 
33 AC3 11 ARG A 103 ? ARG A 111 . ? 1_555 ? 
34 AC3 11 LYS A 106 ? LYS A 114 . ? 1_555 ? 
35 AC3 11 PHE A 108 ? PHE A 116 . ? 1_555 ? 
36 AC3 11 LEU A 114 ? LEU A 122 . ? 1_555 ? 
37 AC3 11 ASP A 121 ? ASP A 129 . ? 1_555 ? 
38 AC3 11 HOH E .   ? HOH A 548 . ? 1_555 ? 
39 AC3 11 HOH E .   ? HOH A 568 . ? 1_555 ? 
# 
_atom_sites.entry_id                    1NB9 
_atom_sites.fract_transf_matrix[1][1]   -0.00088258 
_atom_sites.fract_transf_matrix[1][2]   -0.01857958 
_atom_sites.fract_transf_matrix[1][3]   0.00806395 
_atom_sites.fract_transf_matrix[2][1]   0.00533916 
_atom_sites.fract_transf_matrix[2][2]   -0.01612056 
_atom_sites.fract_transf_matrix[2][3]   -0.01107319 
_atom_sites.fract_transf_matrix[3][1]   0.01143302 
_atom_sites.fract_transf_matrix[3][2]   0.00113338 
_atom_sites.fract_transf_matrix[3][3]   0.00386266 
_atom_sites.fract_transf_vector[1]      0.131759 
_atom_sites.fract_transf_vector[2]      0.486073 
_atom_sites.fract_transf_vector[3]      0.404424 
# 
loop_
_atom_type.symbol 
C  
MG 
N  
O  
P  
S  
# 
loop_
_atom_site.group_PDB 
_atom_site.id 
_atom_site.type_symbol 
_atom_site.label_atom_id 
_atom_site.label_alt_id 
_atom_site.label_comp_id 
_atom_site.label_asym_id 
_atom_site.label_entity_id 
_atom_site.label_seq_id 
_atom_site.pdbx_PDB_ins_code 
_atom_site.Cartn_x 
_atom_site.Cartn_y 
_atom_site.Cartn_z 
_atom_site.occupancy 
_atom_site.B_iso_or_equiv 
_atom_site.pdbx_formal_charge 
_atom_site.auth_seq_id 
_atom_site.auth_comp_id 
_atom_site.auth_asym_id 
_atom_site.auth_atom_id 
_atom_site.pdbx_PDB_model_num 
ATOM   1    N  N     . ARG A 1 1   ? 15.224  5.065   -5.727  1.00 31.35 ? 9   ARG A N     1 
ATOM   2    C  CA    . ARG A 1 1   ? 15.397  6.052   -6.848  1.00 31.24 ? 9   ARG A CA    1 
ATOM   3    C  C     . ARG A 1 1   ? 14.192  6.980   -7.017  1.00 30.91 ? 9   ARG A C     1 
ATOM   4    O  O     . ARG A 1 1   ? 14.325  8.212   -7.044  1.00 31.68 ? 9   ARG A O     1 
ATOM   5    N  N     . HIS A 1 2   ? 13.011  6.393   -7.161  1.00 29.31 ? 10  HIS A N     1 
ATOM   6    C  CA    . HIS A 1 2   ? 11.820  7.201   -7.383  1.00 28.29 ? 10  HIS A CA    1 
ATOM   7    C  C     . HIS A 1 2   ? 10.966  7.273   -6.120  1.00 26.47 ? 10  HIS A C     1 
ATOM   8    O  O     . HIS A 1 2   ? 9.753   7.409   -6.221  1.00 26.91 ? 10  HIS A O     1 
ATOM   9    C  CB    . HIS A 1 2   ? 10.983  6.685   -8.576  1.00 28.54 ? 10  HIS A CB    1 
ATOM   10   C  CG    . HIS A 1 2   ? 11.456  7.185   -9.912  1.00 30.09 ? 10  HIS A CG    1 
ATOM   11   N  ND1   . HIS A 1 2   ? 12.346  6.482   -10.696 1.00 32.18 ? 10  HIS A ND1   1 
ATOM   12   C  CD2   . HIS A 1 2   ? 11.159  8.315   -10.600 1.00 30.59 ? 10  HIS A CD2   1 
ATOM   13   C  CE1   . HIS A 1 2   ? 12.576  7.154   -11.811 1.00 32.22 ? 10  HIS A CE1   1 
ATOM   14   N  NE2   . HIS A 1 2   ? 11.873  8.274   -11.775 1.00 32.96 ? 10  HIS A NE2   1 
ATOM   15   N  N     . LEU A 1 3   ? 11.600  7.175   -4.942  1.00 24.89 ? 11  LEU A N     1 
ATOM   16   C  CA    . LEU A 1 3   ? 10.890  7.454   -3.682  1.00 22.21 ? 11  LEU A CA    1 
ATOM   17   C  C     . LEU A 1 3   ? 11.225  8.852   -3.129  1.00 22.20 ? 11  LEU A C     1 
ATOM   18   O  O     . LEU A 1 3   ? 12.391  9.272   -3.239  1.00 22.08 ? 11  LEU A O     1 
ATOM   19   C  CB    . LEU A 1 3   ? 11.193  6.363   -2.645  1.00 22.72 ? 11  LEU A CB    1 
ATOM   20   C  CG    . LEU A 1 3   ? 10.854  4.928   -3.071  1.00 22.07 ? 11  LEU A CG    1 
ATOM   21   C  CD1   . LEU A 1 3   ? 11.007  4.013   -1.856  1.00 24.62 ? 11  LEU A CD1   1 
ATOM   22   C  CD2   . LEU A 1 3   ? 9.438   4.767   -3.685  1.00 22.63 ? 11  LEU A CD2   1 
ATOM   23   N  N     . PRO A 1 4   ? 10.249  9.574   -2.544  1.00 20.04 ? 12  PRO A N     1 
ATOM   24   C  CA    . PRO A 1 4   ? 8.854   9.129   -2.393  1.00 18.26 ? 12  PRO A CA    1 
ATOM   25   C  C     . PRO A 1 4   ? 8.049   9.182   -3.671  1.00 17.03 ? 12  PRO A C     1 
ATOM   26   O  O     . PRO A 1 4   ? 8.211   10.107  -4.506  1.00 16.39 ? 12  PRO A O     1 
ATOM   27   C  CB    . PRO A 1 4   ? 8.263   10.152  -1.402  1.00 19.02 ? 12  PRO A CB    1 
ATOM   28   C  CG    . PRO A 1 4   ? 9.062   11.362  -1.607  1.00 19.94 ? 12  PRO A CG    1 
ATOM   29   C  CD    . PRO A 1 4   ? 10.465  10.890  -1.912  1.00 20.63 ? 12  PRO A CD    1 
ATOM   30   N  N     . TYR A 1 5   ? 7.155   8.207   -3.810  1.00 14.80 ? 13  TYR A N     1 
ATOM   31   C  CA    . TYR A 1 5   ? 6.316   8.116   -4.982  1.00 15.10 ? 13  TYR A CA    1 
ATOM   32   C  C     . TYR A 1 5   ? 4.881   8.415   -4.587  1.00 14.61 ? 13  TYR A C     1 
ATOM   33   O  O     . TYR A 1 5   ? 4.346   7.772   -3.697  1.00 14.66 ? 13  TYR A O     1 
ATOM   34   C  CB    . TYR A 1 5   ? 6.371   6.690   -5.542  1.00 15.28 ? 13  TYR A CB    1 
ATOM   35   C  CG    . TYR A 1 5   ? 5.603   6.606   -6.832  1.00 18.44 ? 13  TYR A CG    1 
ATOM   36   C  CD1   . TYR A 1 5   ? 6.142   7.146   -7.989  1.00 20.91 ? 13  TYR A CD1   1 
ATOM   37   C  CD2   . TYR A 1 5   ? 4.333   5.999   -6.899  1.00 19.82 ? 13  TYR A CD2   1 
ATOM   38   C  CE1   . TYR A 1 5   ? 5.434   7.110   -9.201  1.00 23.73 ? 13  TYR A CE1   1 
ATOM   39   C  CE2   . TYR A 1 5   ? 3.619   5.962   -8.116  1.00 21.97 ? 13  TYR A CE2   1 
ATOM   40   C  CZ    . TYR A 1 5   ? 4.189   6.514   -9.251  1.00 25.82 ? 13  TYR A CZ    1 
ATOM   41   O  OH    . TYR A 1 5   ? 3.543   6.500   -10.464 1.00 25.33 ? 13  TYR A OH    1 
ATOM   42   N  N     . PHE A 1 6   ? 4.247   9.345   -5.286  1.00 14.67 ? 14  PHE A N     1 
ATOM   43   C  CA    . PHE A 1 6   ? 2.905   9.786   -4.939  1.00 14.55 ? 14  PHE A CA    1 
ATOM   44   C  C     . PHE A 1 6   ? 1.927   9.356   -6.026  1.00 14.32 ? 14  PHE A C     1 
ATOM   45   O  O     . PHE A 1 6   ? 2.176   9.546   -7.229  1.00 14.68 ? 14  PHE A O     1 
ATOM   46   C  CB    . PHE A 1 6   ? 2.870   11.317  -4.845  1.00 14.31 ? 14  PHE A CB    1 
ATOM   47   C  CG    . PHE A 1 6   ? 3.731   11.882  -3.759  1.00 13.64 ? 14  PHE A CG    1 
ATOM   48   C  CD1   . PHE A 1 6   ? 3.247   11.985  -2.447  1.00 16.14 ? 14  PHE A CD1   1 
ATOM   49   C  CD2   . PHE A 1 6   ? 5.036   12.281  -4.028  1.00 15.85 ? 14  PHE A CD2   1 
ATOM   50   C  CE1   . PHE A 1 6   ? 4.018   12.492  -1.417  1.00 15.54 ? 14  PHE A CE1   1 
ATOM   51   C  CE2   . PHE A 1 6   ? 5.836   12.787  -3.007  1.00 17.49 ? 14  PHE A CE2   1 
ATOM   52   C  CZ    . PHE A 1 6   ? 5.348   12.900  -1.694  1.00 17.53 ? 14  PHE A CZ    1 
ATOM   53   N  N     . CYS A 1 7   ? 0.841   8.751   -5.610  1.00 14.96 ? 15  CYS A N     1 
ATOM   54   C  CA    . CYS A 1 7   ? -0.205  8.353   -6.558  1.00 14.90 ? 15  CYS A CA    1 
ATOM   55   C  C     . CYS A 1 7   ? -1.597  8.341   -5.948  1.00 15.31 ? 15  CYS A C     1 
ATOM   56   O  O     . CYS A 1 7   ? -1.746  8.318   -4.739  1.00 14.12 ? 15  CYS A O     1 
ATOM   57   C  CB    . CYS A 1 7   ? 0.180   7.062   -7.274  1.00 16.34 ? 15  CYS A CB    1 
ATOM   58   S  SG    . CYS A 1 7   ? 0.263   5.663   -6.181  1.00 19.33 ? 15  CYS A SG    1 
ATOM   59   N  N     . ARG A 1 8   ? -2.627  8.440   -6.793  1.00 14.23 ? 16  ARG A N     1 
ATOM   60   C  CA    . ARG A 1 8   ? -4.001  8.437   -6.298  1.00 15.32 ? 16  ARG A CA    1 
ATOM   61   C  C     . ARG A 1 8   ? -4.867  7.589   -7.210  1.00 17.05 ? 16  ARG A C     1 
ATOM   62   O  O     . ARG A 1 8   ? -4.700  7.607   -8.403  1.00 18.53 ? 16  ARG A O     1 
ATOM   63   C  CB    . ARG A 1 8   ? -4.592  9.849   -6.309  1.00 14.94 ? 16  ARG A CB    1 
ATOM   64   C  CG    . ARG A 1 8   ? -3.733  10.976  -5.776  1.00 15.67 ? 16  ARG A CG    1 
ATOM   65   C  CD    . ARG A 1 8   ? -4.467  12.273  -5.927  1.00 15.12 ? 16  ARG A CD    1 
ATOM   66   N  NE    . ARG A 1 8   ? -3.611  13.434  -5.690  1.00 13.14 ? 16  ARG A NE    1 
ATOM   67   C  CZ    . ARG A 1 8   ? -3.549  14.081  -4.535  1.00 15.63 ? 16  ARG A CZ    1 
ATOM   68   N  NH1   . ARG A 1 8   ? -4.253  13.643  -3.486  1.00 17.19 ? 16  ARG A NH1   1 
ATOM   69   N  NH2   . ARG A 1 8   ? -2.769  15.153  -4.405  1.00 17.79 ? 16  ARG A NH2   1 
ATOM   70   N  N     . GLY A 1 9   ? -5.816  6.858   -6.661  1.00 17.45 ? 17  GLY A N     1 
ATOM   71   C  CA    . GLY A 1 9   ? -6.631  6.030   -7.548  1.00 18.29 ? 17  GLY A CA    1 
ATOM   72   C  C     . GLY A 1 9   ? -7.919  5.629   -6.868  1.00 17.98 ? 17  GLY A C     1 
ATOM   73   O  O     . GLY A 1 9   ? -8.000  5.621   -5.630  1.00 18.64 ? 17  GLY A O     1 
ATOM   74   N  N     . GLN A 1 10  ? -8.915  5.273   -7.681  1.00 16.86 ? 18  GLN A N     1 
ATOM   75   C  CA    . GLN A 1 10  ? -10.197 4.783   -7.168  1.00 16.26 ? 18  GLN A CA    1 
ATOM   76   C  C     . GLN A 1 10  ? -9.960  3.416   -6.493  1.00 15.42 ? 18  GLN A C     1 
ATOM   77   O  O     . GLN A 1 10  ? -9.177  2.615   -6.999  1.00 15.70 ? 18  GLN A O     1 
ATOM   78   C  CB    . GLN A 1 10  ? -11.254 4.731   -8.324  1.00 17.51 ? 18  GLN A CB    1 
ATOM   79   C  CG    . GLN A 1 10  ? -11.614 6.241   -8.790  1.00 19.57 ? 18  GLN A CG    1 
ATOM   80   C  CD    . GLN A 1 10  ? -12.902 6.537   -9.672  1.00 28.94 ? 18  GLN A CD    1 
ATOM   81   O  OE1   . GLN A 1 10  ? -13.219 5.793   -10.588 1.00 26.91 ? 18  GLN A OE1   1 
ATOM   82   N  NE2   . GLN A 1 10  ? -13.546 7.732   -9.441  1.00 24.92 ? 18  GLN A NE2   1 
ATOM   83   N  N     . VAL A 1 11  ? -10.598 3.180   -5.334  1.00 14.31 ? 19  VAL A N     1 
ATOM   84   C  CA    . VAL A 1 11  ? -10.443 1.882   -4.653  1.00 14.31 ? 19  VAL A CA    1 
ATOM   85   C  C     . VAL A 1 11  ? -11.387 0.853   -5.293  1.00 13.98 ? 19  VAL A C     1 
ATOM   86   O  O     . VAL A 1 11  ? -12.610 1.060   -5.346  1.00 14.24 ? 19  VAL A O     1 
ATOM   87   C  CB    . VAL A 1 11  ? -10.682 2.044   -3.142  1.00 13.51 ? 19  VAL A CB    1 
ATOM   88   C  CG1   . VAL A 1 11  ? -10.703 0.646   -2.426  1.00 14.55 ? 19  VAL A CG1   1 
ATOM   89   C  CG2   . VAL A 1 11  ? -9.588  2.985   -2.559  1.00 12.93 ? 19  VAL A CG2   1 
ATOM   90   N  N     . VAL A 1 12  ? -10.814 -0.242  -5.796  1.00 13.19 ? 20  VAL A N     1 
ATOM   91   C  CA    . VAL A 1 12  ? -11.584 -1.210  -6.578  1.00 13.31 ? 20  VAL A CA    1 
ATOM   92   C  C     . VAL A 1 12  ? -11.432 -2.608  -5.990  1.00 12.91 ? 20  VAL A C     1 
ATOM   93   O  O     . VAL A 1 12  ? -10.474 -2.899  -5.267  1.00 12.43 ? 20  VAL A O     1 
ATOM   94   C  CB    . VAL A 1 12  ? -11.172 -1.215  -8.061  1.00 12.81 ? 20  VAL A CB    1 
ATOM   95   C  CG1   . VAL A 1 12  ? -11.410 0.151   -8.654  1.00 15.60 ? 20  VAL A CG1   1 
ATOM   96   C  CG2   . VAL A 1 12  ? -9.717  -1.610  -8.273  1.00 14.42 ? 20  VAL A CG2   1 
ATOM   97   N  N     . ARG A 1 13  ? -12.412 -3.465  -6.283  1.00 12.93 ? 21  ARG A N     1 
ATOM   98   C  CA    . ARG A 1 13  ? -12.396 -4.816  -5.726  1.00 13.52 ? 21  ARG A CA    1 
ATOM   99   C  C     . ARG A 1 13  ? -11.377 -5.665  -6.425  1.00 13.45 ? 21  ARG A C     1 
ATOM   100  O  O     . ARG A 1 13  ? -11.099 -5.445  -7.629  1.00 14.91 ? 21  ARG A O     1 
ATOM   101  C  CB    . ARG A 1 13  ? -13.788 -5.457  -5.898  1.00 14.62 ? 21  ARG A CB    1 
ATOM   102  C  CG    . ARG A 1 13  ? -14.597 -5.369  -4.627  1.00 18.14 ? 21  ARG A CG    1 
ATOM   103  C  CD    A ARG A 1 13  ? -16.098 -5.686  -4.807  0.50 21.25 ? 21  ARG A CD    1 
ATOM   104  C  CD    B ARG A 1 13  ? -15.962 -6.094  -4.634  0.50 17.80 ? 21  ARG A CD    1 
ATOM   105  N  NE    A ARG A 1 13  ? -16.728 -4.501  -5.351  0.50 23.42 ? 21  ARG A NE    1 
ATOM   106  N  NE    B ARG A 1 13  ? -16.926 -5.298  -3.874  0.50 15.71 ? 21  ARG A NE    1 
ATOM   107  C  CZ    A ARG A 1 13  ? -17.552 -3.679  -4.708  0.50 21.43 ? 21  ARG A CZ    1 
ATOM   108  C  CZ    B ARG A 1 13  ? -17.175 -5.457  -2.586  0.50 18.53 ? 21  ARG A CZ    1 
ATOM   109  N  NH1   A ARG A 1 13  ? -17.919 -3.888  -3.452  0.50 18.99 ? 21  ARG A NH1   1 
ATOM   110  N  NH1   B ARG A 1 13  ? -16.593 -6.439  -1.896  0.50 21.66 ? 21  ARG A NH1   1 
ATOM   111  N  NH2   A ARG A 1 13  ? -17.991 -2.616  -5.349  0.50 23.07 ? 21  ARG A NH2   1 
ATOM   112  N  NH2   B ARG A 1 13  ? -18.065 -4.666  -1.992  0.50 22.08 ? 21  ARG A NH2   1 
ATOM   113  N  N     . GLY A 1 14  ? -10.920 -6.696  -5.713  1.00 12.70 ? 22  GLY A N     1 
ATOM   114  C  CA    . GLY A 1 14  ? -9.978  -7.657  -6.257  1.00 13.38 ? 22  GLY A CA    1 
ATOM   115  C  C     . GLY A 1 14  ? -10.589 -9.047  -6.364  1.00 12.30 ? 22  GLY A C     1 
ATOM   116  O  O     . GLY A 1 14  ? -11.790 -9.234  -6.231  1.00 12.61 ? 22  GLY A O     1 
ATOM   117  N  N     . PHE A 1 15  ? -9.729  -10.027 -6.561  1.00 12.63 ? 23  PHE A N     1 
ATOM   118  C  CA    . PHE A 1 15  ? -10.180 -11.381 -6.888  1.00 13.87 ? 23  PHE A CA    1 
ATOM   119  C  C     . PHE A 1 15  ? -9.651  -12.375 -5.853  1.00 14.86 ? 23  PHE A C     1 
ATOM   120  O  O     . PHE A 1 15  ? -9.006  -11.981 -4.869  1.00 17.10 ? 23  PHE A O     1 
ATOM   121  C  CB    . PHE A 1 15  ? -9.841  -11.681 -8.362  1.00 12.67 ? 23  PHE A CB    1 
ATOM   122  C  CG    . PHE A 1 15  ? -10.468 -10.672 -9.265  1.00 12.26 ? 23  PHE A CG    1 
ATOM   123  C  CD1   . PHE A 1 15  ? -11.816 -10.767 -9.605  1.00 14.28 ? 23  PHE A CD1   1 
ATOM   124  C  CD2   . PHE A 1 15  ? -9.758  -9.528  -9.614  1.00 14.54 ? 23  PHE A CD2   1 
ATOM   125  C  CE1   . PHE A 1 15  ? -12.423 -9.754  -10.347 1.00 13.79 ? 23  PHE A CE1   1 
ATOM   126  C  CE2   . PHE A 1 15  ? -10.350 -8.524  -10.365 1.00 15.62 ? 23  PHE A CE2   1 
ATOM   127  C  CZ    . PHE A 1 15  ? -11.701 -8.653  -10.734 1.00 16.28 ? 23  PHE A CZ    1 
ATOM   128  N  N     . GLY A 1 16  ? -9.970  -13.649 -6.033  1.00 16.13 ? 24  GLY A N     1 
ATOM   129  C  CA    . GLY A 1 16  ? -9.717  -14.625 -4.968  1.00 16.52 ? 24  GLY A CA    1 
ATOM   130  C  C     . GLY A 1 16  ? -10.522 -14.251 -3.727  1.00 17.21 ? 24  GLY A C     1 
ATOM   131  O  O     . GLY A 1 16  ? -11.565 -13.584 -3.815  1.00 17.56 ? 24  GLY A O     1 
ATOM   132  N  N     . ARG A 1 17  ? -10.068 -14.686 -2.557  1.00 17.64 ? 25  ARG A N     1 
ATOM   133  C  CA    . ARG A 1 17  ? -10.742 -14.268 -1.335  1.00 18.67 ? 25  ARG A CA    1 
ATOM   134  C  C     . ARG A 1 17  ? -9.966  -13.071 -0.785  1.00 18.15 ? 25  ARG A C     1 
ATOM   135  O  O     . ARG A 1 17  ? -8.724  -13.073 -0.729  1.00 21.78 ? 25  ARG A O     1 
ATOM   136  C  CB    A ARG A 1 17  ? -10.795 -15.392 -0.295  0.50 17.80 ? 25  ARG A CB    1 
ATOM   137  C  CB    B ARG A 1 17  ? -10.757 -15.401 -0.297  0.50 17.87 ? 25  ARG A CB    1 
ATOM   138  C  CG    A ARG A 1 17  ? -11.381 -14.956 1.052   0.50 18.64 ? 25  ARG A CG    1 
ATOM   139  C  CG    B ARG A 1 17  ? -11.110 -16.785 -0.846  0.50 18.37 ? 25  ARG A CG    1 
ATOM   140  C  CD    A ARG A 1 17  ? -11.809 -16.087 1.957   0.50 18.71 ? 25  ARG A CD    1 
ATOM   141  C  CD    B ARG A 1 17  ? -11.198 -17.903 0.210   0.50 20.65 ? 25  ARG A CD    1 
ATOM   142  N  NE    A ARG A 1 17  ? -13.183 -16.402 1.634   0.50 20.02 ? 25  ARG A NE    1 
ATOM   143  N  NE    B ARG A 1 17  ? -11.950 -19.033 -0.327  0.50 21.80 ? 25  ARG A NE    1 
ATOM   144  C  CZ    A ARG A 1 17  ? -13.543 -17.418 0.895   0.50 18.35 ? 25  ARG A CZ    1 
ATOM   145  C  CZ    B ARG A 1 17  ? -11.432 -19.998 -1.061  0.50 21.07 ? 25  ARG A CZ    1 
ATOM   146  N  NH1   A ARG A 1 17  ? -12.629 -18.266 0.450   0.50 22.88 ? 25  ARG A NH1   1 
ATOM   147  N  NH1   B ARG A 1 17  ? -10.133 -20.025 -1.326  0.50 22.07 ? 25  ARG A NH1   1 
ATOM   148  N  NH2   A ARG A 1 17  ? -14.810 -17.614 0.631   0.50 16.30 ? 25  ARG A NH2   1 
ATOM   149  N  NH2   B ARG A 1 17  ? -12.212 -20.952 -1.511  0.50 21.95 ? 25  ARG A NH2   1 
ATOM   150  N  N     . GLY A 1 18  ? -10.704 -12.067 -0.372  1.00 18.19 ? 26  GLY A N     1 
ATOM   151  C  CA    . GLY A 1 18  ? -10.140 -10.833 0.095   1.00 16.80 ? 26  GLY A CA    1 
ATOM   152  C  C     . GLY A 1 18  ? -9.395  -11.052 1.387   1.00 17.08 ? 26  GLY A C     1 
ATOM   153  O  O     . GLY A 1 18  ? -9.805  -11.885 2.189   1.00 17.47 ? 26  GLY A O     1 
ATOM   154  N  N     . SER A 1 19  ? -8.340  -10.276 1.597   1.00 15.41 ? 27  SER A N     1 
ATOM   155  C  CA    . SER A 1 19  ? -7.537  -10.410 2.819   1.00 14.81 ? 27  SER A CA    1 
ATOM   156  C  C     . SER A 1 19  ? -8.218  -9.827  4.042   1.00 15.10 ? 27  SER A C     1 
ATOM   157  O  O     . SER A 1 19  ? -7.678  -9.927  5.154   1.00 15.30 ? 27  SER A O     1 
ATOM   158  C  CB    . SER A 1 19  ? -6.154  -9.804  2.626   1.00 14.07 ? 27  SER A CB    1 
ATOM   159  O  OG    . SER A 1 19  ? -6.269  -8.421  2.338   1.00 14.88 ? 27  SER A OG    1 
ATOM   160  N  N     . LYS A 1 20  ? -9.406  -9.235  3.872   1.00 15.32 ? 28  LYS A N     1 
ATOM   161  C  CA    . LYS A 1 20  ? -10.285 -9.047  5.040   1.00 16.44 ? 28  LYS A CA    1 
ATOM   162  C  C     . LYS A 1 20  ? -10.387 -10.321 5.876   1.00 15.72 ? 28  LYS A C     1 
ATOM   163  O  O     . LYS A 1 20  ? -10.548 -10.282 7.114   1.00 17.31 ? 28  LYS A O     1 
ATOM   164  C  CB    . LYS A 1 20  ? -11.702 -8.659  4.604   1.00 16.06 ? 28  LYS A CB    1 
ATOM   165  C  CG    . LYS A 1 20  ? -11.873 -7.161  4.470   1.00 19.75 ? 28  LYS A CG    1 
ATOM   166  C  CD    . LYS A 1 20  ? -13.206 -6.871  3.811   1.00 22.20 ? 28  LYS A CD    1 
ATOM   167  C  CE    . LYS A 1 20  ? -13.598 -5.434  3.993   1.00 25.79 ? 28  LYS A CE    1 
ATOM   168  N  NZ    . LYS A 1 20  ? -14.915 -5.223  3.307   1.00 29.64 ? 28  LYS A NZ    1 
ATOM   169  N  N     . GLN A 1 21  ? -10.292 -11.476 5.227   1.00 16.24 ? 29  GLN A N     1 
ATOM   170  C  CA    . GLN A 1 21  ? -10.443 -12.739 5.971   1.00 17.12 ? 29  GLN A CA    1 
ATOM   171  C  C     . GLN A 1 21  ? -9.385  -12.870 7.065   1.00 17.38 ? 29  GLN A C     1 
ATOM   172  O  O     . GLN A 1 21  ? -9.603  -13.593 8.033   1.00 18.56 ? 29  GLN A O     1 
ATOM   173  C  CB    . GLN A 1 21  ? -10.390 -13.959 5.059   1.00 17.47 ? 29  GLN A CB    1 
ATOM   174  C  CG    . GLN A 1 21  ? -9.077  -14.131 4.349   1.00 19.48 ? 29  GLN A CG    1 
ATOM   175  C  CD    . GLN A 1 21  ? -8.957  -15.483 3.673   1.00 23.77 ? 29  GLN A CD    1 
ATOM   176  O  OE1   . GLN A 1 21  ? -9.486  -16.454 4.156   1.00 23.69 ? 29  GLN A OE1   1 
ATOM   177  N  NE2   . GLN A 1 21  ? -8.243  -15.531 2.562   1.00 28.38 ? 29  GLN A NE2   1 
ATOM   178  N  N     . LEU A 1 22  ? -8.265  -12.181 6.881   1.00 16.71 ? 30  LEU A N     1 
ATOM   179  C  CA    . LEU A 1 22  ? -7.134  -12.247 7.809   1.00 16.88 ? 30  LEU A CA    1 
ATOM   180  C  C     . LEU A 1 22  ? -7.131  -11.085 8.782   1.00 16.46 ? 30  LEU A C     1 
ATOM   181  O  O     . LEU A 1 22  ? -6.246  -11.006 9.657   1.00 17.36 ? 30  LEU A O     1 
ATOM   182  C  CB    . LEU A 1 22  ? -5.805  -12.251 7.031   1.00 17.68 ? 30  LEU A CB    1 
ATOM   183  C  CG    . LEU A 1 22  ? -5.656  -13.187 5.832   1.00 19.06 ? 30  LEU A CG    1 
ATOM   184  C  CD1   . LEU A 1 22  ? -4.322  -12.947 5.198   1.00 20.80 ? 30  LEU A CD1   1 
ATOM   185  C  CD2   . LEU A 1 22  ? -5.724  -14.614 6.275   1.00 19.32 ? 30  LEU A CD2   1 
ATOM   186  N  N     . GLY A 1 23  ? -8.106  -10.195 8.653   1.00 15.90 ? 31  GLY A N     1 
ATOM   187  C  CA    . GLY A 1 23  ? -8.140  -9.005  9.472   1.00 15.75 ? 31  GLY A CA    1 
ATOM   188  C  C     . GLY A 1 23  ? -7.183  -7.990  8.909   1.00 15.88 ? 31  GLY A C     1 
ATOM   189  O  O     . GLY A 1 23  ? -6.870  -7.007  9.595   1.00 17.74 ? 31  GLY A O     1 
ATOM   190  N  N     . ILE A 1 24  ? -6.717  -8.205  7.658   1.00 15.59 ? 32  ILE A N     1 
ATOM   191  C  CA    . ILE A 1 24  ? -5.730  -7.293  7.077   1.00 13.72 ? 32  ILE A CA    1 
ATOM   192  C  C     . ILE A 1 24  ? -6.208  -6.843  5.677   1.00 13.39 ? 32  ILE A C     1 
ATOM   193  O  O     . ILE A 1 24  ? -5.644  -7.279  4.687   1.00 13.48 ? 32  ILE A O     1 
ATOM   194  C  CB    . ILE A 1 24  ? -4.305  -7.912  7.042   1.00 14.71 ? 32  ILE A CB    1 
ATOM   195  C  CG1   . ILE A 1 24  ? -3.927  -8.476  8.431   1.00 14.99 ? 32  ILE A CG1   1 
ATOM   196  C  CG2   . ILE A 1 24  ? -3.271  -6.841  6.578   1.00 15.36 ? 32  ILE A CG2   1 
ATOM   197  C  CD1   . ILE A 1 24  ? -2.590  -9.224  8.455   1.00 19.46 ? 32  ILE A CD1   1 
ATOM   198  N  N     . PRO A 1 25  ? -7.231  -5.991  5.613   1.00 13.45 ? 33  PRO A N     1 
ATOM   199  C  CA    . PRO A 1 25  ? -7.811  -5.599  4.314   1.00 12.82 ? 33  PRO A CA    1 
ATOM   200  C  C     . PRO A 1 25  ? -6.753  -4.882  3.478   1.00 12.77 ? 33  PRO A C     1 
ATOM   201  O  O     . PRO A 1 25  ? -5.901  -4.122  4.008   1.00 12.88 ? 33  PRO A O     1 
ATOM   202  C  CB    . PRO A 1 25  ? -8.897  -4.575  4.666   1.00 14.10 ? 33  PRO A CB    1 
ATOM   203  C  CG    . PRO A 1 25  ? -8.634  -4.194  6.057   1.00 14.84 ? 33  PRO A CG    1 
ATOM   204  C  CD    . PRO A 1 25  ? -7.903  -5.314  6.740   1.00 14.51 ? 33  PRO A CD    1 
ATOM   205  N  N     . THR A 1 26  ? -6.787  -5.158  2.186   1.00 12.60 ? 34  THR A N     1 
ATOM   206  C  CA    . THR A 1 26  ? -5.797  -4.607  1.253   1.00 11.86 ? 34  THR A CA    1 
ATOM   207  C  C     . THR A 1 26  ? -6.582  -3.964  0.104   1.00 12.08 ? 34  THR A C     1 
ATOM   208  O  O     . THR A 1 26  ? -7.280  -4.640  -0.647  1.00 11.80 ? 34  THR A O     1 
ATOM   209  C  CB    . THR A 1 26  ? -4.922  -5.716  0.656   1.00 11.29 ? 34  THR A CB    1 
ATOM   210  O  OG1   . THR A 1 26  ? -5.739  -6.885  0.392   1.00 10.74 ? 34  THR A OG1   1 
ATOM   211  C  CG2   . THR A 1 26  ? -3.893  -6.187  1.676   1.00 12.64 ? 34  THR A CG2   1 
ATOM   212  N  N     . ALA A 1 27  ? -6.412  -2.657  -0.056  1.00 11.16 ? 35  ALA A N     1 
ATOM   213  C  CA    . ALA A 1 27  ? -7.103  -1.931  -1.112  1.00 11.19 ? 35  ALA A CA    1 
ATOM   214  C  C     . ALA A 1 27  ? -6.331  -1.937  -2.438  1.00 11.84 ? 35  ALA A C     1 
ATOM   215  O  O     . ALA A 1 27  ? -5.108  -1.711  -2.460  1.00 12.21 ? 35  ALA A O     1 
ATOM   216  C  CB    . ALA A 1 27  ? -7.343  -0.493  -0.658  1.00 11.36 ? 35  ALA A CB    1 
ATOM   217  N  N     . ASN A 1 28  ? -7.080  -2.137  -3.515  1.00 11.10 ? 36  ASN A N     1 
ATOM   218  C  CA    . ASN A 1 28  ? -6.552  -2.097  -4.904  1.00 12.93 ? 36  ASN A CA    1 
ATOM   219  C  C     . ASN A 1 28  ? -6.879  -0.821  -5.634  1.00 13.86 ? 36  ASN A C     1 
ATOM   220  O  O     . ASN A 1 28  ? -7.885  -0.164  -5.377  1.00 14.02 ? 36  ASN A O     1 
ATOM   221  C  CB    . ASN A 1 28  ? -7.124  -3.288  -5.736  1.00 11.90 ? 36  ASN A CB    1 
ATOM   222  C  CG    . ASN A 1 28  ? -7.140  -4.548  -4.917  1.00 14.01 ? 36  ASN A CG    1 
ATOM   223  O  OD1   . ASN A 1 28  ? -6.052  -5.062  -4.561  1.00 16.43 ? 36  ASN A OD1   1 
ATOM   224  N  ND2   . ASN A 1 28  ? -8.332  -5.002  -4.510  1.00 12.90 ? 36  ASN A ND2   1 
ATOM   225  N  N     . PHE A 1 29  ? -6.020  -0.490  -6.587  1.00 17.19 ? 37  PHE A N     1 
ATOM   226  C  CA    . PHE A 1 29  ? -6.283  0.632   -7.527  1.00 17.40 ? 37  PHE A CA    1 
ATOM   227  C  C     . PHE A 1 29  ? -6.604  0.039   -8.887  1.00 18.71 ? 37  PHE A C     1 
ATOM   228  O  O     . PHE A 1 29  ? -6.225  -1.111  -9.118  1.00 19.53 ? 37  PHE A O     1 
ATOM   229  C  CB    . PHE A 1 29  ? -4.974  1.390   -7.749  1.00 17.40 ? 37  PHE A CB    1 
ATOM   230  C  CG    . PHE A 1 29  ? -4.527  2.305   -6.613  1.00 15.99 ? 37  PHE A CG    1 
ATOM   231  C  CD1   . PHE A 1 29  ? -5.388  3.186   -6.032  1.00 18.81 ? 37  PHE A CD1   1 
ATOM   232  C  CD2   . PHE A 1 29  ? -3.183  2.334   -6.262  1.00 17.19 ? 37  PHE A CD2   1 
ATOM   233  C  CE1   . PHE A 1 29  ? -4.931  4.095   -5.040  1.00 19.71 ? 37  PHE A CE1   1 
ATOM   234  C  CE2   . PHE A 1 29  ? -2.703  3.239   -5.286  1.00 17.74 ? 37  PHE A CE2   1 
ATOM   235  C  CZ    . PHE A 1 29  ? -3.608  4.103   -4.667  1.00 18.23 ? 37  PHE A CZ    1 
ATOM   236  N  N     . PRO A 1 30  ? -7.176  0.822   -9.818  1.00 19.32 ? 38  PRO A N     1 
ATOM   237  C  CA    . PRO A 1 30  ? -7.280  0.355   -11.221 1.00 18.48 ? 38  PRO A CA    1 
ATOM   238  C  C     . PRO A 1 30  ? -5.866  0.059   -11.784 1.00 18.92 ? 38  PRO A C     1 
ATOM   239  O  O     . PRO A 1 30  ? -4.894  0.660   -11.331 1.00 17.50 ? 38  PRO A O     1 
ATOM   240  C  CB    . PRO A 1 30  ? -7.960  1.528   -11.945 1.00 19.14 ? 38  PRO A CB    1 
ATOM   241  C  CG    . PRO A 1 30  ? -8.709  2.268   -10.831 1.00 20.66 ? 38  PRO A CG    1 
ATOM   242  C  CD    . PRO A 1 30  ? -7.740  2.183   -9.652  1.00 18.86 ? 38  PRO A CD    1 
ATOM   243  N  N     . GLU A 1 31  ? -5.739  -0.870  -12.746 1.00 19.12 ? 39  GLU A N     1 
ATOM   244  C  CA    . GLU A 1 31  ? -4.420  -1.242  -13.263 1.00 19.64 ? 39  GLU A CA    1 
ATOM   245  C  C     . GLU A 1 31  ? -3.669  -0.028  -13.868 1.00 18.60 ? 39  GLU A C     1 
ATOM   246  O  O     . GLU A 1 31  ? -2.413  -0.013  -13.880 1.00 17.94 ? 39  GLU A O     1 
ATOM   247  C  CB    . GLU A 1 31  ? -4.524  -2.397  -14.279 1.00 21.72 ? 39  GLU A CB    1 
ATOM   248  C  CG    . GLU A 1 31  ? -4.853  -1.997  -15.685 1.00 26.02 ? 39  GLU A CG    1 
ATOM   249  C  CD    . GLU A 1 31  ? -4.932  -3.181  -16.653 1.00 33.44 ? 39  GLU A CD    1 
ATOM   250  O  OE1   . GLU A 1 31  ? -3.876  -3.725  -17.086 1.00 34.58 ? 39  GLU A OE1   1 
ATOM   251  O  OE2   . GLU A 1 31  ? -6.070  -3.536  -17.015 1.00 35.10 ? 39  GLU A OE2   1 
ATOM   252  N  N     . GLN A 1 32  ? -4.416  0.971   -14.344 1.00 18.20 ? 40  GLN A N     1 
ATOM   253  C  CA    . GLN A 1 32  ? -3.813  2.212   -14.896 1.00 18.68 ? 40  GLN A CA    1 
ATOM   254  C  C     . GLN A 1 32  ? -2.821  2.811   -13.895 1.00 17.45 ? 40  GLN A C     1 
ATOM   255  O  O     . GLN A 1 32  ? -1.777  3.360   -14.285 1.00 18.43 ? 40  GLN A O     1 
ATOM   256  C  CB    . GLN A 1 32  ? -4.895  3.265   -15.237 1.00 20.02 ? 40  GLN A CB    1 
ATOM   257  C  CG    . GLN A 1 32  ? -5.428  4.028   -13.990 1.00 23.73 ? 40  GLN A CG    1 
ATOM   258  C  CD    . GLN A 1 32  ? -6.788  4.788   -14.127 1.00 30.35 ? 40  GLN A CD    1 
ATOM   259  O  OE1   . GLN A 1 32  ? -7.029  5.789   -13.399 1.00 33.06 ? 40  GLN A OE1   1 
ATOM   260  N  NE2   . GLN A 1 32  ? -7.659  4.309   -14.987 1.00 29.69 ? 40  GLN A NE2   1 
ATOM   261  N  N     . VAL A 1 33  ? -3.148  2.765   -12.597 1.00 16.21 ? 41  VAL A N     1 
ATOM   262  C  CA    . VAL A 1 33  ? -2.276  3.382   -11.613 1.00 16.47 ? 41  VAL A CA    1 
ATOM   263  C  C     . VAL A 1 33  ? -0.997  2.576   -11.492 1.00 17.30 ? 41  VAL A C     1 
ATOM   264  O  O     . VAL A 1 33  ? 0.093   3.127   -11.539 1.00 16.93 ? 41  VAL A O     1 
ATOM   265  C  CB    . VAL A 1 33  ? -2.937  3.533   -10.211 1.00 15.50 ? 41  VAL A CB    1 
ATOM   266  C  CG1   . VAL A 1 33  ? -1.931  4.027   -9.186  1.00 19.08 ? 41  VAL A CG1   1 
ATOM   267  C  CG2   . VAL A 1 33  ? -4.156  4.449   -10.313 1.00 18.31 ? 41  VAL A CG2   1 
ATOM   268  N  N     . VAL A 1 34  ? -1.147  1.254   -11.352 1.00 17.67 ? 42  VAL A N     1 
ATOM   269  C  CA    . VAL A 1 34  ? 0.007   0.396   -11.200 1.00 19.97 ? 42  VAL A CA    1 
ATOM   270  C  C     . VAL A 1 34  ? 0.909   0.497   -12.434 1.00 20.71 ? 42  VAL A C     1 
ATOM   271  O  O     . VAL A 1 34  ? 2.137   0.588   -12.322 1.00 21.99 ? 42  VAL A O     1 
ATOM   272  C  CB    . VAL A 1 34  ? -0.426  -1.065  -10.956 1.00 20.48 ? 42  VAL A CB    1 
ATOM   273  C  CG1   . VAL A 1 34  ? 0.775   -1.847  -10.486 1.00 23.49 ? 42  VAL A CG1   1 
ATOM   274  C  CG2   . VAL A 1 34  ? -1.532  -1.093  -9.846  1.00 23.61 ? 42  VAL A CG2   1 
ATOM   275  N  N     . ASP A 1 35  ? 0.289   0.528   -13.607 1.00 21.91 ? 43  ASP A N     1 
ATOM   276  C  CA    . ASP A 1 35  ? 1.069   0.601   -14.849 1.00 22.65 ? 43  ASP A CA    1 
ATOM   277  C  C     . ASP A 1 35  ? 1.908   1.859   -14.994 1.00 22.88 ? 43  ASP A C     1 
ATOM   278  O  O     . ASP A 1 35  ? 2.853   1.902   -15.815 1.00 23.36 ? 43  ASP A O     1 
ATOM   279  C  CB    . ASP A 1 35  ? 0.162   0.427   -16.065 1.00 23.30 ? 43  ASP A CB    1 
ATOM   280  C  CG    . ASP A 1 35  ? -0.333  -0.986  -16.210 1.00 25.00 ? 43  ASP A CG    1 
ATOM   281  O  OD1   . ASP A 1 35  ? 0.049   -1.864  -15.398 1.00 28.60 ? 43  ASP A OD1   1 
ATOM   282  O  OD2   . ASP A 1 35  ? -1.127  -1.318  -17.097 1.00 27.82 ? 43  ASP A OD2   1 
ATOM   283  N  N     . ASN A 1 36  ? 1.617   2.882   -14.204 1.00 22.14 ? 44  ASN A N     1 
ATOM   284  C  CA    . ASN A 1 36  ? 2.394   4.104   -14.331 1.00 24.14 ? 44  ASN A CA    1 
ATOM   285  C  C     . ASN A 1 36  ? 3.498   4.223   -13.308 1.00 24.67 ? 44  ASN A C     1 
ATOM   286  O  O     . ASN A 1 36  ? 4.217   5.217   -13.286 1.00 25.03 ? 44  ASN A O     1 
ATOM   287  C  CB    . ASN A 1 36  ? 1.480   5.330   -14.389 1.00 23.73 ? 44  ASN A CB    1 
ATOM   288  C  CG    . ASN A 1 36  ? 0.925   5.531   -15.774 1.00 24.57 ? 44  ASN A CG    1 
ATOM   289  O  OD1   . ASN A 1 36  ? 1.571   6.140   -16.604 1.00 23.98 ? 44  ASN A OD1   1 
ATOM   290  N  ND2   . ASN A 1 36  ? -0.233  4.933   -16.063 1.00 22.57 ? 44  ASN A ND2   1 
ATOM   291  N  N     . LEU A 1 37  ? 3.629   3.192   -12.459 1.00 25.15 ? 45  LEU A N     1 
ATOM   292  C  CA    . LEU A 1 37  ? 4.786   3.076   -11.579 1.00 26.38 ? 45  LEU A CA    1 
ATOM   293  C  C     . LEU A 1 37  ? 6.077   3.062   -12.403 1.00 26.66 ? 45  LEU A C     1 
ATOM   294  O  O     . LEU A 1 37  ? 6.183   2.369   -13.414 1.00 25.74 ? 45  LEU A O     1 
ATOM   295  C  CB    . LEU A 1 37  ? 4.720   1.802   -10.715 1.00 26.45 ? 45  LEU A CB    1 
ATOM   296  C  CG    . LEU A 1 37  ? 3.716   1.607   -9.580  1.00 27.95 ? 45  LEU A CG    1 
ATOM   297  C  CD1   . LEU A 1 37  ? 3.889   0.200   -9.007  1.00 31.93 ? 45  LEU A CD1   1 
ATOM   298  C  CD2   . LEU A 1 37  ? 3.879   2.620   -8.491  1.00 30.87 ? 45  LEU A CD2   1 
ATOM   299  N  N     . PRO A 1 38  ? 7.066   3.817   -11.955 1.00 28.11 ? 46  PRO A N     1 
ATOM   300  C  CA    . PRO A 1 38  ? 8.407   3.751   -12.549 1.00 28.72 ? 46  PRO A CA    1 
ATOM   301  C  C     . PRO A 1 38  ? 8.939   2.311   -12.496 1.00 29.65 ? 46  PRO A C     1 
ATOM   302  O  O     . PRO A 1 38  ? 8.691   1.669   -11.495 1.00 29.10 ? 46  PRO A O     1 
ATOM   303  C  CB    . PRO A 1 38  ? 9.232   4.640   -11.620 1.00 29.05 ? 46  PRO A CB    1 
ATOM   304  C  CG    . PRO A 1 38  ? 8.262   5.565   -10.989 1.00 29.33 ? 46  PRO A CG    1 
ATOM   305  C  CD    . PRO A 1 38  ? 6.973   4.807   -10.867 1.00 27.76 ? 46  PRO A CD    1 
ATOM   306  N  N     . ALA A 1 39  ? 9.658   1.824   -13.516 1.00 30.89 ? 47  ALA A N     1 
ATOM   307  C  CA    . ALA A 1 39  ? 10.279  0.478   -13.465 1.00 31.58 ? 47  ALA A CA    1 
ATOM   308  C  C     . ALA A 1 39  ? 11.166  0.176   -12.219 1.00 32.29 ? 47  ALA A C     1 
ATOM   309  O  O     . ALA A 1 39  ? 11.281  -0.973  -11.785 1.00 32.09 ? 47  ALA A O     1 
ATOM   310  C  CB    . ALA A 1 39  ? 11.041  0.204   -14.737 1.00 31.88 ? 47  ALA A CB    1 
ATOM   311  N  N     . ASP A 1 40  ? 11.770  1.209   -11.639 1.00 32.66 ? 48  ASP A N     1 
ATOM   312  C  CA    . ASP A 1 40  ? 12.700  1.034   -10.521 1.00 33.07 ? 48  ASP A CA    1 
ATOM   313  C  C     . ASP A 1 40  ? 11.996  0.741   -9.197  1.00 32.16 ? 48  ASP A C     1 
ATOM   314  O  O     . ASP A 1 40  ? 12.641  0.309   -8.233  1.00 32.19 ? 48  ASP A O     1 
ATOM   315  C  CB    . ASP A 1 40  ? 13.608  2.265   -10.385 1.00 34.16 ? 48  ASP A CB    1 
ATOM   316  C  CG    . ASP A 1 40  ? 12.858  3.558   -10.625 1.00 36.76 ? 48  ASP A CG    1 
ATOM   317  O  OD1   . ASP A 1 40  ? 12.267  4.062   -9.646  1.00 38.29 ? 48  ASP A OD1   1 
ATOM   318  O  OD2   . ASP A 1 40  ? 12.779  4.120   -11.756 1.00 40.77 ? 48  ASP A OD2   1 
ATOM   319  N  N     . ILE A 1 41  ? 10.678  0.966   -9.150  1.00 30.43 ? 49  ILE A N     1 
ATOM   320  C  CA    . ILE A 1 41  ? 9.876   0.516   -8.023  1.00 28.79 ? 49  ILE A CA    1 
ATOM   321  C  C     . ILE A 1 41  ? 9.664   -0.989  -8.233  1.00 28.55 ? 49  ILE A C     1 
ATOM   322  O  O     . ILE A 1 41  ? 8.648   -1.450  -8.813  1.00 29.00 ? 49  ILE A O     1 
ATOM   323  C  CB    . ILE A 1 41  ? 8.582   1.325   -7.858  1.00 29.63 ? 49  ILE A CB    1 
ATOM   324  C  CG1   . ILE A 1 41  ? 8.948   2.797   -7.596  1.00 30.33 ? 49  ILE A CG1   1 
ATOM   325  C  CG2   . ILE A 1 41  ? 7.749   0.785   -6.694  1.00 27.91 ? 49  ILE A CG2   1 
ATOM   326  C  CD1   . ILE A 1 41  ? 7.775   3.745   -7.400  1.00 34.16 ? 49  ILE A CD1   1 
ATOM   327  N  N     . SER A 1 42  ? 10.686  -1.730  -7.809  1.00 24.83 ? 50  SER A N     1 
ATOM   328  C  CA    . SER A 1 42  ? 10.711  -3.185  -7.918  1.00 22.81 ? 50  SER A CA    1 
ATOM   329  C  C     . SER A 1 42  ? 9.569   -3.802  -7.117  1.00 19.95 ? 50  SER A C     1 
ATOM   330  O  O     . SER A 1 42  ? 8.939   -3.143  -6.281  1.00 17.52 ? 50  SER A O     1 
ATOM   331  C  CB    . SER A 1 42  ? 12.033  -3.688  -7.380  1.00 24.19 ? 50  SER A CB    1 
ATOM   332  O  OG    . SER A 1 42  ? 12.085  -3.362  -6.008  1.00 27.57 ? 50  SER A OG    1 
ATOM   333  N  N     . THR A 1 43  ? 9.318   -5.086  -7.341  1.00 17.96 ? 51  THR A N     1 
ATOM   334  C  CA    . THR A 1 43  ? 8.377   -5.769  -6.453  1.00 15.99 ? 51  THR A CA    1 
ATOM   335  C  C     . THR A 1 43  ? 8.954   -5.828  -5.053  1.00 15.15 ? 51  THR A C     1 
ATOM   336  O  O     . THR A 1 43  ? 10.180  -5.729  -4.857  1.00 15.81 ? 51  THR A O     1 
ATOM   337  C  CB    . THR A 1 43  ? 8.078   -7.175  -6.929  1.00 15.77 ? 51  THR A CB    1 
ATOM   338  O  OG1   . THR A 1 43  ? 9.307   -7.907  -7.071  1.00 15.79 ? 51  THR A OG1   1 
ATOM   339  C  CG2   . THR A 1 43  ? 7.475   -7.127  -8.356  1.00 17.46 ? 51  THR A CG2   1 
ATOM   340  N  N     . GLY A 1 44  ? 8.074   -5.985  -4.092  1.00 13.70 ? 52  GLY A N     1 
ATOM   341  C  CA    . GLY A 1 44  ? 8.447   -6.093  -2.690  1.00 13.85 ? 52  GLY A CA    1 
ATOM   342  C  C     . GLY A 1 44  ? 7.461   -5.328  -1.829  1.00 13.63 ? 52  GLY A C     1 
ATOM   343  O  O     . GLY A 1 44  ? 6.366   -4.885  -2.302  1.00 12.53 ? 52  GLY A O     1 
ATOM   344  N  N     . ILE A 1 45  ? 7.870   -5.141  -0.576  1.00 12.41 ? 53  ILE A N     1 
ATOM   345  C  CA    . ILE A 1 45  ? 6.997   -4.566  0.440   1.00 12.89 ? 53  ILE A CA    1 
ATOM   346  C  C     . ILE A 1 45  ? 7.526   -3.201  0.797   1.00 13.55 ? 53  ILE A C     1 
ATOM   347  O  O     . ILE A 1 45  ? 8.702   -3.060  1.106   1.00 13.32 ? 53  ILE A O     1 
ATOM   348  C  CB    . ILE A 1 45  ? 6.958   -5.464  1.700   1.00 13.31 ? 53  ILE A CB    1 
ATOM   349  C  CG1   . ILE A 1 45  ? 6.674   -6.932  1.298   1.00 15.95 ? 53  ILE A CG1   1 
ATOM   350  C  CG2   . ILE A 1 45  ? 5.911   -4.955  2.691   1.00 14.71 ? 53  ILE A CG2   1 
ATOM   351  C  CD1   . ILE A 1 45  ? 5.444   -7.101  0.369   1.00 15.53 ? 53  ILE A CD1   1 
ATOM   352  N  N     . TYR A 1 46  ? 6.641   -2.214  0.725   1.00 13.47 ? 54  TYR A N     1 
ATOM   353  C  CA    . TYR A 1 46  ? 6.981   -0.804  0.974   1.00 12.91 ? 54  TYR A CA    1 
ATOM   354  C  C     . TYR A 1 46  ? 6.119   -0.264  2.089   1.00 12.56 ? 54  TYR A C     1 
ATOM   355  O  O     . TYR A 1 46  ? 5.126   -0.895  2.499   1.00 13.87 ? 54  TYR A O     1 
ATOM   356  C  CB    . TYR A 1 46  ? 6.718   0.047   -0.268  1.00 12.20 ? 54  TYR A CB    1 
ATOM   357  C  CG    . TYR A 1 46  ? 7.570   -0.296  -1.472  1.00 12.49 ? 54  TYR A CG    1 
ATOM   358  C  CD1   . TYR A 1 46  ? 7.330   -1.475  -2.240  1.00 13.89 ? 54  TYR A CD1   1 
ATOM   359  C  CD2   . TYR A 1 46  ? 8.599   0.558   -1.872  1.00 15.71 ? 54  TYR A CD2   1 
ATOM   360  C  CE1   . TYR A 1 46  ? 8.099   -1.759  -3.370  1.00 13.62 ? 54  TYR A CE1   1 
ATOM   361  C  CE2   . TYR A 1 46  ? 9.353   0.273   -2.992  1.00 14.23 ? 54  TYR A CE2   1 
ATOM   362  C  CZ    . TYR A 1 46  ? 9.104   -0.888  -3.731  1.00 15.99 ? 54  TYR A CZ    1 
ATOM   363  O  OH    . TYR A 1 46  ? 9.893   -1.133  -4.844  1.00 17.94 ? 54  TYR A OH    1 
ATOM   364  N  N     . TYR A 1 47  ? 6.463   0.924   2.569   1.00 13.72 ? 55  TYR A N     1 
ATOM   365  C  CA    . TYR A 1 47  ? 5.642   1.602   3.590   1.00 13.59 ? 55  TYR A CA    1 
ATOM   366  C  C     . TYR A 1 47  ? 5.540   3.084   3.294   1.00 13.63 ? 55  TYR A C     1 
ATOM   367  O  O     . TYR A 1 47  ? 6.286   3.638   2.448   1.00 13.66 ? 55  TYR A O     1 
ATOM   368  C  CB    . TYR A 1 47  ? 6.191   1.357   5.012   1.00 14.19 ? 55  TYR A CB    1 
ATOM   369  C  CG    . TYR A 1 47  ? 7.594   1.878   5.202   1.00 12.91 ? 55  TYR A CG    1 
ATOM   370  C  CD1   . TYR A 1 47  ? 8.715   1.112   4.834   1.00 15.87 ? 55  TYR A CD1   1 
ATOM   371  C  CD2   . TYR A 1 47  ? 7.810   3.159   5.711   1.00 16.66 ? 55  TYR A CD2   1 
ATOM   372  C  CE1   . TYR A 1 47  ? 9.981   1.601   4.992   1.00 15.39 ? 55  TYR A CE1   1 
ATOM   373  C  CE2   . TYR A 1 47  ? 9.076   3.650   5.870   1.00 17.84 ? 55  TYR A CE2   1 
ATOM   374  C  CZ    . TYR A 1 47  ? 10.162  2.873   5.511   1.00 17.06 ? 55  TYR A CZ    1 
ATOM   375  O  OH    . TYR A 1 47  ? 11.422  3.371   5.692   1.00 19.90 ? 55  TYR A OH    1 
ATOM   376  N  N     . GLY A 1 48  ? 4.582   3.729   3.936   1.00 13.51 ? 56  GLY A N     1 
ATOM   377  C  CA    . GLY A 1 48  ? 4.341   5.121   3.624   1.00 14.08 ? 56  GLY A CA    1 
ATOM   378  C  C     . GLY A 1 48  ? 3.095   5.631   4.313   1.00 14.26 ? 56  GLY A C     1 
ATOM   379  O  O     . GLY A 1 48  ? 2.737   5.187   5.408   1.00 13.68 ? 56  GLY A O     1 
ATOM   380  N  N     . TRP A 1 49  ? 2.451   6.584   3.647   1.00 12.58 ? 57  TRP A N     1 
ATOM   381  C  CA    . TRP A 1 49  ? 1.312   7.317   4.224   1.00 11.79 ? 57  TRP A CA    1 
ATOM   382  C  C     . TRP A 1 49  ? 0.137   7.224   3.257   1.00 11.54 ? 57  TRP A C     1 
ATOM   383  O  O     . TRP A 1 49  ? 0.340   7.193   2.028   1.00 12.21 ? 57  TRP A O     1 
ATOM   384  C  CB    . TRP A 1 49  ? 1.700   8.781   4.359   1.00 12.89 ? 57  TRP A CB    1 
ATOM   385  C  CG    . TRP A 1 49  ? 2.778   9.007   5.375   1.00 12.27 ? 57  TRP A CG    1 
ATOM   386  C  CD1   . TRP A 1 49  ? 4.101   9.305   5.119   1.00 13.01 ? 57  TRP A CD1   1 
ATOM   387  C  CD2   . TRP A 1 49  ? 2.646   8.921   6.790   1.00 13.84 ? 57  TRP A CD2   1 
ATOM   388  N  NE1   . TRP A 1 49  ? 4.780   9.430   6.303   1.00 10.82 ? 57  TRP A NE1   1 
ATOM   389  C  CE2   . TRP A 1 49  ? 3.912   9.222   7.346   1.00 15.15 ? 57  TRP A CE2   1 
ATOM   390  C  CE3   . TRP A 1 49  ? 1.562   8.678   7.659   1.00 13.79 ? 57  TRP A CE3   1 
ATOM   391  C  CZ2   . TRP A 1 49  ? 4.143   9.247   8.725   1.00 14.16 ? 57  TRP A CZ2   1 
ATOM   392  C  CZ3   . TRP A 1 49  ? 1.786   8.708   9.037   1.00 15.45 ? 57  TRP A CZ3   1 
ATOM   393  C  CH2   . TRP A 1 49  ? 3.069   9.013   9.561   1.00 12.99 ? 57  TRP A CH2   1 
ATOM   394  N  N     . ALA A 1 50  ? -1.090  7.178   3.791   1.00 11.72 ? 58  ALA A N     1 
ATOM   395  C  CA    . ALA A 1 50  ? -2.285  7.124   2.939   1.00 13.60 ? 58  ALA A CA    1 
ATOM   396  C  C     . ALA A 1 50  ? -3.440  7.883   3.560   1.00 12.96 ? 58  ALA A C     1 
ATOM   397  O  O     . ALA A 1 50  ? -3.589  7.916   4.779   1.00 12.77 ? 58  ALA A O     1 
ATOM   398  C  CB    . ALA A 1 50  ? -2.700  5.657   2.685   1.00 14.04 ? 58  ALA A CB    1 
ATOM   399  N  N     . SER A 1 51  ? -4.281  8.455   2.706   1.00 13.21 ? 59  SER A N     1 
ATOM   400  C  CA    . SER A 1 51  ? -5.564  8.980   3.152   1.00 13.50 ? 59  SER A CA    1 
ATOM   401  C  C     . SER A 1 51  ? -6.642  8.553   2.160   1.00 14.60 ? 59  SER A C     1 
ATOM   402  O  O     . SER A 1 51  ? -6.324  8.240   0.990   1.00 13.63 ? 59  SER A O     1 
ATOM   403  C  CB    . SER A 1 51  ? -5.519  10.481  3.282   1.00 12.91 ? 59  SER A CB    1 
ATOM   404  O  OG    . SER A 1 51  ? -5.298  11.124  2.016   1.00 13.61 ? 59  SER A OG    1 
ATOM   405  N  N     . VAL A 1 52  ? -7.894  8.575   2.627   1.00 14.59 ? 60  VAL A N     1 
ATOM   406  C  CA    . VAL A 1 52  ? -9.027  8.197   1.773   1.00 16.38 ? 60  VAL A CA    1 
ATOM   407  C  C     . VAL A 1 52  ? -9.894  9.438   1.600   1.00 17.57 ? 60  VAL A C     1 
ATOM   408  O  O     . VAL A 1 52  ? -10.327 10.051  2.584   1.00 17.33 ? 60  VAL A O     1 
ATOM   409  C  CB    . VAL A 1 52  ? -9.835  7.027   2.391   1.00 16.38 ? 60  VAL A CB    1 
ATOM   410  C  CG1   . VAL A 1 52  ? -11.127 6.787   1.573   1.00 17.63 ? 60  VAL A CG1   1 
ATOM   411  C  CG2   . VAL A 1 52  ? -8.975  5.788   2.407   1.00 17.87 ? 60  VAL A CG2   1 
ATOM   412  N  N     . GLY A 1 53  ? -10.124 9.829   0.346   1.00 18.19 ? 61  GLY A N     1 
ATOM   413  C  CA    . GLY A 1 53  ? -10.854 11.070  0.076   1.00 20.14 ? 61  GLY A CA    1 
ATOM   414  C  C     . GLY A 1 53  ? -10.262 12.228  0.852   1.00 19.91 ? 61  GLY A C     1 
ATOM   415  O  O     . GLY A 1 53  ? -9.045  12.477  0.826   1.00 19.94 ? 61  GLY A O     1 
ATOM   416  N  N     . SER A 1 54  ? -11.103 12.919  1.602   1.00 20.67 ? 62  SER A N     1 
ATOM   417  C  CA    . SER A 1 54  ? -10.646 14.104  2.318   1.00 21.38 ? 62  SER A CA    1 
ATOM   418  C  C     . SER A 1 54  ? -10.287 13.773  3.771   1.00 21.31 ? 62  SER A C     1 
ATOM   419  O  O     . SER A 1 54  ? -10.128 14.681  4.604   1.00 22.52 ? 62  SER A O     1 
ATOM   420  C  CB    . SER A 1 54  ? -11.738 15.196  2.288   1.00 22.22 ? 62  SER A CB    1 
ATOM   421  O  OG    . SER A 1 54  ? -12.940 14.661  2.835   1.00 24.90 ? 62  SER A OG    1 
ATOM   422  N  N     . GLY A 1 55  ? -10.158 12.481  4.061   1.00 19.96 ? 63  GLY A N     1 
ATOM   423  C  CA    . GLY A 1 55  ? -9.829  11.994  5.397   1.00 18.26 ? 63  GLY A CA    1 
ATOM   424  C  C     . GLY A 1 55  ? -8.412  12.291  5.867   1.00 17.39 ? 63  GLY A C     1 
ATOM   425  O  O     . GLY A 1 55  ? -7.563  12.837  5.150   1.00 16.70 ? 63  GLY A O     1 
ATOM   426  N  N     . ASP A 1 56  ? -8.155  11.918  7.113   1.00 16.89 ? 64  ASP A N     1 
ATOM   427  C  CA    . ASP A 1 56  ? -6.850  12.107  7.701   1.00 16.15 ? 64  ASP A CA    1 
ATOM   428  C  C     . ASP A 1 56  ? -5.804  11.136  7.110   1.00 14.70 ? 64  ASP A C     1 
ATOM   429  O  O     . ASP A 1 56  ? -6.147  10.108  6.509   1.00 16.12 ? 64  ASP A O     1 
ATOM   430  C  CB    . ASP A 1 56  ? -6.959  11.904  9.202   1.00 17.09 ? 64  ASP A CB    1 
ATOM   431  C  CG    . ASP A 1 56  ? -7.635  13.085  9.925   1.00 19.94 ? 64  ASP A CG    1 
ATOM   432  O  OD1   . ASP A 1 56  ? -7.806  14.168  9.336   1.00 22.78 ? 64  ASP A OD1   1 
ATOM   433  O  OD2   . ASP A 1 56  ? -7.998  13.010  11.113  1.00 25.36 ? 64  ASP A OD2   1 
ATOM   434  N  N     . VAL A 1 57  ? -4.541  11.499  7.301   1.00 12.69 ? 65  VAL A N     1 
ATOM   435  C  CA    . VAL A 1 57  ? -3.417  10.721  6.787   1.00 13.40 ? 65  VAL A CA    1 
ATOM   436  C  C     . VAL A 1 57  ? -2.980  9.698   7.837   1.00 12.44 ? 65  VAL A C     1 
ATOM   437  O  O     . VAL A 1 57  ? -2.788  10.037  9.029   1.00 14.20 ? 65  VAL A O     1 
ATOM   438  C  CB    . VAL A 1 57  ? -2.231  11.658  6.429   1.00 12.89 ? 65  VAL A CB    1 
ATOM   439  C  CG1   . VAL A 1 57  ? -1.109  10.855  5.759   1.00 13.54 ? 65  VAL A CG1   1 
ATOM   440  C  CG2   . VAL A 1 57  ? -2.729  12.777  5.477   1.00 13.99 ? 65  VAL A CG2   1 
ATOM   441  N  N     . HIS A 1 58  ? -2.825  8.449   7.400   1.00 12.62 ? 66  HIS A N     1 
ATOM   442  C  CA    . HIS A 1 58  ? -2.520  7.325   8.299   1.00 13.14 ? 66  HIS A CA    1 
ATOM   443  C  C     . HIS A 1 58  ? -1.321  6.567   7.747   1.00 12.91 ? 66  HIS A C     1 
ATOM   444  O  O     . HIS A 1 58  ? -1.016  6.650   6.547   1.00 14.44 ? 66  HIS A O     1 
ATOM   445  C  CB    . HIS A 1 58  ? -3.705  6.349   8.383   1.00 14.10 ? 66  HIS A CB    1 
ATOM   446  C  CG    . HIS A 1 58  ? -4.979  6.994   8.849   1.00 16.02 ? 66  HIS A CG    1 
ATOM   447  N  ND1   . HIS A 1 58  ? -5.149  7.463   10.128  1.00 19.61 ? 66  HIS A ND1   1 
ATOM   448  C  CD2   . HIS A 1 58  ? -6.132  7.270   8.189   1.00 16.86 ? 66  HIS A CD2   1 
ATOM   449  C  CE1   . HIS A 1 58  ? -6.348  8.013   10.243  1.00 18.13 ? 66  HIS A CE1   1 
ATOM   450  N  NE2   . HIS A 1 58  ? -6.970  7.892   9.087   1.00 18.12 ? 66  HIS A NE2   1 
ATOM   451  N  N     . LYS A 1 59  ? -0.651  5.818   8.624   1.00 12.35 ? 67  LYS A N     1 
ATOM   452  C  CA    . LYS A 1 59  ? 0.434   4.926   8.174   1.00 13.38 ? 67  LYS A CA    1 
ATOM   453  C  C     . LYS A 1 59  ? -0.099  3.778   7.318   1.00 12.84 ? 67  LYS A C     1 
ATOM   454  O  O     . LYS A 1 59  ? -1.254  3.386   7.461   1.00 15.01 ? 67  LYS A O     1 
ATOM   455  C  CB    . LYS A 1 59  ? 1.196   4.386   9.381   1.00 11.82 ? 67  LYS A CB    1 
ATOM   456  C  CG    . LYS A 1 59  ? 1.839   5.525   10.187  1.00 12.19 ? 67  LYS A CG    1 
ATOM   457  C  CD    . LYS A 1 59  ? 2.590   4.955   11.397  1.00 14.35 ? 67  LYS A CD    1 
ATOM   458  C  CE    . LYS A 1 59  ? 3.299   6.064   12.192  1.00 13.77 ? 67  LYS A CE    1 
ATOM   459  N  NZ    . LYS A 1 59  ? 4.032   5.514   13.449  1.00 14.71 ? 67  LYS A NZ    1 
ATOM   460  N  N     . MET A 1 60  ? 0.738   3.256   6.432   1.00 12.61 ? 68  MET A N     1 
ATOM   461  C  CA    . MET A 1 60  ? 0.317   2.159   5.576   1.00 13.43 ? 68  MET A CA    1 
ATOM   462  C  C     . MET A 1 60  ? 1.517   1.341   5.121   1.00 13.79 ? 68  MET A C     1 
ATOM   463  O  O     . MET A 1 60  ? 2.686   1.766   5.249   1.00 12.88 ? 68  MET A O     1 
ATOM   464  C  CB    . MET A 1 60  ? -0.488  2.636   4.350   1.00 12.58 ? 68  MET A CB    1 
ATOM   465  C  CG    . MET A 1 60  ? 0.260   3.665   3.464   1.00 12.46 ? 68  MET A CG    1 
ATOM   466  S  SD    . MET A 1 60  ? 1.497   2.837   2.482   1.00 17.44 ? 68  MET A SD    1 
ATOM   467  C  CE    . MET A 1 60  ? 1.439   3.949   0.992   1.00 16.16 ? 68  MET A CE    1 
ATOM   468  N  N     . VAL A 1 61  ? 1.180   0.132   4.669   1.00 13.14 ? 69  VAL A N     1 
ATOM   469  C  CA    . VAL A 1 61  ? 2.139   -0.718  3.952   1.00 12.61 ? 69  VAL A CA    1 
ATOM   470  C  C     . VAL A 1 61  ? 1.548   -1.041  2.587   1.00 13.35 ? 69  VAL A C     1 
ATOM   471  O  O     . VAL A 1 61  ? 0.323   -1.111  2.449   1.00 13.81 ? 69  VAL A O     1 
ATOM   472  C  CB    . VAL A 1 61  ? 2.480   -2.018  4.684   1.00 12.88 ? 69  VAL A CB    1 
ATOM   473  C  CG1   . VAL A 1 61  ? 3.345   -1.759  5.962   1.00 13.99 ? 69  VAL A CG1   1 
ATOM   474  C  CG2   . VAL A 1 61  ? 1.217   -2.788  5.088   1.00 11.75 ? 69  VAL A CG2   1 
ATOM   475  N  N     . VAL A 1 62  ? 2.422   -1.212  1.611   1.00 13.20 ? 70  VAL A N     1 
ATOM   476  C  CA    . VAL A 1 62  ? 2.006   -1.575  0.249   1.00 13.34 ? 70  VAL A CA    1 
ATOM   477  C  C     . VAL A 1 62  ? 2.783   -2.800  -0.174  1.00 14.06 ? 70  VAL A C     1 
ATOM   478  O  O     . VAL A 1 62  ? 4.016   -2.854  0.028   1.00 14.81 ? 70  VAL A O     1 
ATOM   479  C  CB    . VAL A 1 62  ? 2.377   -0.409  -0.750  1.00 14.77 ? 70  VAL A CB    1 
ATOM   480  C  CG1   . VAL A 1 62  ? 2.194   -0.880  -2.219  1.00 18.21 ? 70  VAL A CG1   1 
ATOM   481  C  CG2   . VAL A 1 62  ? 1.455   0.798   -0.529  1.00 18.04 ? 70  VAL A CG2   1 
ATOM   482  N  N     . SER A 1 63  ? 2.087   -3.785  -0.761  1.00 12.90 ? 71  SER A N     1 
ATOM   483  C  CA    . SER A 1 63  ? 2.747   -4.910  -1.404  1.00 13.53 ? 71  SER A CA    1 
ATOM   484  C  C     . SER A 1 63  ? 2.686   -4.750  -2.918  1.00 14.43 ? 71  SER A C     1 
ATOM   485  O  O     . SER A 1 63  ? 1.597   -4.654  -3.476  1.00 14.50 ? 71  SER A O     1 
ATOM   486  C  CB    . SER A 1 63  ? 2.069   -6.209  -0.991  1.00 14.78 ? 71  SER A CB    1 
ATOM   487  O  OG    . SER A 1 63  ? 2.634   -7.328  -1.647  1.00 18.20 ? 71  SER A OG    1 
ATOM   488  N  N     . ILE A 1 64  ? 3.848   -4.726  -3.558  1.00 13.81 ? 72  ILE A N     1 
ATOM   489  C  CA    . ILE A 1 64  ? 3.921   -4.693  -5.029  1.00 15.08 ? 72  ILE A CA    1 
ATOM   490  C  C     . ILE A 1 64  ? 4.409   -6.050  -5.500  1.00 15.03 ? 72  ILE A C     1 
ATOM   491  O  O     . ILE A 1 64  ? 5.478   -6.495  -5.087  1.00 14.56 ? 72  ILE A O     1 
ATOM   492  C  CB    . ILE A 1 64  ? 4.859   -3.565  -5.484  1.00 14.24 ? 72  ILE A CB    1 
ATOM   493  C  CG1   . ILE A 1 64  ? 4.291   -2.222  -4.955  1.00 17.14 ? 72  ILE A CG1   1 
ATOM   494  C  CG2   . ILE A 1 64  ? 5.001   -3.592  -7.032  1.00 15.37 ? 72  ILE A CG2   1 
ATOM   495  C  CD1   . ILE A 1 64  ? 4.966   -0.964  -5.396  1.00 22.68 ? 72  ILE A CD1   1 
ATOM   496  N  N     . GLY A 1 65  ? 3.639   -6.716  -6.358  1.00 14.58 ? 73  GLY A N     1 
ATOM   497  C  CA    . GLY A 1 65  ? 3.990   -8.046  -6.798  1.00 13.93 ? 73  GLY A CA    1 
ATOM   498  C  C     . GLY A 1 65  ? 3.836   -8.186  -8.290  1.00 14.18 ? 73  GLY A C     1 
ATOM   499  O  O     . GLY A 1 65  ? 3.555   -7.200  -8.970  1.00 13.77 ? 73  GLY A O     1 
ATOM   500  N  N     . TRP A 1 66  ? 4.076   -9.386  -8.801  1.00 14.18 ? 74  TRP A N     1 
ATOM   501  C  CA    . TRP A 1 66  ? 3.825   -9.653  -10.210 1.00 16.30 ? 74  TRP A CA    1 
ATOM   502  C  C     . TRP A 1 66  ? 2.406   -10.212 -10.337 1.00 18.85 ? 74  TRP A C     1 
ATOM   503  O  O     . TRP A 1 66  ? 1.983   -11.046 -9.528  1.00 20.72 ? 74  TRP A O     1 
ATOM   504  C  CB    . TRP A 1 66  ? 4.839   -10.657 -10.736 1.00 15.78 ? 74  TRP A CB    1 
ATOM   505  C  CG    . TRP A 1 66  ? 6.232   -10.116 -10.781 1.00 15.46 ? 74  TRP A CG    1 
ATOM   506  C  CD1   . TRP A 1 66  ? 7.298   -10.484 -9.960  1.00 16.77 ? 74  TRP A CD1   1 
ATOM   507  C  CD2   . TRP A 1 66  ? 6.736   -9.132  -11.677 1.00 13.69 ? 74  TRP A CD2   1 
ATOM   508  N  NE1   . TRP A 1 66  ? 8.421   -9.777  -10.323 1.00 15.62 ? 74  TRP A NE1   1 
ATOM   509  C  CE2   . TRP A 1 66  ? 8.109   -8.936  -11.361 1.00 16.49 ? 74  TRP A CE2   1 
ATOM   510  C  CE3   . TRP A 1 66  ? 6.175   -8.381  -12.722 1.00 14.49 ? 74  TRP A CE3   1 
ATOM   511  C  CZ2   . TRP A 1 66  ? 8.913   -8.030  -12.052 1.00 17.17 ? 74  TRP A CZ2   1 
ATOM   512  C  CZ3   . TRP A 1 66  ? 6.968   -7.489  -13.417 1.00 18.37 ? 74  TRP A CZ3   1 
ATOM   513  C  CH2   . TRP A 1 66  ? 8.345   -7.319  -13.074 1.00 18.45 ? 74  TRP A CH2   1 
ATOM   514  N  N     . ASN A 1 67  ? 1.679   -9.688  -11.314 1.00 20.50 ? 75  ASN A N     1 
ATOM   515  C  CA    . ASN A 1 67  ? 0.363   -10.195 -11.683 1.00 22.04 ? 75  ASN A CA    1 
ATOM   516  C  C     . ASN A 1 67  ? 0.501   -11.381 -12.642 1.00 22.48 ? 75  ASN A C     1 
ATOM   517  O  O     . ASN A 1 67  ? 0.931   -11.212 -13.819 1.00 22.72 ? 75  ASN A O     1 
ATOM   518  C  CB    . ASN A 1 67  ? -0.476  -9.085  -12.317 1.00 22.58 ? 75  ASN A CB    1 
ATOM   519  C  CG    . ASN A 1 67  ? -1.944  -9.470  -12.482 1.00 25.84 ? 75  ASN A CG    1 
ATOM   520  O  OD1   . ASN A 1 67  ? -2.321  -10.647 -12.416 1.00 28.69 ? 75  ASN A OD1   1 
ATOM   521  N  ND2   . ASN A 1 67  ? -2.776  -8.462  -12.715 1.00 27.33 ? 75  ASN A ND2   1 
ATOM   522  N  N     . PRO A 1 68  ? 0.112   -12.557 -12.129 1.00 22.56 ? 76  PRO A N     1 
ATOM   523  C  CA    . PRO A 1 68  ? 0.013   -13.809 -12.916 1.00 24.89 ? 76  PRO A CA    1 
ATOM   524  C  C     . PRO A 1 68  ? -0.945  -13.753 -14.144 1.00 25.23 ? 76  PRO A C     1 
ATOM   525  O  O     . PRO A 1 68  ? -0.772  -14.461 -15.149 1.00 26.90 ? 76  PRO A O     1 
ATOM   526  C  CB    . PRO A 1 68  ? -0.519  -14.832 -11.870 1.00 24.10 ? 76  PRO A CB    1 
ATOM   527  C  CG    . PRO A 1 68  ? -0.224  -14.253 -10.514 1.00 24.60 ? 76  PRO A CG    1 
ATOM   528  C  CD    . PRO A 1 68  ? -0.287  -12.751 -10.719 1.00 22.84 ? 76  PRO A CD    1 
ATOM   529  N  N     . TYR A 1 69  ? -1.924  -12.870 -14.084 1.00 26.23 ? 77  TYR A N     1 
ATOM   530  C  CA    . TYR A 1 69  ? -3.128  -12.984 -14.914 1.00 26.77 ? 77  TYR A CA    1 
ATOM   531  C  C     . TYR A 1 69  ? -3.214  -12.106 -16.161 1.00 27.15 ? 77  TYR A C     1 
ATOM   532  O  O     . TYR A 1 69  ? -4.090  -12.332 -17.017 1.00 27.55 ? 77  TYR A O     1 
ATOM   533  C  CB    . TYR A 1 69  ? -4.379  -12.796 -14.052 1.00 26.18 ? 77  TYR A CB    1 
ATOM   534  C  CG    . TYR A 1 69  ? -4.429  -13.700 -12.841 1.00 26.30 ? 77  TYR A CG    1 
ATOM   535  C  CD1   . TYR A 1 69  ? -4.440  -15.080 -12.978 1.00 27.30 ? 77  TYR A CD1   1 
ATOM   536  C  CD2   . TYR A 1 69  ? -4.462  -13.160 -11.546 1.00 29.39 ? 77  TYR A CD2   1 
ATOM   537  C  CE1   . TYR A 1 69  ? -4.491  -15.902 -11.868 1.00 27.98 ? 77  TYR A CE1   1 
ATOM   538  C  CE2   . TYR A 1 69  ? -4.527  -13.973 -10.434 1.00 28.16 ? 77  TYR A CE2   1 
ATOM   539  C  CZ    . TYR A 1 69  ? -4.542  -15.338 -10.604 1.00 29.33 ? 77  TYR A CZ    1 
ATOM   540  O  OH    . TYR A 1 69  ? -4.579  -16.139 -9.490  1.00 31.10 ? 77  TYR A OH    1 
ATOM   541  N  N     . TYR A 1 70  ? -2.356  -11.099 -16.279 1.00 26.79 ? 78  TYR A N     1 
ATOM   542  C  CA    . TYR A 1 70  ? -2.414  -10.260 -17.475 1.00 27.46 ? 78  TYR A CA    1 
ATOM   543  C  C     . TYR A 1 70  ? -1.274  -10.536 -18.433 1.00 28.59 ? 78  TYR A C     1 
ATOM   544  O  O     . TYR A 1 70  ? -0.168  -10.870 -18.005 1.00 28.72 ? 78  TYR A O     1 
ATOM   545  C  CB    . TYR A 1 70  ? -2.376  -8.782  -17.123 1.00 28.11 ? 78  TYR A CB    1 
ATOM   546  C  CG    . TYR A 1 70  ? -3.512  -8.298  -16.260 1.00 27.36 ? 78  TYR A CG    1 
ATOM   547  C  CD1   . TYR A 1 70  ? -4.709  -9.038  -16.131 1.00 26.32 ? 78  TYR A CD1   1 
ATOM   548  C  CD2   . TYR A 1 70  ? -3.391  -7.081  -15.573 1.00 28.65 ? 78  TYR A CD2   1 
ATOM   549  C  CE1   . TYR A 1 70  ? -5.757  -8.565  -15.328 1.00 25.95 ? 78  TYR A CE1   1 
ATOM   550  C  CE2   . TYR A 1 70  ? -4.424  -6.597  -14.784 1.00 29.31 ? 78  TYR A CE2   1 
ATOM   551  C  CZ    . TYR A 1 70  ? -5.601  -7.337  -14.665 1.00 26.59 ? 78  TYR A CZ    1 
ATOM   552  O  OH    . TYR A 1 70  ? -6.574  -6.811  -13.859 1.00 25.46 ? 78  TYR A OH    1 
ATOM   553  N  N     . LYS A 1 71  ? -1.537  -10.363 -19.725 1.00 29.39 ? 79  LYS A N     1 
ATOM   554  C  CA    . LYS A 1 71  ? -0.482  -10.513 -20.724 1.00 31.02 ? 79  LYS A CA    1 
ATOM   555  C  C     . LYS A 1 71  ? 0.524   -9.368  -20.602 1.00 31.61 ? 79  LYS A C     1 
ATOM   556  O  O     . LYS A 1 71  ? 0.292   -8.374  -19.879 1.00 31.10 ? 79  LYS A O     1 
ATOM   557  C  CB    . LYS A 1 71  ? -1.034  -10.661 -22.151 1.00 31.25 ? 79  LYS A CB    1 
ATOM   558  C  CG    . LYS A 1 71  ? -1.883  -9.511  -22.606 1.00 32.45 ? 79  LYS A CG    1 
ATOM   559  C  CD    . LYS A 1 71  ? -2.248  -9.701  -24.066 1.00 34.12 ? 79  LYS A CD    1 
ATOM   560  C  CE    . LYS A 1 71  ? -3.109  -8.555  -24.542 1.00 35.93 ? 79  LYS A CE    1 
ATOM   561  N  NZ    . LYS A 1 71  ? -3.038  -8.434  -26.022 1.00 34.67 ? 79  LYS A NZ    1 
ATOM   562  N  N     . ASN A 1 72  ? 1.631   -9.516  -21.329 1.00 32.66 ? 80  ASN A N     1 
ATOM   563  C  CA    . ASN A 1 72  ? 2.868   -8.815  -21.022 1.00 33.18 ? 80  ASN A CA    1 
ATOM   564  C  C     . ASN A 1 72  ? 3.332   -9.261  -19.632 1.00 32.83 ? 80  ASN A C     1 
ATOM   565  O  O     . ASN A 1 72  ? 3.260   -10.466 -19.284 1.00 34.07 ? 80  ASN A O     1 
ATOM   566  C  CB    . ASN A 1 72  ? 2.727   -7.282  -21.149 1.00 33.71 ? 80  ASN A CB    1 
ATOM   567  C  CG    . ASN A 1 72  ? 1.972   -6.851  -22.405 1.00 35.58 ? 80  ASN A CG    1 
ATOM   568  O  OD1   . ASN A 1 72  ? 2.048   -7.500  -23.465 1.00 35.54 ? 80  ASN A OD1   1 
ATOM   569  N  ND2   . ASN A 1 72  ? 1.231   -5.744  -22.289 1.00 38.81 ? 80  ASN A ND2   1 
ATOM   570  N  N     . THR A 1 73  ? 3.782   -8.313  -18.827 1.00 31.00 ? 81  THR A N     1 
ATOM   571  C  CA    . THR A 1 73  ? 4.425   -8.655  -17.569 1.00 29.69 ? 81  THR A CA    1 
ATOM   572  C  C     . THR A 1 73  ? 4.083   -7.584  -16.544 1.00 27.41 ? 81  THR A C     1 
ATOM   573  O  O     . THR A 1 73  ? 4.911   -6.733  -16.212 1.00 28.68 ? 81  THR A O     1 
ATOM   574  C  CB    . THR A 1 73  ? 5.948   -8.777  -17.806 1.00 29.93 ? 81  THR A CB    1 
ATOM   575  O  OG1   . THR A 1 73  ? 6.186   -9.934  -18.628 1.00 31.71 ? 81  THR A OG1   1 
ATOM   576  C  CG2   . THR A 1 73  ? 6.670   -9.110  -16.527 1.00 30.89 ? 81  THR A CG2   1 
ATOM   577  N  N     . LYS A 1 74  ? 2.860   -7.650  -16.028 1.00 24.12 ? 82  LYS A N     1 
ATOM   578  C  CA    . LYS A 1 74  ? 2.312   -6.550  -15.255 1.00 20.72 ? 82  LYS A CA    1 
ATOM   579  C  C     . LYS A 1 74  ? 2.460   -6.771  -13.748 1.00 18.64 ? 82  LYS A C     1 
ATOM   580  O  O     . LYS A 1 74  ? 2.544   -7.891  -13.269 1.00 18.28 ? 82  LYS A O     1 
ATOM   581  C  CB    . LYS A 1 74  ? 0.850   -6.268  -15.631 1.00 21.29 ? 82  LYS A CB    1 
ATOM   582  C  CG    . LYS A 1 74  ? 0.575   -6.045  -17.164 1.00 23.11 ? 82  LYS A CG    1 
ATOM   583  C  CD    . LYS A 1 74  ? 1.253   -4.750  -17.696 1.00 27.23 ? 82  LYS A CD    1 
ATOM   584  C  CE    . LYS A 1 74  ? 0.682   -4.298  -19.050 1.00 30.59 ? 82  LYS A CE    1 
ATOM   585  N  NZ    . LYS A 1 74  ? -0.595  -3.538  -18.865 1.00 33.96 ? 82  LYS A NZ    1 
ATOM   586  N  N     . LYS A 1 75  ? 2.506   -5.669  -13.021 1.00 17.14 ? 83  LYS A N     1 
ATOM   587  C  CA    . LYS A 1 75  ? 2.605   -5.724  -11.596 1.00 15.51 ? 83  LYS A CA    1 
ATOM   588  C  C     . LYS A 1 75  ? 1.243   -5.572  -10.952 1.00 15.91 ? 83  LYS A C     1 
ATOM   589  O  O     . LYS A 1 75  ? 0.272   -5.229  -11.606 1.00 15.90 ? 83  LYS A O     1 
ATOM   590  C  CB    . LYS A 1 75  ? 3.534   -4.645  -11.079 1.00 15.13 ? 83  LYS A CB    1 
ATOM   591  C  CG    . LYS A 1 75  ? 4.976   -4.903  -11.460 1.00 18.32 ? 83  LYS A CG    1 
ATOM   592  C  CD    . LYS A 1 75  ? 5.863   -3.804  -10.944 1.00 18.23 ? 83  LYS A CD    1 
ATOM   593  C  CE    . LYS A 1 75  ? 7.343   -4.155  -11.177 1.00 22.01 ? 83  LYS A CE    1 
ATOM   594  N  NZ    . LYS A 1 75  ? 7.802   -3.524  -12.430 1.00 23.68 ? 83  LYS A NZ    1 
ATOM   595  N  N     . SER A 1 76  ? 1.193   -5.866  -9.665  1.00 14.12 ? 84  SER A N     1 
ATOM   596  C  CA    . SER A 1 76  ? -0.003  -5.641  -8.846  1.00 14.62 ? 84  SER A CA    1 
ATOM   597  C  C     . SER A 1 76  ? 0.379   -4.796  -7.643  1.00 14.80 ? 84  SER A C     1 
ATOM   598  O  O     . SER A 1 76  ? 1.559   -4.746  -7.282  1.00 15.55 ? 84  SER A O     1 
ATOM   599  C  CB    A SER A 1 76  ? -0.534  -6.983  -8.351  0.50 14.94 ? 84  SER A CB    1 
ATOM   600  C  CB    B SER A 1 76  ? -0.636  -6.959  -8.434  0.50 15.35 ? 84  SER A CB    1 
ATOM   601  O  OG    A SER A 1 76  ? 0.441   -7.664  -7.563  0.50 15.27 ? 84  SER A OG    1 
ATOM   602  O  OG    B SER A 1 76  ? -1.441  -7.460  -9.489  0.50 19.27 ? 84  SER A OG    1 
ATOM   603  N  N     . MET A 1 77  ? -0.581  -4.084  -7.056  1.00 11.71 ? 85  MET A N     1 
ATOM   604  C  CA    . MET A 1 77  ? -0.281  -3.249  -5.901  1.00 13.04 ? 85  MET A CA    1 
ATOM   605  C  C     . MET A 1 77  ? -1.488  -3.298  -4.991  1.00 13.51 ? 85  MET A C     1 
ATOM   606  O  O     . MET A 1 77  ? -2.622  -3.158  -5.477  1.00 13.69 ? 85  MET A O     1 
ATOM   607  C  CB    . MET A 1 77  ? -0.015  -1.805  -6.359  1.00 14.49 ? 85  MET A CB    1 
ATOM   608  C  CG    . MET A 1 77  ? 0.018   -0.743  -5.320  1.00 17.55 ? 85  MET A CG    1 
ATOM   609  S  SD    A MET A 1 77  ? 0.089   0.869   -6.250  0.50 19.73 ? 85  MET A SD    1 
ATOM   610  S  SD    B MET A 1 77  ? 0.856   0.819   -5.777  0.50 22.00 ? 85  MET A SD    1 
ATOM   611  C  CE    A MET A 1 77  ? 0.324   1.868   -4.737  0.50 17.51 ? 85  MET A CE    1 
ATOM   612  C  CE    B MET A 1 77  ? 0.566   0.724   -7.443  0.50 14.29 ? 85  MET A CE    1 
ATOM   613  N  N     . GLU A 1 78  ? -1.232  -3.469  -3.698  1.00 12.78 ? 86  GLU A N     1 
ATOM   614  C  CA    . GLU A 1 78  ? -2.310  -3.413  -2.717  1.00 12.76 ? 86  GLU A CA    1 
ATOM   615  C  C     . GLU A 1 78  ? -1.805  -2.760  -1.442  1.00 13.37 ? 86  GLU A C     1 
ATOM   616  O  O     . GLU A 1 78  ? -0.629  -2.915  -1.059  1.00 14.85 ? 86  GLU A O     1 
ATOM   617  C  CB    . GLU A 1 78  ? -2.867  -4.813  -2.469  1.00 13.88 ? 86  GLU A CB    1 
ATOM   618  C  CG    . GLU A 1 78  ? -1.863  -5.726  -1.800  1.00 16.30 ? 86  GLU A CG    1 
ATOM   619  C  CD    . GLU A 1 78  ? -2.402  -7.110  -1.532  1.00 20.53 ? 86  GLU A CD    1 
ATOM   620  O  OE1   . GLU A 1 78  ? -3.560  -7.446  -1.906  1.00 20.51 ? 86  GLU A OE1   1 
ATOM   621  O  OE2   . GLU A 1 78  ? -1.623  -7.890  -0.928  1.00 21.90 ? 86  GLU A OE2   1 
ATOM   622  N  N     . THR A 1 79  ? -2.687  -1.997  -0.825  1.00 12.03 ? 87  THR A N     1 
ATOM   623  C  CA    . THR A 1 79  ? -2.313  -1.164  0.312   1.00 12.29 ? 87  THR A CA    1 
ATOM   624  C  C     . THR A 1 79  ? -3.142  -1.523  1.516   1.00 12.23 ? 87  THR A C     1 
ATOM   625  O  O     . THR A 1 79  ? -4.376  -1.521  1.433   1.00 12.82 ? 87  THR A O     1 
ATOM   626  C  CB    . THR A 1 79  ? -2.608  0.325   -0.099  1.00 12.55 ? 87  THR A CB    1 
ATOM   627  O  OG1   . THR A 1 79  ? -1.772  0.672   -1.248  1.00 13.55 ? 87  THR A OG1   1 
ATOM   628  C  CG2   . THR A 1 79  ? -2.208  1.260   1.021   1.00 14.84 ? 87  THR A CG2   1 
ATOM   629  N  N     . HIS A 1 80  ? -2.464  -1.786  2.641   1.00 11.65 ? 88  HIS A N     1 
ATOM   630  C  CA    . HIS A 1 80  ? -3.166  -1.964  3.900   1.00 11.47 ? 88  HIS A CA    1 
ATOM   631  C  C     . HIS A 1 80  ? -2.897  -0.722  4.737   1.00 12.43 ? 88  HIS A C     1 
ATOM   632  O  O     . HIS A 1 80  ? -1.728  -0.376  4.976   1.00 12.43 ? 88  HIS A O     1 
ATOM   633  C  CB    . HIS A 1 80  ? -2.615  -3.140  4.672   1.00 11.02 ? 88  HIS A CB    1 
ATOM   634  C  CG    . HIS A 1 80  ? -3.172  -3.210  6.062   1.00 12.56 ? 88  HIS A CG    1 
ATOM   635  N  ND1   . HIS A 1 80  ? -4.502  -3.430  6.322   1.00 13.54 ? 88  HIS A ND1   1 
ATOM   636  C  CD2   . HIS A 1 80  ? -2.586  -2.973  7.254   1.00 14.68 ? 88  HIS A CD2   1 
ATOM   637  C  CE1   . HIS A 1 80  ? -4.708  -3.381  7.631   1.00 14.82 ? 88  HIS A CE1   1 
ATOM   638  N  NE2   . HIS A 1 80  ? -3.555  -3.118  8.222   1.00 13.48 ? 88  HIS A NE2   1 
ATOM   639  N  N     . ILE A 1 81  ? -3.956  -0.039  5.149   1.00 12.31 ? 89  ILE A N     1 
ATOM   640  C  CA    . ILE A 1 81  ? -3.820  1.155   5.974   1.00 12.76 ? 89  ILE A CA    1 
ATOM   641  C  C     . ILE A 1 81  ? -3.912  0.768   7.462   1.00 12.66 ? 89  ILE A C     1 
ATOM   642  O  O     . ILE A 1 81  ? -4.827  0.040   7.867   1.00 13.04 ? 89  ILE A O     1 
ATOM   643  C  CB    . ILE A 1 81  ? -4.902  2.173   5.620   1.00 13.04 ? 89  ILE A CB    1 
ATOM   644  C  CG1   . ILE A 1 81  ? -4.843  2.534   4.114   1.00 13.15 ? 89  ILE A CG1   1 
ATOM   645  C  CG2   . ILE A 1 81  ? -4.725  3.487   6.474   1.00 13.45 ? 89  ILE A CG2   1 
ATOM   646  C  CD1   . ILE A 1 81  ? -6.040  3.413   3.673   1.00 17.47 ? 89  ILE A CD1   1 
ATOM   647  N  N     . MET A 1 82  ? -2.994  1.302   8.265   1.00 12.68 ? 90  MET A N     1 
ATOM   648  C  CA    . MET A 1 82  ? -3.004  1.089   9.720   1.00 13.71 ? 90  MET A CA    1 
ATOM   649  C  C     . MET A 1 82  ? -3.998  2.048   10.380  1.00 14.31 ? 90  MET A C     1 
ATOM   650  O  O     . MET A 1 82  ? -3.637  3.017   11.077  1.00 14.87 ? 90  MET A O     1 
ATOM   651  C  CB    . MET A 1 82  ? -1.566  1.187   10.272  1.00 13.97 ? 90  MET A CB    1 
ATOM   652  C  CG    . MET A 1 82  ? -0.804  -0.082  10.062  1.00 16.74 ? 90  MET A CG    1 
ATOM   653  S  SD    . MET A 1 82  ? 0.047   -0.143  8.433   1.00 16.12 ? 90  MET A SD    1 
ATOM   654  C  CE    . MET A 1 82  ? 1.629   0.610   8.903   1.00 15.65 ? 90  MET A CE    1 
ATOM   655  N  N     . HIS A 1 83  ? -5.270  1.773   10.123  1.00 13.98 ? 91  HIS A N     1 
ATOM   656  C  CA    . HIS A 1 83  ? -6.356  2.555   10.711  1.00 14.27 ? 91  HIS A CA    1 
ATOM   657  C  C     . HIS A 1 83  ? -7.610  1.714   10.626  1.00 15.51 ? 91  HIS A C     1 
ATOM   658  O  O     . HIS A 1 83  ? -7.849  1.045   9.625   1.00 14.48 ? 91  HIS A O     1 
ATOM   659  C  CB    . HIS A 1 83  ? -6.545  3.892   9.974   1.00 14.85 ? 91  HIS A CB    1 
ATOM   660  C  CG    . HIS A 1 83  ? -7.710  4.699   10.476  1.00 16.59 ? 91  HIS A CG    1 
ATOM   661  N  ND1   . HIS A 1 83  ? -7.700  5.350   11.696  1.00 18.49 ? 91  HIS A ND1   1 
ATOM   662  C  CD2   . HIS A 1 83  ? -8.914  4.967   9.914   1.00 17.11 ? 91  HIS A CD2   1 
ATOM   663  C  CE1   . HIS A 1 83  ? -8.851  5.983   11.862  1.00 15.48 ? 91  HIS A CE1   1 
ATOM   664  N  NE2   . HIS A 1 83  ? -9.609  5.755   10.800  1.00 16.95 ? 91  HIS A NE2   1 
ATOM   665  N  N     . THR A 1 84  ? -8.400  1.717   11.698  1.00 15.52 ? 92  THR A N     1 
ATOM   666  C  CA    . THR A 1 84  ? -9.691  1.014   11.670  1.00 17.32 ? 92  THR A CA    1 
ATOM   667  C  C     . THR A 1 84  ? -10.772 1.890   11.067  1.00 18.18 ? 92  THR A C     1 
ATOM   668  O  O     . THR A 1 84  ? -11.128 2.916   11.655  1.00 18.05 ? 92  THR A O     1 
ATOM   669  C  CB    . THR A 1 84  ? -10.096 0.571   13.085  1.00 18.53 ? 92  THR A CB    1 
ATOM   670  O  OG1   . THR A 1 84  ? -9.054  -0.243  13.605  1.00 18.56 ? 92  THR A OG1   1 
ATOM   671  C  CG2   . THR A 1 84  ? -11.302 -0.365  13.008  1.00 19.29 ? 92  THR A CG2   1 
ATOM   672  N  N     . PHE A 1 85  ? -11.292 1.476   9.915   1.00 18.67 ? 93  PHE A N     1 
ATOM   673  C  CA    . PHE A 1 85  ? -12.383 2.187   9.250   1.00 20.45 ? 93  PHE A CA    1 
ATOM   674  C  C     . PHE A 1 85  ? -13.701 1.532   9.624   1.00 22.25 ? 93  PHE A C     1 
ATOM   675  O  O     . PHE A 1 85  ? -13.765 0.305   9.765   1.00 24.04 ? 93  PHE A O     1 
ATOM   676  C  CB    . PHE A 1 85  ? -12.220 2.126   7.721   1.00 18.87 ? 93  PHE A CB    1 
ATOM   677  C  CG    . PHE A 1 85  ? -11.045 2.929   7.196   1.00 17.55 ? 93  PHE A CG    1 
ATOM   678  C  CD1   . PHE A 1 85  ? -9.769  2.378   7.178   1.00 18.00 ? 93  PHE A CD1   1 
ATOM   679  C  CD2   . PHE A 1 85  ? -11.233 4.238   6.715   1.00 18.07 ? 93  PHE A CD2   1 
ATOM   680  C  CE1   . PHE A 1 85  ? -8.669  3.114   6.665   1.00 17.38 ? 93  PHE A CE1   1 
ATOM   681  C  CE2   . PHE A 1 85  ? -10.159 4.986   6.228   1.00 19.70 ? 93  PHE A CE2   1 
ATOM   682  C  CZ    . PHE A 1 85  ? -8.871  4.423   6.209   1.00 18.36 ? 93  PHE A CZ    1 
ATOM   683  N  N     . LYS A 1 86  ? -14.745 2.346   9.704   1.00 25.07 ? 94  LYS A N     1 
ATOM   684  C  CA    . LYS A 1 86  ? -16.078 1.905   10.147  1.00 26.55 ? 94  LYS A CA    1 
ATOM   685  C  C     . LYS A 1 86  ? -16.885 1.373   8.980   1.00 26.46 ? 94  LYS A C     1 
ATOM   686  O  O     . LYS A 1 86  ? -17.868 0.666   9.167   1.00 26.38 ? 94  LYS A O     1 
ATOM   687  C  CB    . LYS A 1 86  ? -16.852 3.063   10.790  1.00 27.29 ? 94  LYS A CB    1 
ATOM   688  C  CG    . LYS A 1 86  ? -16.094 3.807   11.892  1.00 31.12 ? 94  LYS A CG    1 
ATOM   689  C  CD    . LYS A 1 86  ? -16.556 3.390   13.305  1.00 34.31 ? 94  LYS A CD    1 
ATOM   690  C  CE    . LYS A 1 86  ? -17.627 4.347   13.865  1.00 37.22 ? 94  LYS A CE    1 
ATOM   691  N  NZ    . LYS A 1 86  ? -17.259 5.777   13.651  1.00 38.04 ? 94  LYS A NZ    1 
ATOM   692  N  N     . GLU A 1 87  ? -16.485 1.741   7.765   1.00 25.46 ? 95  GLU A N     1 
ATOM   693  C  CA    . GLU A 1 87  ? -17.094 1.152   6.579   1.00 25.20 ? 95  GLU A CA    1 
ATOM   694  C  C     . GLU A 1 87  ? -16.074 1.008   5.498   1.00 23.60 ? 95  GLU A C     1 
ATOM   695  O  O     . GLU A 1 87  ? -15.009 1.617   5.575   1.00 23.00 ? 95  GLU A O     1 
ATOM   696  C  CB    . GLU A 1 87  ? -18.263 1.969   6.029   1.00 25.69 ? 95  GLU A CB    1 
ATOM   697  C  CG    . GLU A 1 87  ? -18.066 3.457   5.855   1.00 29.47 ? 95  GLU A CG    1 
ATOM   698  C  CD    . GLU A 1 87  ? -19.388 4.185   6.019   1.00 35.06 ? 95  GLU A CD    1 
ATOM   699  O  OE1   . GLU A 1 87  ? -20.220 3.734   6.847   1.00 38.04 ? 95  GLU A OE1   1 
ATOM   700  O  OE2   . GLU A 1 87  ? -19.619 5.191   5.319   1.00 37.29 ? 95  GLU A OE2   1 
ATOM   701  N  N     . ASP A 1 88  ? -16.427 0.222   4.491   1.00 22.15 ? 96  ASP A N     1 
ATOM   702  C  CA    . ASP A 1 88  ? -15.603 0.118   3.300   1.00 20.97 ? 96  ASP A CA    1 
ATOM   703  C  C     . ASP A 1 88  ? -15.576 1.438   2.564   1.00 19.78 ? 96  ASP A C     1 
ATOM   704  O  O     . ASP A 1 88  ? -16.410 2.329   2.796   1.00 19.86 ? 96  ASP A O     1 
ATOM   705  C  CB    . ASP A 1 88  ? -16.148 -0.962  2.383   1.00 21.90 ? 96  ASP A CB    1 
ATOM   706  C  CG    . ASP A 1 88  ? -15.910 -2.366  2.925   1.00 24.67 ? 96  ASP A CG    1 
ATOM   707  O  OD1   . ASP A 1 88  ? -15.021 -2.582  3.796   1.00 23.02 ? 96  ASP A OD1   1 
ATOM   708  O  OD2   . ASP A 1 88  ? -16.590 -3.326  2.518   1.00 28.42 ? 96  ASP A OD2   1 
ATOM   709  N  N     . PHE A 1 89  ? -14.606 1.568   1.661   1.00 17.57 ? 97  PHE A N     1 
ATOM   710  C  CA    . PHE A 1 89  ? -14.492 2.782   0.880   1.00 17.03 ? 97  PHE A CA    1 
ATOM   711  C  C     . PHE A 1 89  ? -14.271 2.533   -0.591  1.00 16.18 ? 97  PHE A C     1 
ATOM   712  O  O     . PHE A 1 89  ? -13.492 3.237   -1.248  1.00 15.59 ? 97  PHE A O     1 
ATOM   713  C  CB    . PHE A 1 89  ? -13.415 3.725   1.474   1.00 16.22 ? 97  PHE A CB    1 
ATOM   714  C  CG    . PHE A 1 89  ? -12.111 3.058   1.867   1.00 14.68 ? 97  PHE A CG    1 
ATOM   715  C  CD1   . PHE A 1 89  ? -11.066 2.907   0.930   1.00 13.93 ? 97  PHE A CD1   1 
ATOM   716  C  CD2   . PHE A 1 89  ? -11.879 2.691   3.200   1.00 15.01 ? 97  PHE A CD2   1 
ATOM   717  C  CE1   . PHE A 1 89  ? -9.833  2.330   1.326   1.00 14.02 ? 97  PHE A CE1   1 
ATOM   718  C  CE2   . PHE A 1 89  ? -10.644 2.134   3.596   1.00 12.97 ? 97  PHE A CE2   1 
ATOM   719  C  CZ    . PHE A 1 89  ? -9.617  1.973   2.645   1.00 13.75 ? 97  PHE A CZ    1 
ATOM   720  N  N     . TYR A 1 90  ? -14.975 1.534   -1.128  1.00 16.27 ? 98  TYR A N     1 
ATOM   721  C  CA    . TYR A 1 90  ? -14.889 1.246   -2.554  1.00 16.17 ? 98  TYR A CA    1 
ATOM   722  C  C     . TYR A 1 90  ? -15.361 2.453   -3.328  1.00 16.10 ? 98  TYR A C     1 
ATOM   723  O  O     . TYR A 1 90  ? -16.393 3.066   -2.958  1.00 16.93 ? 98  TYR A O     1 
ATOM   724  C  CB    . TYR A 1 90  ? -15.758 0.041   -2.883  1.00 16.25 ? 98  TYR A CB    1 
ATOM   725  C  CG    . TYR A 1 90  ? -15.104 -1.240  -2.459  1.00 14.44 ? 98  TYR A CG    1 
ATOM   726  C  CD1   . TYR A 1 90  ? -14.003 -1.747  -3.159  1.00 13.84 ? 98  TYR A CD1   1 
ATOM   727  C  CD2   . TYR A 1 90  ? -15.539 -1.923  -1.346  1.00 16.02 ? 98  TYR A CD2   1 
ATOM   728  C  CE1   . TYR A 1 90  ? -13.372 -2.936  -2.735  1.00 11.84 ? 98  TYR A CE1   1 
ATOM   729  C  CE2   . TYR A 1 90  ? -14.917 -3.129  -0.904  1.00 15.15 ? 98  TYR A CE2   1 
ATOM   730  C  CZ    . TYR A 1 90  ? -13.838 -3.621  -1.608  1.00 12.83 ? 98  TYR A CZ    1 
ATOM   731  O  OH    . TYR A 1 90  ? -13.267 -4.810  -1.190  1.00 13.45 ? 98  TYR A OH    1 
ATOM   732  N  N     . GLY A 1 91  ? -14.630 2.773   -4.393  1.00 15.69 ? 99  GLY A N     1 
ATOM   733  C  CA    . GLY A 1 91  ? -14.950 3.905   -5.270  1.00 16.61 ? 99  GLY A CA    1 
ATOM   734  C  C     . GLY A 1 91  ? -14.406 5.251   -4.795  1.00 16.87 ? 99  GLY A C     1 
ATOM   735  O  O     . GLY A 1 91  ? -14.394 6.206   -5.568  1.00 17.63 ? 99  GLY A O     1 
ATOM   736  N  N     . GLU A 1 92  ? -13.981 5.348   -3.533  1.00 16.94 ? 100 GLU A N     1 
ATOM   737  C  CA    . GLU A 1 92  ? -13.365 6.589   -3.026  1.00 16.47 ? 100 GLU A CA    1 
ATOM   738  C  C     . GLU A 1 92  ? -11.952 6.682   -3.567  1.00 15.43 ? 100 GLU A C     1 
ATOM   739  O  O     . GLU A 1 92  ? -11.387 5.682   -4.013  1.00 16.06 ? 100 GLU A O     1 
ATOM   740  C  CB    . GLU A 1 92  ? -13.329 6.622   -1.505  1.00 16.42 ? 100 GLU A CB    1 
ATOM   741  C  CG    . GLU A 1 92  ? -14.715 6.575   -0.839  1.00 21.71 ? 100 GLU A CG    1 
ATOM   742  C  CD    . GLU A 1 92  ? -15.507 7.820   -1.124  1.00 31.50 ? 100 GLU A CD    1 
ATOM   743  O  OE1   . GLU A 1 92  ? -15.277 8.841   -0.428  1.00 37.31 ? 100 GLU A OE1   1 
ATOM   744  O  OE2   . GLU A 1 92  ? -16.342 7.802   -2.064  1.00 38.59 ? 100 GLU A OE2   1 
ATOM   745  N  N     . ILE A 1 93  ? -11.360 7.868   -3.513  1.00 14.49 ? 101 ILE A N     1 
ATOM   746  C  CA    . ILE A 1 93  ? -9.972  7.992   -3.957  1.00 13.96 ? 101 ILE A CA    1 
ATOM   747  C  C     . ILE A 1 93  ? -9.004  7.743   -2.804  1.00 14.24 ? 101 ILE A C     1 
ATOM   748  O  O     . ILE A 1 93  ? -9.070  8.416   -1.774  1.00 15.92 ? 101 ILE A O     1 
ATOM   749  C  CB    . ILE A 1 93  ? -9.714  9.384   -4.562  1.00 14.38 ? 101 ILE A CB    1 
ATOM   750  C  CG1   . ILE A 1 93  ? -10.661 9.651   -5.731  1.00 13.36 ? 101 ILE A CG1   1 
ATOM   751  C  CG2   . ILE A 1 93  ? -8.261  9.494   -5.021  1.00 16.44 ? 101 ILE A CG2   1 
ATOM   752  C  CD1   . ILE A 1 93  ? -10.701 8.542   -6.760  1.00 15.76 ? 101 ILE A CD1   1 
ATOM   753  N  N     . LEU A 1 94  ? -8.095  6.802   -3.005  1.00 13.78 ? 102 LEU A N     1 
ATOM   754  C  CA    . LEU A 1 94  ? -7.046  6.557   -2.032  1.00 13.92 ? 102 LEU A CA    1 
ATOM   755  C  C     . LEU A 1 94  ? -5.793  7.326   -2.502  1.00 14.61 ? 102 LEU A C     1 
ATOM   756  O  O     . LEU A 1 94  ? -5.339  7.180   -3.655  1.00 14.99 ? 102 LEU A O     1 
ATOM   757  C  CB    . LEU A 1 94  ? -6.813  5.043   -1.968  1.00 13.99 ? 102 LEU A CB    1 
ATOM   758  C  CG    . LEU A 1 94  ? -5.522  4.523   -1.332  1.00 15.11 ? 102 LEU A CG    1 
ATOM   759  C  CD1   . LEU A 1 94  ? -5.598  4.867   0.121   1.00 15.54 ? 102 LEU A CD1   1 
ATOM   760  C  CD2   . LEU A 1 94  ? -5.366  3.028   -1.510  1.00 19.02 ? 102 LEU A CD2   1 
ATOM   761  N  N     . ASN A 1 95  ? -5.272  8.144   -1.603  1.00 12.82 ? 103 ASN A N     1 
ATOM   762  C  CA    . ASN A 1 95  ? -4.078  8.946   -1.851  1.00 13.21 ? 103 ASN A CA    1 
ATOM   763  C  C     . ASN A 1 95  ? -2.894  8.316   -1.130  1.00 12.61 ? 103 ASN A C     1 
ATOM   764  O  O     . ASN A 1 95  ? -2.958  8.133   0.089   1.00 12.85 ? 103 ASN A O     1 
ATOM   765  C  CB    . ASN A 1 95  ? -4.298  10.380  -1.295  1.00 13.65 ? 103 ASN A CB    1 
ATOM   766  C  CG    . ASN A 1 95  ? -5.651  10.976  -1.702  1.00 16.03 ? 103 ASN A CG    1 
ATOM   767  O  OD1   . ASN A 1 95  ? -5.898  11.241  -2.883  1.00 16.92 ? 103 ASN A OD1   1 
ATOM   768  N  ND2   . ASN A 1 95  ? -6.566  11.143  -0.725  1.00 14.46 ? 103 ASN A ND2   1 
ATOM   769  N  N     . VAL A 1 96  ? -1.837  7.975   -1.871  1.00 11.91 ? 104 VAL A N     1 
ATOM   770  C  CA    . VAL A 1 96  ? -0.696  7.291   -1.246  1.00 11.63 ? 104 VAL A CA    1 
ATOM   771  C  C     . VAL A 1 96  ? 0.612   7.973   -1.518  1.00 11.97 ? 104 VAL A C     1 
ATOM   772  O  O     . VAL A 1 96  ? 0.841   8.500   -2.616  1.00 11.12 ? 104 VAL A O     1 
ATOM   773  C  CB    A VAL A 1 96  ? -0.632  5.798   -1.654  0.50 12.71 ? 104 VAL A CB    1 
ATOM   774  C  CB    B VAL A 1 96  ? -0.536  5.711   -1.548  0.50 13.21 ? 104 VAL A CB    1 
ATOM   775  C  CG1   A VAL A 1 96  ? -1.827  5.006   -1.014  0.50 10.30 ? 104 VAL A CG1   1 
ATOM   776  C  CG1   B VAL A 1 96  ? -1.872  4.961   -1.781  0.50 11.11 ? 104 VAL A CG1   1 
ATOM   777  C  CG2   A VAL A 1 96  ? -0.691  5.663   -3.071  0.50 10.57 ? 104 VAL A CG2   1 
ATOM   778  C  CG2   B VAL A 1 96  ? 0.511   5.382   -2.581  0.50 11.46 ? 104 VAL A CG2   1 
ATOM   779  N  N     . ALA A 1 97  ? 1.447   7.976   -0.480  1.00 11.75 ? 105 ALA A N     1 
ATOM   780  C  CA    . ALA A 1 97  ? 2.854   8.353   -0.599  1.00 12.34 ? 105 ALA A CA    1 
ATOM   781  C  C     . ALA A 1 97  ? 3.679   7.146   -0.172  1.00 13.52 ? 105 ALA A C     1 
ATOM   782  O  O     . ALA A 1 97  ? 3.657   6.761   1.011   1.00 13.96 ? 105 ALA A O     1 
ATOM   783  C  CB    . ALA A 1 97  ? 3.147   9.519   0.300   1.00 12.95 ? 105 ALA A CB    1 
ATOM   784  N  N     . ILE A 1 98  ? 4.386   6.555   -1.124  1.00 12.57 ? 106 ILE A N     1 
ATOM   785  C  CA    . ILE A 1 98  ? 5.225   5.385   -0.829  1.00 13.97 ? 106 ILE A CA    1 
ATOM   786  C  C     . ILE A 1 98  ? 6.592   5.951   -0.472  1.00 14.02 ? 106 ILE A C     1 
ATOM   787  O  O     . ILE A 1 98  ? 7.221   6.609   -1.309  1.00 13.90 ? 106 ILE A O     1 
ATOM   788  C  CB    . ILE A 1 98  ? 5.356   4.482   -2.058  1.00 14.44 ? 106 ILE A CB    1 
ATOM   789  C  CG1   . ILE A 1 98  ? 3.969   4.043   -2.601  1.00 16.27 ? 106 ILE A CG1   1 
ATOM   790  C  CG2   . ILE A 1 98  ? 6.295   3.244   -1.734  1.00 16.49 ? 106 ILE A CG2   1 
ATOM   791  C  CD1   . ILE A 1 98  ? 4.077   3.059   -3.737  1.00 17.61 ? 106 ILE A CD1   1 
ATOM   792  N  N     . VAL A 1 99  ? 7.055   5.741   0.762   1.00 13.71 ? 107 VAL A N     1 
ATOM   793  C  CA    . VAL A 1 99  ? 8.263   6.433   1.208   1.00 14.72 ? 107 VAL A CA    1 
ATOM   794  C  C     . VAL A 1 99  ? 9.513   5.586   1.427   1.00 14.88 ? 107 VAL A C     1 
ATOM   795  O  O     . VAL A 1 99  ? 10.621  6.125   1.362   1.00 15.40 ? 107 VAL A O     1 
ATOM   796  C  CB    . VAL A 1 99  ? 8.050   7.308   2.492   1.00 17.65 ? 107 VAL A CB    1 
ATOM   797  C  CG1   . VAL A 1 99  ? 6.813   8.215   2.359   1.00 17.55 ? 107 VAL A CG1   1 
ATOM   798  C  CG2   . VAL A 1 99  ? 7.958   6.429   3.677   1.00 18.36 ? 107 VAL A CG2   1 
ATOM   799  N  N     . GLY A 1 100 ? 9.356   4.280   1.679   1.00 13.59 ? 108 GLY A N     1 
ATOM   800  C  CA    . GLY A 1 100 ? 10.506  3.430   1.953   1.00 14.31 ? 108 GLY A CA    1 
ATOM   801  C  C     . GLY A 1 100 ? 10.229  1.985   1.578   1.00 14.07 ? 108 GLY A C     1 
ATOM   802  O  O     . GLY A 1 100 ? 9.069   1.569   1.401   1.00 14.53 ? 108 GLY A O     1 
ATOM   803  N  N     . TYR A 1 101 ? 11.303  1.206   1.486   1.00 15.21 ? 109 TYR A N     1 
ATOM   804  C  CA    . TYR A 1 101 ? 11.212  -0.221  1.115   1.00 14.86 ? 109 TYR A CA    1 
ATOM   805  C  C     . TYR A 1 101 ? 11.580  -1.043  2.326   1.00 15.21 ? 109 TYR A C     1 
ATOM   806  O  O     . TYR A 1 101 ? 12.572  -0.713  3.044   1.00 15.16 ? 109 TYR A O     1 
ATOM   807  C  CB    . TYR A 1 101 ? 12.260  -0.511  0.066   1.00 14.95 ? 109 TYR A CB    1 
ATOM   808  C  CG    . TYR A 1 101 ? 12.252  -1.882  -0.578  1.00 18.37 ? 109 TYR A CG    1 
ATOM   809  C  CD1   . TYR A 1 101 ? 11.297  -2.177  -1.527  1.00 20.26 ? 109 TYR A CD1   1 
ATOM   810  C  CD2   . TYR A 1 101 ? 13.244  -2.836  -0.304  1.00 21.21 ? 109 TYR A CD2   1 
ATOM   811  C  CE1   . TYR A 1 101 ? 11.292  -3.380  -2.194  1.00 24.18 ? 109 TYR A CE1   1 
ATOM   812  C  CE2   . TYR A 1 101 ? 13.244  -4.086  -0.978  1.00 21.58 ? 109 TYR A CE2   1 
ATOM   813  C  CZ    . TYR A 1 101 ? 12.248  -4.319  -1.922  1.00 22.22 ? 109 TYR A CZ    1 
ATOM   814  O  OH    . TYR A 1 101 ? 12.183  -5.489  -2.649  1.00 27.92 ? 109 TYR A OH    1 
ATOM   815  N  N     . LEU A 1 102 ? 10.816  -2.102  2.562   1.00 14.56 ? 110 LEU A N     1 
ATOM   816  C  CA    . LEU A 1 102 ? 11.112  -3.047  3.665   1.00 14.24 ? 110 LEU A CA    1 
ATOM   817  C  C     . LEU A 1 102 ? 11.914  -4.262  3.258   1.00 14.84 ? 110 LEU A C     1 
ATOM   818  O  O     . LEU A 1 102 ? 12.933  -4.583  3.858   1.00 15.22 ? 110 LEU A O     1 
ATOM   819  C  CB    . LEU A 1 102 ? 9.809   -3.530  4.337   1.00 16.45 ? 110 LEU A CB    1 
ATOM   820  C  CG    . LEU A 1 102 ? 9.053   -2.563  5.226   1.00 15.60 ? 110 LEU A CG    1 
ATOM   821  C  CD1   . LEU A 1 102 ? 7.800   -3.206  5.839   1.00 17.75 ? 110 LEU A CD1   1 
ATOM   822  C  CD2   . LEU A 1 102 ? 10.005  -2.036  6.340   1.00 18.57 ? 110 LEU A CD2   1 
ATOM   823  N  N     . ARG A 1 103 ? 11.430  -4.969  2.258   1.00 13.05 ? 111 ARG A N     1 
ATOM   824  C  CA    . ARG A 1 103 ? 11.982  -6.245  1.855   1.00 13.28 ? 111 ARG A CA    1 
ATOM   825  C  C     . ARG A 1 103 ? 11.397  -6.711  0.548   1.00 13.44 ? 111 ARG A C     1 
ATOM   826  O  O     . ARG A 1 103 ? 10.280  -6.278  0.158   1.00 13.23 ? 111 ARG A O     1 
ATOM   827  C  CB    . ARG A 1 103 ? 11.634  -7.309  2.926   1.00 12.64 ? 111 ARG A CB    1 
ATOM   828  C  CG    . ARG A 1 103 ? 10.102  -7.497  3.138   1.00 12.65 ? 111 ARG A CG    1 
ATOM   829  C  CD    . ARG A 1 103 ? 9.818   -8.626  4.138   1.00 12.81 ? 111 ARG A CD    1 
ATOM   830  N  NE    . ARG A 1 103 ? 8.380   -8.908  4.335   1.00 11.86 ? 111 ARG A NE    1 
ATOM   831  C  CZ    . ARG A 1 103 ? 7.652   -9.679  3.535   1.00 12.68 ? 111 ARG A CZ    1 
ATOM   832  N  NH1   . ARG A 1 103 ? 8.174   -10.229 2.445   1.00 14.61 ? 111 ARG A NH1   1 
ATOM   833  N  NH2   . ARG A 1 103 ? 6.376   -9.907  3.834   1.00 12.75 ? 111 ARG A NH2   1 
ATOM   834  N  N     . PRO A 1 104 ? 12.092  -7.658  -0.095  1.00 14.16 ? 112 PRO A N     1 
ATOM   835  C  CA    . PRO A 1 104 ? 11.523  -8.339  -1.252  1.00 14.20 ? 112 PRO A CA    1 
ATOM   836  C  C     . PRO A 1 104 ? 10.346  -9.198  -0.844  1.00 14.84 ? 112 PRO A C     1 
ATOM   837  O  O     . PRO A 1 104 ? 10.164  -9.548  0.336   1.00 14.32 ? 112 PRO A O     1 
ATOM   838  C  CB    . PRO A 1 104 ? 12.676  -9.225  -1.763  1.00 15.67 ? 112 PRO A CB    1 
ATOM   839  C  CG    . PRO A 1 104 ? 13.581  -9.407  -0.638  1.00 16.56 ? 112 PRO A CG    1 
ATOM   840  C  CD    . PRO A 1 104 ? 13.451  -8.162  0.236   1.00 14.72 ? 112 PRO A CD    1 
ATOM   841  N  N     . GLU A 1 105 ? 9.551   -9.566  -1.842  1.00 15.50 ? 113 GLU A N     1 
ATOM   842  C  CA    . GLU A 1 105 ? 8.570   -10.614 -1.638  1.00 16.85 ? 113 GLU A CA    1 
ATOM   843  C  C     . GLU A 1 105 ? 9.282   -11.904 -1.271  1.00 17.06 ? 113 GLU A C     1 
ATOM   844  O  O     . GLU A 1 105 ? 10.445  -12.117 -1.652  1.00 16.20 ? 113 GLU A O     1 
ATOM   845  C  CB    . GLU A 1 105 ? 7.845   -10.882 -2.944  1.00 18.01 ? 113 GLU A CB    1 
ATOM   846  C  CG    . GLU A 1 105 ? 7.008   -9.710  -3.405  1.00 22.28 ? 113 GLU A CG    1 
ATOM   847  C  CD    . GLU A 1 105 ? 6.021   -10.173 -4.452  1.00 27.99 ? 113 GLU A CD    1 
ATOM   848  O  OE1   . GLU A 1 105 ? 6.466   -10.377 -5.618  1.00 30.92 ? 113 GLU A OE1   1 
ATOM   849  O  OE2   . GLU A 1 105 ? 4.832   -10.374 -4.084  1.00 29.43 ? 113 GLU A OE2   1 
ATOM   850  N  N     . LYS A 1 106 ? 8.582   -12.754 -0.522  1.00 17.58 ? 114 LYS A N     1 
ATOM   851  C  CA    . LYS A 1 106 ? 9.147   -14.023 -0.035  1.00 18.01 ? 114 LYS A CA    1 
ATOM   852  C  C     . LYS A 1 106 ? 8.139   -15.132 -0.215  1.00 18.68 ? 114 LYS A C     1 
ATOM   853  O  O     . LYS A 1 106 ? 6.925   -14.885 -0.282  1.00 17.33 ? 114 LYS A O     1 
ATOM   854  C  CB    . LYS A 1 106 ? 9.583   -13.908 1.459   1.00 18.21 ? 114 LYS A CB    1 
ATOM   855  C  CG    . LYS A 1 106 ? 10.714  -12.861 1.675   1.00 20.85 ? 114 LYS A CG    1 
ATOM   856  C  CD    A LYS A 1 106 ? 11.267  -12.721 3.127   0.50 21.33 ? 114 LYS A CD    1 
ATOM   857  C  CD    B LYS A 1 106 ? 10.726  -12.301 3.115   0.50 21.29 ? 114 LYS A CD    1 
ATOM   858  C  CE    A LYS A 1 106 ? 12.358  -11.617 3.170   0.50 20.58 ? 114 LYS A CE    1 
ATOM   859  C  CE    B LYS A 1 106 ? 11.399  -13.264 4.072   0.50 21.03 ? 114 LYS A CE    1 
ATOM   860  N  NZ    A LYS A 1 106 ? 12.730  -11.121 4.539   0.50 19.55 ? 114 LYS A NZ    1 
ATOM   861  N  NZ    B LYS A 1 106 ? 11.019  -13.051 5.521   0.50 19.09 ? 114 LYS A NZ    1 
ATOM   862  N  N     . ASN A 1 107 ? 8.638   -16.361 -0.311  1.00 18.94 ? 115 ASN A N     1 
ATOM   863  C  CA    . ASN A 1 107 ? 7.767   -17.526 -0.403  1.00 21.16 ? 115 ASN A CA    1 
ATOM   864  C  C     . ASN A 1 107 ? 7.551   -18.038 1.000   1.00 21.18 ? 115 ASN A C     1 
ATOM   865  O  O     . ASN A 1 107 ? 8.519   -18.231 1.753   1.00 22.15 ? 115 ASN A O     1 
ATOM   866  C  CB    . ASN A 1 107 ? 8.422   -18.648 -1.238  1.00 21.44 ? 115 ASN A CB    1 
ATOM   867  C  CG    . ASN A 1 107 ? 8.570   -18.271 -2.684  1.00 26.21 ? 115 ASN A CG    1 
ATOM   868  O  OD1   . ASN A 1 107 ? 7.690   -17.628 -3.262  1.00 31.48 ? 115 ASN A OD1   1 
ATOM   869  N  ND2   . ASN A 1 107 ? 9.710   -18.627 -3.275  1.00 28.23 ? 115 ASN A ND2   1 
ATOM   870  N  N     . PHE A 1 108 ? 6.300   -18.273 1.372   1.00 21.09 ? 116 PHE A N     1 
ATOM   871  C  CA    . PHE A 1 108 ? 6.049   -18.802 2.704   1.00 21.76 ? 116 PHE A CA    1 
ATOM   872  C  C     . PHE A 1 108 ? 5.456   -20.204 2.598   1.00 23.31 ? 116 PHE A C     1 
ATOM   873  O  O     . PHE A 1 108 ? 4.712   -20.487 1.662   1.00 24.15 ? 116 PHE A O     1 
ATOM   874  C  CB    . PHE A 1 108 ? 5.140   -17.830 3.487   1.00 21.11 ? 116 PHE A CB    1 
ATOM   875  C  CG    . PHE A 1 108 ? 5.792   -16.500 3.781   1.00 18.79 ? 116 PHE A CG    1 
ATOM   876  C  CD1   . PHE A 1 108 ? 6.659   -16.361 4.847   1.00 18.30 ? 116 PHE A CD1   1 
ATOM   877  C  CD2   . PHE A 1 108 ? 5.508   -15.387 3.006   1.00 17.49 ? 116 PHE A CD2   1 
ATOM   878  C  CE1   . PHE A 1 108 ? 7.261   -15.119 5.112   1.00 17.97 ? 116 PHE A CE1   1 
ATOM   879  C  CE2   . PHE A 1 108 ? 6.074   -14.159 3.276   1.00 17.95 ? 116 PHE A CE2   1 
ATOM   880  C  CZ    . PHE A 1 108 ? 6.970   -14.028 4.346   1.00 18.35 ? 116 PHE A CZ    1 
ATOM   881  N  N     . ASP A 1 109 ? 5.792   -21.076 3.539   1.00 25.11 ? 117 ASP A N     1 
ATOM   882  C  CA    . ASP A 1 109 ? 5.276   -22.461 3.500   1.00 26.25 ? 117 ASP A CA    1 
ATOM   883  C  C     . ASP A 1 109 ? 3.897   -22.653 4.137   1.00 25.09 ? 117 ASP A C     1 
ATOM   884  O  O     . ASP A 1 109 ? 3.302   -23.742 4.034   1.00 25.09 ? 117 ASP A O     1 
ATOM   885  C  CB    . ASP A 1 109 ? 6.250   -23.455 4.134   1.00 27.64 ? 117 ASP A CB    1 
ATOM   886  C  CG    . ASP A 1 109 ? 6.891   -22.921 5.405   1.00 31.85 ? 117 ASP A CG    1 
ATOM   887  O  OD1   . ASP A 1 109 ? 6.148   -22.577 6.369   1.00 36.39 ? 117 ASP A OD1   1 
ATOM   888  O  OD2   . ASP A 1 109 ? 8.141   -22.800 5.527   1.00 36.71 ? 117 ASP A OD2   1 
ATOM   889  N  N     . SER A 1 110 ? 3.393   -21.624 4.811   1.00 22.29 ? 118 SER A N     1 
ATOM   890  C  CA    . SER A 1 110 ? 2.114   -21.730 5.488   1.00 20.25 ? 118 SER A CA    1 
ATOM   891  C  C     . SER A 1 110 ? 1.475   -20.383 5.642   1.00 19.29 ? 118 SER A C     1 
ATOM   892  O  O     . SER A 1 110 ? 2.150   -19.349 5.630   1.00 18.16 ? 118 SER A O     1 
ATOM   893  C  CB    . SER A 1 110 ? 2.279   -22.345 6.887   1.00 20.41 ? 118 SER A CB    1 
ATOM   894  O  OG    . SER A 1 110 ? 3.049   -21.501 7.741   1.00 17.62 ? 118 SER A OG    1 
ATOM   895  N  N     . LEU A 1 111 ? 0.166   -20.402 5.842   1.00 18.11 ? 119 LEU A N     1 
ATOM   896  C  CA    . LEU A 1 111 ? -0.523  -19.181 6.181   1.00 17.34 ? 119 LEU A CA    1 
ATOM   897  C  C     . LEU A 1 111 ? -0.018  -18.593 7.514   1.00 15.30 ? 119 LEU A C     1 
ATOM   898  O  O     . LEU A 1 111 ? 0.057   -17.371 7.673   1.00 14.43 ? 119 LEU A O     1 
ATOM   899  C  CB    . LEU A 1 111 ? -2.016  -19.451 6.265   1.00 19.05 ? 119 LEU A CB    1 
ATOM   900  C  CG    . LEU A 1 111 ? -2.762  -18.929 5.029   1.00 23.78 ? 119 LEU A CG    1 
ATOM   901  C  CD1   . LEU A 1 111 ? -4.254  -19.292 5.147   1.00 28.21 ? 119 LEU A CD1   1 
ATOM   902  C  CD2   . LEU A 1 111 ? -2.582  -17.440 4.810   1.00 25.46 ? 119 LEU A CD2   1 
ATOM   903  N  N     . GLU A 1 112 ? 0.332   -19.458 8.448   1.00 13.88 ? 120 GLU A N     1 
ATOM   904  C  CA    . GLU A 1 112 ? 0.844   -19.003 9.742   1.00 13.62 ? 120 GLU A CA    1 
ATOM   905  C  C     . GLU A 1 112 ? 2.102   -18.125 9.554   1.00 13.78 ? 120 GLU A C     1 
ATOM   906  O  O     . GLU A 1 112 ? 2.211   -17.028 10.127  1.00 13.70 ? 120 GLU A O     1 
ATOM   907  C  CB    . GLU A 1 112 ? 1.101   -20.209 10.631  1.00 14.97 ? 120 GLU A CB    1 
ATOM   908  C  CG    . GLU A 1 112 ? 1.641   -19.835 11.992  1.00 18.14 ? 120 GLU A CG    1 
ATOM   909  C  CD    . GLU A 1 112 ? 1.924   -21.028 12.861  1.00 19.74 ? 120 GLU A CD    1 
ATOM   910  O  OE1   . GLU A 1 112 ? 1.276   -22.080 12.696  1.00 20.88 ? 120 GLU A OE1   1 
ATOM   911  O  OE2   . GLU A 1 112 ? 2.830   -20.916 13.727  1.00 23.93 ? 120 GLU A OE2   1 
ATOM   912  N  N     . SER A 1 113 ? 3.036   -18.589 8.724   1.00 12.94 ? 121 SER A N     1 
ATOM   913  C  CA    . SER A 1 113 ? 4.245   -17.781 8.482   1.00 12.57 ? 121 SER A CA    1 
ATOM   914  C  C     . SER A 1 113 ? 3.954   -16.533 7.701   1.00 12.47 ? 121 SER A C     1 
ATOM   915  O  O     . SER A 1 113 ? 4.526   -15.461 7.990   1.00 11.99 ? 121 SER A O     1 
ATOM   916  C  CB    A SER A 1 113 ? 5.352   -18.615 7.809   0.50 12.97 ? 121 SER A CB    1 
ATOM   917  C  CB    B SER A 1 113 ? 5.305   -18.619 7.735   0.50 12.54 ? 121 SER A CB    1 
ATOM   918  O  OG    A SER A 1 113 ? 4.864   -19.244 6.649   0.50 15.63 ? 121 SER A OG    1 
ATOM   919  O  OG    B SER A 1 113 ? 5.709   -19.735 8.502   0.50 11.87 ? 121 SER A OG    1 
ATOM   920  N  N     . LEU A 1 114 ? 3.046   -16.621 6.723   1.00 11.63 ? 122 LEU A N     1 
ATOM   921  C  CA    . LEU A 1 114 ? 2.698   -15.439 5.935   1.00 12.61 ? 122 LEU A CA    1 
ATOM   922  C  C     . LEU A 1 114 ? 2.050   -14.363 6.819   1.00 12.79 ? 122 LEU A C     1 
ATOM   923  O  O     . LEU A 1 114 ? 2.421   -13.199 6.774   1.00 12.53 ? 122 LEU A O     1 
ATOM   924  C  CB    . LEU A 1 114 ? 1.748   -15.821 4.786   1.00 12.90 ? 122 LEU A CB    1 
ATOM   925  C  CG    . LEU A 1 114 ? 1.120   -14.628 4.034   1.00 14.85 ? 122 LEU A CG    1 
ATOM   926  C  CD1   . LEU A 1 114 ? 2.184   -13.765 3.299   1.00 17.43 ? 122 LEU A CD1   1 
ATOM   927  C  CD2   . LEU A 1 114 ? 0.128   -15.181 3.035   1.00 18.71 ? 122 LEU A CD2   1 
ATOM   928  N  N     . ILE A 1 115 ? 1.096   -14.774 7.649   1.00 12.48 ? 123 ILE A N     1 
ATOM   929  C  CA    . ILE A 1 115 ? 0.381   -13.790 8.453   1.00 12.65 ? 123 ILE A CA    1 
ATOM   930  C  C     . ILE A 1 115 ? 1.348   -13.162 9.455   1.00 11.84 ? 123 ILE A C     1 
ATOM   931  O  O     . ILE A 1 115 ? 1.344   -11.923 9.665   1.00 13.55 ? 123 ILE A O     1 
ATOM   932  C  CB    . ILE A 1 115 ? -0.841  -14.459 9.169   1.00 13.75 ? 123 ILE A CB    1 
ATOM   933  C  CG1   . ILE A 1 115 ? -1.926  -14.807 8.140   1.00 14.64 ? 123 ILE A CG1   1 
ATOM   934  C  CG2   . ILE A 1 115 ? -1.427  -13.482 10.216  1.00 14.91 ? 123 ILE A CG2   1 
ATOM   935  C  CD1   . ILE A 1 115 ? -3.003  -15.743 8.715   1.00 15.20 ? 123 ILE A CD1   1 
ATOM   936  N  N     . SER A 1 116 ? 2.218   -13.976 10.060  1.00 12.58 ? 124 SER A N     1 
ATOM   937  C  CA    . SER A 1 116 ? 3.179   -13.440 11.021  1.00 11.69 ? 124 SER A CA    1 
ATOM   938  C  C     . SER A 1 116 ? 4.109   -12.424 10.318  1.00 12.78 ? 124 SER A C     1 
ATOM   939  O  O     . SER A 1 116 ? 4.452   -11.373 10.869  1.00 12.74 ? 124 SER A O     1 
ATOM   940  C  CB    . SER A 1 116 ? 3.997   -14.578 11.624  1.00 13.83 ? 124 SER A CB    1 
ATOM   941  O  OG    . SER A 1 116 ? 5.019   -14.020 12.414  1.00 15.12 ? 124 SER A OG    1 
ATOM   942  N  N     . ALA A 1 117 ? 4.488   -12.749 9.096   1.00 12.19 ? 125 ALA A N     1 
ATOM   943  C  CA    . ALA A 1 117 ? 5.341   -11.846 8.325   1.00 13.07 ? 125 ALA A CA    1 
ATOM   944  C  C     . ALA A 1 117 ? 4.679   -10.532 8.020   1.00 14.10 ? 125 ALA A C     1 
ATOM   945  O  O     . ALA A 1 117 ? 5.295   -9.470  8.200   1.00 15.29 ? 125 ALA A O     1 
ATOM   946  C  CB    . ALA A 1 117 ? 5.878   -12.512 7.067   1.00 12.19 ? 125 ALA A CB    1 
ATOM   947  N  N     . ILE A 1 118 ? 3.410   -10.580 7.610   1.00 13.27 ? 126 ILE A N     1 
ATOM   948  C  CA    . ILE A 1 118 ? 2.686   -9.368  7.286   1.00 14.17 ? 126 ILE A CA    1 
ATOM   949  C  C     . ILE A 1 118 ? 2.540   -8.511  8.545   1.00 13.98 ? 126 ILE A C     1 
ATOM   950  O  O     . ILE A 1 118 ? 2.772   -7.288  8.491   1.00 14.09 ? 126 ILE A O     1 
ATOM   951  C  CB    . ILE A 1 118 ? 1.315   -9.689  6.665   1.00 13.47 ? 126 ILE A CB    1 
ATOM   952  C  CG1   . ILE A 1 118 ? 1.483   -10.357 5.305   1.00 13.82 ? 126 ILE A CG1   1 
ATOM   953  C  CG2   . ILE A 1 118 ? 0.488   -8.329  6.503   1.00 15.95 ? 126 ILE A CG2   1 
ATOM   954  C  CD1   . ILE A 1 118 ? 0.158   -10.915 4.738   1.00 15.52 ? 126 ILE A CD1   1 
ATOM   955  N  N     . GLN A 1 119 ? 2.206   -9.144  9.670   1.00 15.53 ? 127 GLN A N     1 
ATOM   956  C  CA    . GLN A 1 119 ? 2.059   -8.394  10.933  1.00 16.09 ? 127 GLN A CA    1 
ATOM   957  C  C     . GLN A 1 119 ? 3.398   -7.762  11.314  1.00 15.45 ? 127 GLN A C     1 
ATOM   958  O  O     . GLN A 1 119 ? 3.463   -6.620  11.786  1.00 14.65 ? 127 GLN A O     1 
ATOM   959  C  CB    . GLN A 1 119 ? 1.555   -9.323  12.041  1.00 16.11 ? 127 GLN A CB    1 
ATOM   960  C  CG    . GLN A 1 119 ? 0.077   -9.719  11.843  1.00 21.63 ? 127 GLN A CG    1 
ATOM   961  C  CD    . GLN A 1 119 ? -0.366  -10.775 12.828  1.00 29.41 ? 127 GLN A CD    1 
ATOM   962  O  OE1   . GLN A 1 119 ? 0.467   -11.331 13.553  1.00 33.88 ? 127 GLN A OE1   1 
ATOM   963  N  NE2   . GLN A 1 119 ? -1.669  -11.086 12.845  1.00 32.89 ? 127 GLN A NE2   1 
ATOM   964  N  N     . GLY A 1 120 ? 4.489   -8.495  11.096  1.00 15.10 ? 128 GLY A N     1 
ATOM   965  C  CA    . GLY A 1 120 ? 5.808   -7.937  11.355  1.00 14.23 ? 128 GLY A CA    1 
ATOM   966  C  C     . GLY A 1 120 ? 6.185   -6.723  10.480  1.00 14.09 ? 128 GLY A C     1 
ATOM   967  O  O     . GLY A 1 120 ? 6.853   -5.768  10.946  1.00 13.84 ? 128 GLY A O     1 
ATOM   968  N  N     . ASP A 1 121 ? 5.799   -6.792  9.206   1.00 14.14 ? 129 ASP A N     1 
ATOM   969  C  CA    . ASP A 1 121 ? 5.976   -5.677  8.261   1.00 13.40 ? 129 ASP A CA    1 
ATOM   970  C  C     . ASP A 1 121 ? 5.223   -4.464  8.797   1.00 13.77 ? 129 ASP A C     1 
ATOM   971  O  O     . ASP A 1 121 ? 5.732   -3.356  8.774   1.00 15.13 ? 129 ASP A O     1 
ATOM   972  C  CB    . ASP A 1 121 ? 5.348   -6.023  6.921   1.00 12.99 ? 129 ASP A CB    1 
ATOM   973  C  CG    . ASP A 1 121 ? 6.121   -7.085  6.139   1.00 14.79 ? 129 ASP A CG    1 
ATOM   974  O  OD1   . ASP A 1 121 ? 7.329   -7.279  6.371   1.00 15.01 ? 129 ASP A OD1   1 
ATOM   975  O  OD2   . ASP A 1 121 ? 5.536   -7.742  5.232   1.00 15.96 ? 129 ASP A OD2   1 
ATOM   976  N  N     . ILE A 1 122 ? 3.975   -4.685  9.214   1.00 14.06 ? 130 ILE A N     1 
ATOM   977  C  CA    . ILE A 1 122 ? 3.152   -3.578  9.729   1.00 13.30 ? 130 ILE A CA    1 
ATOM   978  C  C     . ILE A 1 122 ? 3.818   -2.925  10.967  1.00 13.60 ? 130 ILE A C     1 
ATOM   979  O  O     . ILE A 1 122 ? 3.950   -1.685  11.050  1.00 13.82 ? 130 ILE A O     1 
ATOM   980  C  CB    . ILE A 1 122 ? 1.751   -4.082  10.047  1.00 13.82 ? 130 ILE A CB    1 
ATOM   981  C  CG1   . ILE A 1 122 ? 0.966   -4.309  8.761   1.00 14.06 ? 130 ILE A CG1   1 
ATOM   982  C  CG2   . ILE A 1 122 ? 0.996   -3.058  11.004  1.00 13.92 ? 130 ILE A CG2   1 
ATOM   983  C  CD1   . ILE A 1 122 ? -0.298  -5.242  8.916   1.00 16.35 ? 130 ILE A CD1   1 
ATOM   984  N  N     . GLU A 1 123 ? 4.291   -3.745  11.903  1.00 12.94 ? 131 GLU A N     1 
ATOM   985  C  CA    . GLU A 1 123 ? 4.966   -3.205  13.083  1.00 13.43 ? 131 GLU A CA    1 
ATOM   986  C  C     . GLU A 1 123 ? 6.246   -2.434  12.737  1.00 13.26 ? 131 GLU A C     1 
ATOM   987  O  O     . GLU A 1 123 ? 6.482   -1.387  13.286  1.00 14.35 ? 131 GLU A O     1 
ATOM   988  C  CB    . GLU A 1 123 ? 5.218   -4.315  14.105  1.00 15.13 ? 131 GLU A CB    1 
ATOM   989  C  CG    . GLU A 1 123 ? 3.900   -4.828  14.728  1.00 19.31 ? 131 GLU A CG    1 
ATOM   990  C  CD    . GLU A 1 123 ? 2.968   -3.691  15.242  1.00 23.98 ? 131 GLU A CD    1 
ATOM   991  O  OE1   . GLU A 1 123 ? 3.421   -2.839  16.026  1.00 26.44 ? 131 GLU A OE1   1 
ATOM   992  O  OE2   . GLU A 1 123 ? 1.787   -3.602  14.822  1.00 23.65 ? 131 GLU A OE2   1 
ATOM   993  N  N     . GLU A 1 124 ? 7.044   -2.952  11.817  1.00 12.60 ? 132 GLU A N     1 
ATOM   994  C  CA    . GLU A 1 124 ? 8.306   -2.319  11.409  1.00 12.73 ? 132 GLU A CA    1 
ATOM   995  C  C     . GLU A 1 124 ? 7.989   -1.004  10.671  1.00 13.16 ? 132 GLU A C     1 
ATOM   996  O  O     . GLU A 1 124 ? 8.637   0.007   10.910  1.00 12.92 ? 132 GLU A O     1 
ATOM   997  C  CB    . GLU A 1 124 ? 9.097   -3.284  10.490  1.00 12.90 ? 132 GLU A CB    1 
ATOM   998  C  CG    . GLU A 1 124 ? 10.441  -2.747  10.001  1.00 13.83 ? 132 GLU A CG    1 
ATOM   999  C  CD    . GLU A 1 124 ? 11.477  -2.555  11.117  1.00 17.40 ? 132 GLU A CD    1 
ATOM   1000 O  OE1   . GLU A 1 124 ? 11.238  -2.892  12.298  1.00 17.19 ? 132 GLU A OE1   1 
ATOM   1001 O  OE2   . GLU A 1 124 ? 12.537  -1.992  10.798  1.00 18.82 ? 132 GLU A OE2   1 
ATOM   1002 N  N     . ALA A 1 125 ? 6.982   -1.018  9.806   1.00 12.73 ? 133 ALA A N     1 
ATOM   1003 C  CA    . ALA A 1 125 ? 6.555   0.213   9.121   1.00 12.36 ? 133 ALA A CA    1 
ATOM   1004 C  C     . ALA A 1 125 ? 6.177   1.300   10.140  1.00 12.08 ? 133 ALA A C     1 
ATOM   1005 O  O     . ALA A 1 125 ? 6.590   2.463   10.000  1.00 12.26 ? 133 ALA A O     1 
ATOM   1006 C  CB    . ALA A 1 125 ? 5.389   -0.070  8.206   1.00 13.64 ? 133 ALA A CB    1 
ATOM   1007 N  N     . LYS A 1 126 ? 5.419   0.933   11.170  1.00 12.30 ? 134 LYS A N     1 
ATOM   1008 C  CA    . LYS A 1 126 ? 4.996   1.927   12.145  1.00 12.86 ? 134 LYS A CA    1 
ATOM   1009 C  C     . LYS A 1 126 ? 6.208   2.582   12.782  1.00 12.60 ? 134 LYS A C     1 
ATOM   1010 O  O     . LYS A 1 126 ? 6.209   3.797   13.034  1.00 13.22 ? 134 LYS A O     1 
ATOM   1011 C  CB    . LYS A 1 126 ? 4.115   1.293   13.222  1.00 13.24 ? 134 LYS A CB    1 
ATOM   1012 C  CG    . LYS A 1 126 ? 2.733   0.879   12.747  1.00 13.98 ? 134 LYS A CG    1 
ATOM   1013 C  CD    . LYS A 1 126 ? 2.064   0.145   13.942  1.00 20.61 ? 134 LYS A CD    1 
ATOM   1014 C  CE    . LYS A 1 126 ? 0.679   -0.309  13.645  1.00 26.60 ? 134 LYS A CE    1 
ATOM   1015 N  NZ    . LYS A 1 126 ? 0.155   -1.159  14.785  1.00 27.10 ? 134 LYS A NZ    1 
ATOM   1016 N  N     . LYS A 1 127 ? 7.246   1.786   13.055  1.00 12.92 ? 135 LYS A N     1 
ATOM   1017 C  CA    . LYS A 1 127 ? 8.450   2.335   13.703  1.00 13.16 ? 135 LYS A CA    1 
ATOM   1018 C  C     . LYS A 1 127 ? 9.234   3.246   12.738  1.00 13.28 ? 135 LYS A C     1 
ATOM   1019 O  O     . LYS A 1 127 ? 9.735   4.303   13.141  1.00 12.68 ? 135 LYS A O     1 
ATOM   1020 C  CB    . LYS A 1 127 ? 9.356   1.194   14.189  1.00 13.78 ? 135 LYS A CB    1 
ATOM   1021 C  CG    . LYS A 1 127 ? 8.700   0.352   15.277  1.00 18.63 ? 135 LYS A CG    1 
ATOM   1022 C  CD    . LYS A 1 127 ? 9.589   -0.863  15.590  1.00 22.87 ? 135 LYS A CD    1 
ATOM   1023 C  CE    . LYS A 1 127 ? 8.773   -1.986  16.224  1.00 27.93 ? 135 LYS A CE    1 
ATOM   1024 N  NZ    . LYS A 1 127 ? 9.680   -3.137  16.538  1.00 31.60 ? 135 LYS A NZ    1 
ATOM   1025 N  N     . ARG A 1 128 ? 9.387   2.804   11.485  1.00 12.12 ? 136 ARG A N     1 
ATOM   1026 C  CA    . ARG A 1 128 ? 10.217  3.549   10.543  1.00 13.49 ? 136 ARG A CA    1 
ATOM   1027 C  C     . ARG A 1 128 ? 9.573   4.885   10.210  1.00 12.98 ? 136 ARG A C     1 
ATOM   1028 O  O     . ARG A 1 128 ? 10.283  5.865   9.968   1.00 13.39 ? 136 ARG A O     1 
ATOM   1029 C  CB    . ARG A 1 128 ? 10.488  2.760   9.269   1.00 13.84 ? 136 ARG A CB    1 
ATOM   1030 C  CG    . ARG A 1 128 ? 11.371  1.522   9.509   1.00 14.55 ? 136 ARG A CG    1 
ATOM   1031 C  CD    . ARG A 1 128 ? 11.991  0.971   8.232   1.00 14.85 ? 136 ARG A CD    1 
ATOM   1032 N  NE    . ARG A 1 128 ? 12.633  -0.294  8.509   1.00 15.59 ? 136 ARG A NE    1 
ATOM   1033 C  CZ    . ARG A 1 128 ? 13.247  -1.036  7.592   1.00 17.17 ? 136 ARG A CZ    1 
ATOM   1034 N  NH1   . ARG A 1 128 ? 13.376  -0.585  6.351   1.00 17.87 ? 136 ARG A NH1   1 
ATOM   1035 N  NH2   . ARG A 1 128 ? 13.758  -2.215  7.951   1.00 18.64 ? 136 ARG A NH2   1 
ATOM   1036 N  N     . LEU A 1 129 ? 8.241   4.930   10.218  1.00 12.43 ? 137 LEU A N     1 
ATOM   1037 C  CA    . LEU A 1 129 ? 7.537   6.160   9.786   1.00 12.70 ? 137 LEU A CA    1 
ATOM   1038 C  C     . LEU A 1 129 ? 7.629   7.255   10.846  1.00 14.24 ? 137 LEU A C     1 
ATOM   1039 O  O     . LEU A 1 129 ? 7.159   8.374   10.609  1.00 15.24 ? 137 LEU A O     1 
ATOM   1040 C  CB    . LEU A 1 129 ? 6.073   5.820   9.478   1.00 13.16 ? 137 LEU A CB    1 
ATOM   1041 C  CG    . LEU A 1 129 ? 5.943   5.076   8.131   1.00 11.35 ? 137 LEU A CG    1 
ATOM   1042 C  CD1   . LEU A 1 129 ? 4.614   4.368   8.034   1.00 11.60 ? 137 LEU A CD1   1 
ATOM   1043 C  CD2   . LEU A 1 129 ? 6.076   6.075   6.991   1.00 12.72 ? 137 LEU A CD2   1 
ATOM   1044 N  N     . GLU A 1 130 ? 8.199   6.920   12.010  1.00 14.86 ? 138 GLU A N     1 
ATOM   1045 C  CA    . GLU A 1 130 ? 8.419   7.920   13.060  1.00 16.18 ? 138 GLU A CA    1 
ATOM   1046 C  C     . GLU A 1 130 ? 9.700   8.727   12.865  1.00 16.35 ? 138 GLU A C     1 
ATOM   1047 O  O     . GLU A 1 130 ? 9.926   9.734   13.552  1.00 16.58 ? 138 GLU A O     1 
ATOM   1048 C  CB    . GLU A 1 130 ? 8.394   7.255   14.442  1.00 16.57 ? 138 GLU A CB    1 
ATOM   1049 C  CG    . GLU A 1 130 ? 7.005   6.802   14.886  1.00 17.88 ? 138 GLU A CG    1 
ATOM   1050 C  CD    . GLU A 1 130 ? 5.996   7.931   14.981  1.00 21.77 ? 138 GLU A CD    1 
ATOM   1051 O  OE1   . GLU A 1 130 ? 6.321   9.031   15.540  1.00 24.21 ? 138 GLU A OE1   1 
ATOM   1052 O  OE2   . GLU A 1 130 ? 4.855   7.743   14.517  1.00 21.61 ? 138 GLU A OE2   1 
ATOM   1053 N  N     . LEU A 1 131 ? 10.561  8.269   11.964  1.00 17.00 ? 139 LEU A N     1 
ATOM   1054 C  CA    . LEU A 1 131 ? 11.808  8.962   11.675  1.00 17.64 ? 139 LEU A CA    1 
ATOM   1055 C  C     . LEU A 1 131 ? 11.452  10.318  11.104  1.00 17.11 ? 139 LEU A C     1 
ATOM   1056 O  O     . LEU A 1 131 ? 10.569  10.427  10.261  1.00 16.47 ? 139 LEU A O     1 
ATOM   1057 C  CB    . LEU A 1 131 ? 12.638  8.141   10.694  1.00 18.41 ? 139 LEU A CB    1 
ATOM   1058 C  CG    . LEU A 1 131 ? 13.349  6.907   11.238  1.00 20.43 ? 139 LEU A CG    1 
ATOM   1059 C  CD1   . LEU A 1 131 ? 14.017  6.154   10.072  1.00 23.70 ? 139 LEU A CD1   1 
ATOM   1060 C  CD2   . LEU A 1 131 ? 14.404  7.318   12.252  1.00 20.61 ? 139 LEU A CD2   1 
ATOM   1061 N  N     . PRO A 1 132 ? 12.077  11.382  11.598  1.00 17.17 ? 140 PRO A N     1 
ATOM   1062 C  CA    . PRO A 1 132 ? 11.651  12.729  11.198  1.00 17.21 ? 140 PRO A CA    1 
ATOM   1063 C  C     . PRO A 1 132 ? 11.586  12.895  9.675   1.00 17.19 ? 140 PRO A C     1 
ATOM   1064 O  O     . PRO A 1 132 ? 10.702  13.598  9.216   1.00 16.89 ? 140 PRO A O     1 
ATOM   1065 C  CB    . PRO A 1 132 ? 12.735  13.644  11.807  1.00 17.45 ? 140 PRO A CB    1 
ATOM   1066 C  CG    . PRO A 1 132 ? 13.368  12.830  12.845  1.00 18.85 ? 140 PRO A CG    1 
ATOM   1067 C  CD    . PRO A 1 132 ? 13.171  11.398  12.584  1.00 17.11 ? 140 PRO A CD    1 
ATOM   1068 N  N     . GLU A 1 133 ? 12.484  12.242  8.936   1.00 18.53 ? 141 GLU A N     1 
ATOM   1069 C  CA    . GLU A 1 133 ? 12.556  12.331  7.471   1.00 19.12 ? 141 GLU A CA    1 
ATOM   1070 C  C     . GLU A 1 133 ? 11.288  11.782  6.783   1.00 18.39 ? 141 GLU A C     1 
ATOM   1071 O  O     . GLU A 1 133 ? 10.871  12.251  5.703   1.00 17.56 ? 141 GLU A O     1 
ATOM   1072 C  CB    . GLU A 1 133 ? 13.786  11.577  6.965   1.00 20.89 ? 141 GLU A CB    1 
ATOM   1073 C  CG    . GLU A 1 133 ? 13.613  10.962  5.573   1.00 26.26 ? 141 GLU A CG    1 
ATOM   1074 C  CD    . GLU A 1 133 ? 14.907  10.480  4.921   1.00 34.27 ? 141 GLU A CD    1 
ATOM   1075 O  OE1   . GLU A 1 133 ? 15.811  9.963   5.627   1.00 37.44 ? 141 GLU A OE1   1 
ATOM   1076 O  OE2   . GLU A 1 133 ? 14.990  10.597  3.669   1.00 38.28 ? 141 GLU A OE2   1 
ATOM   1077 N  N     . TYR A 1 134 ? 10.660  10.805  7.422   1.00 17.84 ? 142 TYR A N     1 
ATOM   1078 C  CA    . TYR A 1 134 ? 9.444   10.210  6.873   1.00 17.50 ? 142 TYR A CA    1 
ATOM   1079 C  C     . TYR A 1 134 ? 8.208   10.791  7.519   1.00 18.01 ? 142 TYR A C     1 
ATOM   1080 O  O     . TYR A 1 134 ? 7.176   10.993  6.872   1.00 17.51 ? 142 TYR A O     1 
ATOM   1081 C  CB    . TYR A 1 134 ? 9.477   8.699   7.076   1.00 17.12 ? 142 TYR A CB    1 
ATOM   1082 C  CG    . TYR A 1 134 ? 10.622  8.034   6.381   1.00 17.84 ? 142 TYR A CG    1 
ATOM   1083 C  CD1   . TYR A 1 134 ? 10.961  8.362   5.071   1.00 18.64 ? 142 TYR A CD1   1 
ATOM   1084 C  CD2   . TYR A 1 134 ? 11.373  7.057   7.035   1.00 17.40 ? 142 TYR A CD2   1 
ATOM   1085 C  CE1   . TYR A 1 134 ? 12.030  7.741   4.430   1.00 22.19 ? 142 TYR A CE1   1 
ATOM   1086 C  CE2   . TYR A 1 134 ? 12.423  6.427   6.414   1.00 22.50 ? 142 TYR A CE2   1 
ATOM   1087 C  CZ    . TYR A 1 134 ? 12.757  6.762   5.115   1.00 23.11 ? 142 TYR A CZ    1 
ATOM   1088 O  OH    . TYR A 1 134 ? 13.828  6.129   4.524   1.00 24.56 ? 142 TYR A OH    1 
ATOM   1089 N  N     . LEU A 1 135 ? 8.315   11.094  8.810   1.00 18.13 ? 143 LEU A N     1 
ATOM   1090 C  CA    . LEU A 1 135 ? 7.206   11.713  9.521   1.00 18.62 ? 143 LEU A CA    1 
ATOM   1091 C  C     . LEU A 1 135 ? 6.693   12.977  8.837   1.00 18.33 ? 143 LEU A C     1 
ATOM   1092 O  O     . LEU A 1 135 ? 5.477   13.212  8.782   1.00 19.83 ? 143 LEU A O     1 
ATOM   1093 C  CB    . LEU A 1 135 ? 7.599   11.990  10.999  1.00 18.44 ? 143 LEU A CB    1 
ATOM   1094 C  CG    . LEU A 1 135 ? 6.448   12.213  11.975  1.00 19.36 ? 143 LEU A CG    1 
ATOM   1095 C  CD1   . LEU A 1 135 ? 5.330   11.195  11.855  1.00 19.70 ? 143 LEU A CD1   1 
ATOM   1096 C  CD2   . LEU A 1 135 ? 6.932   12.290  13.433  1.00 17.70 ? 143 LEU A CD2   1 
ATOM   1097 N  N     . LYS A 1 136 ? 7.593   13.801  8.297   1.00 17.13 ? 144 LYS A N     1 
ATOM   1098 C  CA    . LYS A 1 136 ? 7.176   15.034  7.637   1.00 17.49 ? 144 LYS A CA    1 
ATOM   1099 C  C     . LYS A 1 136 ? 6.311   14.849  6.387   1.00 16.73 ? 144 LYS A C     1 
ATOM   1100 O  O     . LYS A 1 136 ? 5.567   15.746  6.021   1.00 16.63 ? 144 LYS A O     1 
ATOM   1101 C  CB    . LYS A 1 136 ? 8.390   15.872  7.258   1.00 17.19 ? 144 LYS A CB    1 
ATOM   1102 C  CG    . LYS A 1 136 ? 9.222   15.195  6.178   1.00 19.86 ? 144 LYS A CG    1 
ATOM   1103 C  CD    . LYS A 1 136 ? 10.398  16.023  5.721   1.00 23.98 ? 144 LYS A CD    1 
ATOM   1104 C  CE    . LYS A 1 136 ? 10.849  15.517  4.348   1.00 25.08 ? 144 LYS A CE    1 
ATOM   1105 N  NZ    . LYS A 1 136 ? 11.822  14.391  4.426   1.00 24.12 ? 144 LYS A NZ    1 
ATOM   1106 N  N     . ILE A 1 137 ? 6.445   13.712  5.715   1.00 17.08 ? 145 ILE A N     1 
ATOM   1107 C  CA    . ILE A 1 137 ? 5.775   13.510  4.426   1.00 17.56 ? 145 ILE A CA    1 
ATOM   1108 C  C     . ILE A 1 137 ? 4.263   13.462  4.640   1.00 18.53 ? 145 ILE A C     1 
ATOM   1109 O  O     . ILE A 1 137 ? 3.478   13.731  3.725   1.00 18.66 ? 145 ILE A O     1 
ATOM   1110 C  CB    . ILE A 1 137 ? 6.285   12.201  3.748   1.00 17.22 ? 145 ILE A CB    1 
ATOM   1111 C  CG1   A ILE A 1 137 ? 7.795   12.353  3.502   0.50 16.82 ? 145 ILE A CG1   1 
ATOM   1112 C  CG1   B ILE A 1 137 ? 7.806   12.242  3.571   0.50 18.10 ? 145 ILE A CG1   1 
ATOM   1113 C  CG2   . ILE A 1 137 ? 5.548   11.971  2.413   1.00 18.74 ? 145 ILE A CG2   1 
ATOM   1114 C  CD1   A ILE A 1 137 ? 8.527   11.130  2.976   0.50 13.95 ? 145 ILE A CD1   1 
ATOM   1115 C  CD1   B ILE A 1 137 ? 8.290   13.359  2.691   0.50 20.25 ? 145 ILE A CD1   1 
ATOM   1116 N  N     . LYS A 1 138 ? 3.880   13.126  5.863   1.00 18.70 ? 146 LYS A N     1 
ATOM   1117 C  CA    . LYS A 1 138 ? 2.488   13.157  6.302   1.00 20.98 ? 146 LYS A CA    1 
ATOM   1118 C  C     . LYS A 1 138 ? 1.849   14.520  6.053   1.00 21.27 ? 146 LYS A C     1 
ATOM   1119 O  O     . LYS A 1 138 ? 0.620   14.625  5.844   1.00 21.42 ? 146 LYS A O     1 
ATOM   1120 C  CB    . LYS A 1 138 ? 2.452   12.866  7.796   1.00 21.47 ? 146 LYS A CB    1 
ATOM   1121 C  CG    . LYS A 1 138 ? 1.111   12.441  8.307   1.00 25.18 ? 146 LYS A CG    1 
ATOM   1122 C  CD    . LYS A 1 138 ? 1.136   12.297  9.819   1.00 26.73 ? 146 LYS A CD    1 
ATOM   1123 C  CE    . LYS A 1 138 ? -0.299  12.157  10.329  1.00 30.82 ? 146 LYS A CE    1 
ATOM   1124 N  NZ    . LYS A 1 138 ? -0.426  11.820  11.789  1.00 33.87 ? 146 LYS A NZ    1 
ATOM   1125 N  N     . GLU A 1 139 ? 2.687   15.564  6.105   1.00 21.17 ? 147 GLU A N     1 
ATOM   1126 C  CA    . GLU A 1 139 ? 2.233   16.939  5.950   1.00 21.44 ? 147 GLU A CA    1 
ATOM   1127 C  C     . GLU A 1 139 ? 2.450   17.502  4.550   1.00 20.78 ? 147 GLU A C     1 
ATOM   1128 O  O     . GLU A 1 139 ? 2.238   18.695  4.341   1.00 20.22 ? 147 GLU A O     1 
ATOM   1129 C  CB    . GLU A 1 139 ? 2.923   17.881  6.961   1.00 22.24 ? 147 GLU A CB    1 
ATOM   1130 C  CG    . GLU A 1 139 ? 3.144   17.343  8.368   1.00 27.62 ? 147 GLU A CG    1 
ATOM   1131 C  CD    . GLU A 1 139 ? 1.850   17.085  9.132   1.00 34.82 ? 147 GLU A CD    1 
ATOM   1132 O  OE1   . GLU A 1 139 ? 0.766   17.516  8.671   1.00 38.67 ? 147 GLU A OE1   1 
ATOM   1133 O  OE2   . GLU A 1 139 ? 1.908   16.423  10.201  1.00 37.70 ? 147 GLU A OE2   1 
ATOM   1134 N  N     . ASP A 1 140 ? 2.856   16.663  3.592   1.00 19.14 ? 148 ASP A N     1 
ATOM   1135 C  CA    . ASP A 1 140 ? 3.088   17.134  2.233   1.00 18.74 ? 148 ASP A CA    1 
ATOM   1136 C  C     . ASP A 1 140 ? 1.814   17.745  1.658   1.00 18.33 ? 148 ASP A C     1 
ATOM   1137 O  O     . ASP A 1 140 ? 0.712   17.303  1.987   1.00 18.32 ? 148 ASP A O     1 
ATOM   1138 C  CB    . ASP A 1 140 ? 3.511   15.974  1.329   1.00 18.79 ? 148 ASP A CB    1 
ATOM   1139 C  CG    . ASP A 1 140 ? 4.111   16.450  0.032   1.00 19.68 ? 148 ASP A CG    1 
ATOM   1140 O  OD1   . ASP A 1 140 ? 3.339   16.715  -0.904  1.00 19.76 ? 148 ASP A OD1   1 
ATOM   1141 O  OD2   . ASP A 1 140 ? 5.334   16.641  -0.130  1.00 24.08 ? 148 ASP A OD2   1 
ATOM   1142 N  N     . ASN A 1 141 ? 1.980   18.749  0.795   1.00 19.20 ? 149 ASN A N     1 
ATOM   1143 C  CA    . ASN A 1 141 ? 0.843   19.402  0.147   1.00 19.36 ? 149 ASN A CA    1 
ATOM   1144 C  C     . ASN A 1 141 ? 0.003   18.419  -0.660  1.00 17.85 ? 149 ASN A C     1 
ATOM   1145 O  O     . ASN A 1 141 ? -1.204  18.621  -0.875  1.00 17.07 ? 149 ASN A O     1 
ATOM   1146 C  CB    . ASN A 1 141 ? 1.324   20.538  -0.735  1.00 20.40 ? 149 ASN A CB    1 
ATOM   1147 C  CG    . ASN A 1 141 ? 1.489   21.827  0.034   1.00 25.15 ? 149 ASN A CG    1 
ATOM   1148 O  OD1   . ASN A 1 141 ? 1.087   21.935  1.206   1.00 28.20 ? 149 ASN A OD1   1 
ATOM   1149 N  ND2   . ASN A 1 141 ? 2.087   22.814  -0.612  1.00 28.88 ? 149 ASN A ND2   1 
ATOM   1150 N  N     . PHE A 1 142 ? 0.640   17.318  -1.049  1.00 17.01 ? 150 PHE A N     1 
ATOM   1151 C  CA    . PHE A 1 142 ? -0.058  16.229  -1.717  1.00 15.92 ? 150 PHE A CA    1 
ATOM   1152 C  C     . PHE A 1 142 ? -1.304  15.838  -0.945  1.00 16.52 ? 150 PHE A C     1 
ATOM   1153 O  O     . PHE A 1 142 ? -2.371  15.591  -1.531  1.00 15.57 ? 150 PHE A O     1 
ATOM   1154 C  CB    . PHE A 1 142 ? 0.892   15.011  -1.813  1.00 15.08 ? 150 PHE A CB    1 
ATOM   1155 C  CG    . PHE A 1 142 ? 0.254   13.784  -2.379  1.00 13.74 ? 150 PHE A CG    1 
ATOM   1156 C  CD1   . PHE A 1 142 ? 0.030   13.663  -3.737  1.00 12.45 ? 150 PHE A CD1   1 
ATOM   1157 C  CD2   . PHE A 1 142 ? -0.112  12.728  -1.534  1.00 13.31 ? 150 PHE A CD2   1 
ATOM   1158 C  CE1   . PHE A 1 142 ? -0.581  12.486  -4.266  1.00 13.43 ? 150 PHE A CE1   1 
ATOM   1159 C  CE2   . PHE A 1 142 ? -0.701  11.580  -2.019  1.00 13.81 ? 150 PHE A CE2   1 
ATOM   1160 C  CZ    . PHE A 1 142 ? -0.956  11.445  -3.391  1.00 14.02 ? 150 PHE A CZ    1 
ATOM   1161 N  N     . PHE A 1 143 ? -1.150  15.709  0.377   1.00 16.89 ? 151 PHE A N     1 
ATOM   1162 C  CA    . PHE A 1 143 ? -2.264  15.343  1.215   1.00 19.75 ? 151 PHE A CA    1 
ATOM   1163 C  C     . PHE A 1 143 ? -3.160  16.509  1.610   1.00 22.64 ? 151 PHE A C     1 
ATOM   1164 O  O     . PHE A 1 143 ? -4.364  16.321  1.785   1.00 23.07 ? 151 PHE A O     1 
ATOM   1165 C  CB    . PHE A 1 143 ? -1.739  14.693  2.477   1.00 19.86 ? 151 PHE A CB    1 
ATOM   1166 C  CG    . PHE A 1 143 ? -1.163  13.351  2.240   1.00 15.55 ? 151 PHE A CG    1 
ATOM   1167 C  CD1   . PHE A 1 143 ? -1.968  12.296  1.795   1.00 14.85 ? 151 PHE A CD1   1 
ATOM   1168 C  CD2   . PHE A 1 143 ? 0.201   13.127  2.463   1.00 15.89 ? 151 PHE A CD2   1 
ATOM   1169 C  CE1   . PHE A 1 143 ? -1.414  11.033  1.572   1.00 14.55 ? 151 PHE A CE1   1 
ATOM   1170 C  CE2   . PHE A 1 143 ? 0.777   11.871  2.225   1.00 14.35 ? 151 PHE A CE2   1 
ATOM   1171 C  CZ    . PHE A 1 143 ? -0.020  10.813  1.805   1.00 13.85 ? 151 PHE A CZ    1 
ATOM   1172 N  N     . GLN A 1 144 ? -2.547  17.669  1.794   1.00 26.11 ? 152 GLN A N     1 
ATOM   1173 C  CA    . GLN A 1 144 ? -3.262  18.875  2.214   1.00 30.28 ? 152 GLN A CA    1 
ATOM   1174 C  C     . GLN A 1 144 ? -4.224  19.389  1.155   1.00 31.77 ? 152 GLN A C     1 
ATOM   1175 O  O     . GLN A 1 144 ? -5.238  19.983  1.502   1.00 32.59 ? 152 GLN A O     1 
ATOM   1176 C  CB    . GLN A 1 144 ? -2.294  19.962  2.678   1.00 30.03 ? 152 GLN A CB    1 
ATOM   1177 C  CG    . GLN A 1 144 ? -2.142  20.010  4.204   1.00 33.91 ? 152 GLN A CG    1 
ATOM   1178 C  CD    . GLN A 1 144 ? -0.708  20.276  4.661   1.00 39.40 ? 152 GLN A CD    1 
ATOM   1179 O  OE1   . GLN A 1 144 ? -0.314  19.888  5.774   1.00 42.18 ? 152 GLN A OE1   1 
ATOM   1180 N  NE2   . GLN A 1 144 ? 0.071   20.951  3.813   1.00 42.32 ? 152 GLN A NE2   1 
ATOM   1181 N  N     . VAL A 1 145 ? -3.933  19.145  -0.125  1.00 34.10 ? 153 VAL A N     1 
ATOM   1182 C  CA    . VAL A 1 145 ? -4.896  19.472  -1.183  1.00 35.99 ? 153 VAL A CA    1 
ATOM   1183 C  C     . VAL A 1 145 ? -6.117  18.542  -1.185  1.00 37.54 ? 153 VAL A C     1 
ATOM   1184 O  O     . VAL A 1 145 ? -7.227  18.944  -1.573  1.00 37.67 ? 153 VAL A O     1 
ATOM   1185 C  CB    . VAL A 1 145 ? -4.242  19.590  -2.609  1.00 35.92 ? 153 VAL A CB    1 
ATOM   1186 C  CG1   . VAL A 1 145 ? -3.812  18.239  -3.163  1.00 34.54 ? 153 VAL A CG1   1 
ATOM   1187 C  CG2   . VAL A 1 145 ? -5.186  20.316  -3.592  1.00 36.58 ? 153 VAL A CG2   1 
ATOM   1188 N  N     . SER A 1 146 ? -5.915  17.307  -0.734  1.00 39.09 ? 154 SER A N     1 
ATOM   1189 C  CA    . SER A 1 146 ? -6.987  16.315  -0.758  1.00 40.71 ? 154 SER A CA    1 
ATOM   1190 C  C     . SER A 1 146 ? -8.064  16.569  0.314   1.00 41.64 ? 154 SER A C     1 
ATOM   1191 O  O     . SER A 1 146 ? -9.197  16.095  0.168   1.00 42.24 ? 154 SER A O     1 
ATOM   1192 C  CB    . SER A 1 146 ? -6.435  14.885  -0.661  1.00 40.70 ? 154 SER A CB    1 
ATOM   1193 O  OG    . SER A 1 146 ? -5.026  14.852  -0.827  1.00 40.94 ? 154 SER A OG    1 
ATOM   1194 N  N     . LYS A 1 147 ? -7.717  17.297  1.382   1.00 42.82 ? 155 LYS A N     1 
ATOM   1195 C  CA    . LYS A 1 147 ? -8.740  17.869  2.290   1.00 43.60 ? 155 LYS A CA    1 
ATOM   1196 C  C     . LYS A 1 147 ? -9.181  19.274  1.832   1.00 44.09 ? 155 LYS A C     1 
ATOM   1197 O  O     . LYS A 1 147 ? -10.360 19.626  1.676   1.00 44.44 ? 155 LYS A O     1 
ATOM   1198 C  CB    . LYS A 1 147 ? -8.291  17.895  3.763   1.00 43.69 ? 155 LYS A CB    1 
ATOM   1199 C  CG    . LYS A 1 147 ? -6.830  17.525  4.035   1.00 43.06 ? 155 LYS A CG    1 
ATOM   1200 C  CD    . LYS A 1 147 ? -6.711  16.162  4.709   1.00 42.81 ? 155 LYS A CD    1 
ATOM   1201 C  CE    . LYS A 1 147 ? -5.862  16.219  5.978   1.00 42.86 ? 155 LYS A CE    1 
ATOM   1202 N  NZ    . LYS A 1 147 ? -4.424  16.385  5.650   1.00 41.90 ? 155 LYS A NZ    1 
ATOM   1203 O  OXT   . LYS A 1 147 ? -8.400  20.189  1.557   1.00 44.39 ? 155 LYS A OXT   1 
HETATM 1204 MG MG    . MG  B 2 .   ? -7.400  -6.771  -0.978  1.00 18.99 ? 201 MG  A MG    1 
HETATM 1205 P  PB    . ADP C 3 .   ? -10.414 -6.626  -2.167  1.00 20.28 ? 301 ADP A PB    1 
HETATM 1206 O  O1B   . ADP C 3 .   ? -8.943  -6.694  -2.333  1.00 19.51 ? 301 ADP A O1B   1 
HETATM 1207 O  O2B   . ADP C 3 .   ? -11.016 -5.234  -2.357  1.00 20.22 ? 301 ADP A O2B   1 
HETATM 1208 O  O3B   . ADP C 3 .   ? -11.026 -7.626  -3.086  1.00 21.75 ? 301 ADP A O3B   1 
HETATM 1209 P  PA    . ADP C 3 .   ? -10.147 -6.990  0.731   1.00 19.34 ? 301 ADP A PA    1 
HETATM 1210 O  O1A   . ADP C 3 .   ? -10.696 -8.167  1.556   1.00 19.76 ? 301 ADP A O1A   1 
HETATM 1211 O  O2A   . ADP C 3 .   ? -8.620  -6.934  0.602   1.00 19.05 ? 301 ADP A O2A   1 
HETATM 1212 O  O3A   . ADP C 3 .   ? -10.811 -7.141  -0.687  1.00 19.22 ? 301 ADP A O3A   1 
HETATM 1213 O  "O5'" . ADP C 3 .   ? -10.667 -5.698  1.406   1.00 18.20 ? 301 ADP A "O5'" 1 
HETATM 1214 C  "C5'" . ADP C 3 .   ? -10.268 -4.415  0.860   1.00 19.69 ? 301 ADP A "C5'" 1 
HETATM 1215 C  "C4'" . ADP C 3 .   ? -11.259 -3.303  1.199   1.00 20.46 ? 301 ADP A "C4'" 1 
HETATM 1216 O  "O4'" . ADP C 3 .   ? -11.334 -3.077  2.587   1.00 20.39 ? 301 ADP A "O4'" 1 
HETATM 1217 C  "C3'" . ADP C 3 .   ? -10.888 -1.904  0.685   1.00 20.04 ? 301 ADP A "C3'" 1 
HETATM 1218 O  "O3'" . ADP C 3 .   ? -11.321 -1.648  -0.656  1.00 20.50 ? 301 ADP A "O3'" 1 
HETATM 1219 C  "C2'" . ADP C 3 .   ? -11.609 -0.980  1.635   1.00 22.97 ? 301 ADP A "C2'" 1 
HETATM 1220 O  "O2'" . ADP C 3 .   ? -12.934 -0.759  1.187   1.00 22.44 ? 301 ADP A "O2'" 1 
HETATM 1221 C  "C1'" . ADP C 3 .   ? -11.766 -1.781  2.922   1.00 21.28 ? 301 ADP A "C1'" 1 
HETATM 1222 N  N9    . ADP C 3 .   ? -10.879 -1.385  4.038   1.00 19.74 ? 301 ADP A N9    1 
HETATM 1223 C  C8    . ADP C 3 .   ? -11.314 -1.122  5.337   1.00 20.06 ? 301 ADP A C8    1 
HETATM 1224 N  N7    . ADP C 3 .   ? -10.286 -0.817  6.131   1.00 20.46 ? 301 ADP A N7    1 
HETATM 1225 C  C5    . ADP C 3 .   ? -9.152  -0.861  5.365   1.00 18.99 ? 301 ADP A C5    1 
HETATM 1226 C  C6    . ADP C 3 .   ? -7.801  -0.638  5.697   1.00 20.68 ? 301 ADP A C6    1 
HETATM 1227 N  N6    . ADP C 3 .   ? -7.362  -0.457  6.939   1.00 18.50 ? 301 ADP A N6    1 
HETATM 1228 N  N1    . ADP C 3 .   ? -6.873  -0.763  4.685   1.00 17.87 ? 301 ADP A N1    1 
HETATM 1229 C  C2    . ADP C 3 .   ? -7.284  -1.115  3.416   1.00 17.42 ? 301 ADP A C2    1 
HETATM 1230 N  N3    . ADP C 3 .   ? -8.604  -1.302  3.066   1.00 19.45 ? 301 ADP A N3    1 
HETATM 1231 C  C4    . ADP C 3 .   ? -9.526  -1.180  4.060   1.00 19.98 ? 301 ADP A C4    1 
HETATM 1232 N  N1    . RBF D 4 .   ? 2.506   -12.536 -0.324  1.00 25.93 ? 401 RBF A N1    1 
HETATM 1233 C  C2    . RBF D 4 .   ? 3.590   -13.330 -0.557  1.00 29.05 ? 401 RBF A C2    1 
HETATM 1234 O  O2    . RBF D 4 .   ? 3.438   -14.373 -1.249  1.00 31.18 ? 401 RBF A O2    1 
HETATM 1235 N  N3    . RBF D 4 .   ? 4.817   -13.061 -0.062  1.00 25.31 ? 401 RBF A N3    1 
HETATM 1236 C  C4    . RBF D 4 .   ? 5.080   -11.964 0.679   1.00 21.16 ? 401 RBF A C4    1 
HETATM 1237 O  O4    . RBF D 4 .   ? 6.241   -11.684 1.068   1.00 21.35 ? 401 RBF A O4    1 
HETATM 1238 C  C4A   . RBF D 4 .   ? 3.968   -11.051 0.973   1.00 19.07 ? 401 RBF A C4A   1 
HETATM 1239 N  N5    . RBF D 4 .   ? 4.164   -9.966  1.742   1.00 19.90 ? 401 RBF A N5    1 
HETATM 1240 C  C5A   . RBF D 4 .   ? 3.118   -9.147  2.017   1.00 18.50 ? 401 RBF A C5A   1 
HETATM 1241 C  C6    . RBF D 4 .   ? 3.333   -8.027  2.827   1.00 19.21 ? 401 RBF A C6    1 
HETATM 1242 C  C7    . RBF D 4 .   ? 2.257   -7.157  3.095   1.00 17.84 ? 401 RBF A C7    1 
HETATM 1243 C  C7M   . RBF D 4 .   ? 2.446   -5.927  3.929   1.00 20.48 ? 401 RBF A C7M   1 
HETATM 1244 C  C8    . RBF D 4 .   ? 0.918   -7.454  2.545   1.00 21.63 ? 401 RBF A C8    1 
HETATM 1245 C  C8M   . RBF D 4 .   ? -0.237  -6.522  2.833   1.00 21.06 ? 401 RBF A C8M   1 
HETATM 1246 C  C9    . RBF D 4 .   ? 0.710   -8.568  1.742   1.00 19.87 ? 401 RBF A C9    1 
HETATM 1247 C  C9A   . RBF D 4 .   ? 1.762   -9.443  1.463   1.00 19.17 ? 401 RBF A C9A   1 
HETATM 1248 N  N10   . RBF D 4 .   ? 1.553   -10.590 0.678   1.00 20.72 ? 401 RBF A N10   1 
HETATM 1249 C  C10   . RBF D 4 .   ? 2.640   -11.410 0.436   1.00 21.30 ? 401 RBF A C10   1 
HETATM 1250 C  "C1'" . RBF D 4 .   ? 0.271   -10.958 0.020   1.00 22.26 ? 401 RBF A "C1'" 1 
HETATM 1251 C  "C2'" . RBF D 4 .   ? -0.877  -11.334 0.886   0.50 25.48 ? 401 RBF A "C2'" 1 
HETATM 1252 O  "O2'" . RBF D 4 .   ? -0.589  -12.711 0.975   0.50 29.37 ? 401 RBF A "O2'" 1 
HETATM 1253 C  "C3'" . RBF D 4 .   ? -2.128  -10.826 0.124   0.50 29.68 ? 401 RBF A "C3'" 1 
HETATM 1254 O  "O3'" . RBF D 4 .   ? -2.546  -9.638  0.765   0.50 28.35 ? 401 RBF A "O3'" 1 
HETATM 1255 C  "C4'" . RBF D 4 .   ? -3.401  -11.656 0.033   0.30 32.55 ? 401 RBF A "C4'" 1 
HETATM 1256 O  "O4'" . RBF D 4 .   ? -2.985  -13.005 -0.018  1.00 41.54 ? 401 RBF A "O4'" 1 
HETATM 1257 C  "C5'" . RBF D 4 .   ? -4.265  -11.280 -1.197  0.10 31.89 ? 401 RBF A "C5'" 1 
HETATM 1258 O  "O5'" . RBF D 4 .   ? -4.769  -9.924  -1.266  1.00 28.56 ? 401 RBF A "O5'" 1 
HETATM 1259 O  O     . HOH E 5 .   ? -9.843  -2.903  -2.652  1.00 19.92 ? 501 HOH A O     1 
HETATM 1260 O  O     . HOH E 5 .   ? -5.993  -6.649  -2.546  1.00 17.68 ? 502 HOH A O     1 
HETATM 1261 O  O     . HOH E 5 .   ? -3.221  0.038   -3.556  1.00 17.84 ? 503 HOH A O     1 
HETATM 1262 O  O     . HOH E 5 .   ? -3.104  -4.315  -8.508  1.00 26.54 ? 504 HOH A O     1 
HETATM 1263 O  O     . HOH E 5 .   ? 8.073   -9.301  8.093   1.00 24.26 ? 505 HOH A O     1 
HETATM 1264 O  O     . HOH E 5 .   ? -1.267  -22.710 11.697  1.00 25.12 ? 506 HOH A O     1 
HETATM 1265 O  O     . HOH E 5 .   ? -8.549  5.671   -10.476 1.00 24.32 ? 507 HOH A O     1 
HETATM 1266 O  O     . HOH E 5 .   ? -9.143  -9.622  -3.183  1.00 21.96 ? 508 HOH A O     1 
HETATM 1267 O  O     . HOH E 5 .   ? -10.427 -1.192  8.825   1.00 25.57 ? 509 HOH A O     1 
HETATM 1268 O  O     . HOH E 5 .   ? -8.114  8.608   5.556   1.00 22.82 ? 510 HOH A O     1 
HETATM 1269 O  O     . HOH E 5 .   ? -1.617  5.012   11.249  1.00 24.72 ? 511 HOH A O     1 
HETATM 1270 O  O     . HOH E 5 .   ? 5.596   10.666  -7.469  1.00 31.57 ? 512 HOH A O     1 
HETATM 1271 O  O     . HOH E 5 .   ? 1.774   4.247   14.733  1.00 31.26 ? 513 HOH A O     1 
HETATM 1272 O  O     . HOH E 5 .   ? 10.624  -9.144  -4.464  1.00 28.44 ? 514 HOH A O     1 
HETATM 1273 O  O     . HOH E 5 .   ? 14.622  -2.979  5.101   1.00 26.25 ? 515 HOH A O     1 
HETATM 1274 O  O     . HOH E 5 .   ? -4.300  -5.874  -6.531  1.00 24.39 ? 516 HOH A O     1 
HETATM 1275 O  O     . HOH E 5 .   ? -14.961 0.415   -6.878  1.00 36.58 ? 517 HOH A O     1 
HETATM 1276 O  O     . HOH E 5 .   ? -13.163 -8.990  0.649   1.00 26.09 ? 518 HOH A O     1 
HETATM 1277 O  O     . HOH E 5 .   ? 8.655   9.684   -7.746  1.00 34.63 ? 519 HOH A O     1 
HETATM 1278 O  O     . HOH E 5 .   ? -17.678 0.853   -0.064  1.00 34.05 ? 520 HOH A O     1 
HETATM 1279 O  O     . HOH E 5 .   ? 11.376  13.739  1.458   1.00 44.89 ? 521 HOH A O     1 
HETATM 1280 O  O     . HOH E 5 .   ? -13.886 -12.889 -0.484  1.00 42.29 ? 522 HOH A O     1 
HETATM 1281 O  O     . HOH E 5 .   ? 13.747  -12.980 5.825   1.00 33.48 ? 523 HOH A O     1 
HETATM 1282 O  O     . HOH E 5 .   ? -7.796  3.095   14.200  1.00 32.03 ? 524 HOH A O     1 
HETATM 1283 O  O     . HOH E 5 .   ? -7.043  1.268   -15.202 1.00 32.34 ? 525 HOH A O     1 
HETATM 1284 O  O     . HOH E 5 .   ? 9.783   -4.322  14.016  1.00 28.77 ? 526 HOH A O     1 
HETATM 1285 O  O     . HOH E 5 .   ? 13.399  1.997   4.975   1.00 32.39 ? 527 HOH A O     1 
HETATM 1286 O  O     . HOH E 5 .   ? -5.240  -13.392 10.464  1.00 27.06 ? 528 HOH A O     1 
HETATM 1287 O  O     . HOH E 5 .   ? -14.581 -9.092  -6.370  1.00 24.54 ? 529 HOH A O     1 
HETATM 1288 O  O     . HOH E 5 .   ? -4.023  14.044  8.632   1.00 31.69 ? 530 HOH A O     1 
HETATM 1289 O  O     . HOH E 5 .   ? 1.044   5.743   -10.616 1.00 36.91 ? 531 HOH A O     1 
HETATM 1290 O  O     . HOH E 5 .   ? -8.234  -5.490  -8.387  1.00 31.19 ? 532 HOH A O     1 
HETATM 1291 O  O     . HOH E 5 .   ? 4.808   -11.614 -7.280  1.00 33.21 ? 533 HOH A O     1 
HETATM 1292 O  O     . HOH E 5 .   ? -7.045  -9.482  -6.920  1.00 31.10 ? 534 HOH A O     1 
HETATM 1293 O  O     . HOH E 5 .   ? -3.802  -1.919  -7.292  1.00 28.92 ? 535 HOH A O     1 
HETATM 1294 O  O     . HOH E 5 .   ? 14.871  -2.862  11.507  1.00 36.26 ? 536 HOH A O     1 
HETATM 1295 O  O     . HOH E 5 .   ? 4.840   -10.810 13.566  1.00 33.15 ? 537 HOH A O     1 
HETATM 1296 O  O     . HOH E 5 .   ? -7.050  13.505  2.608   1.00 35.53 ? 538 HOH A O     1 
HETATM 1297 O  O     . HOH E 5 .   ? 5.367   -0.955  15.839  1.00 34.59 ? 539 HOH A O     1 
HETATM 1298 O  O     . HOH E 5 .   ? 0.544   -8.349  -2.829  1.00 36.89 ? 540 HOH A O     1 
HETATM 1299 O  O     . HOH E 5 .   ? 13.810  2.591   1.967   1.00 32.92 ? 541 HOH A O     1 
HETATM 1300 O  O     . HOH E 5 .   ? 11.312  8.696   0.569   1.00 33.52 ? 542 HOH A O     1 
HETATM 1301 O  O     . HOH E 5 .   ? 8.786   -10.411 -6.616  1.00 35.43 ? 543 HOH A O     1 
HETATM 1302 O  O     . HOH E 5 .   ? -5.285  5.359   13.169  1.00 37.32 ? 544 HOH A O     1 
HETATM 1303 O  O     . HOH E 5 .   ? 2.589   -3.004  -14.359 1.00 33.57 ? 545 HOH A O     1 
HETATM 1304 O  O     . HOH E 5 .   ? -6.690  -13.260 1.435   1.00 40.66 ? 546 HOH A O     1 
HETATM 1305 O  O     . HOH E 5 .   ? -12.553 -4.886  -9.767  1.00 40.68 ? 547 HOH A O     1 
HETATM 1306 O  O     . HOH E 5 .   ? 4.029   -16.952 0.104   1.00 42.07 ? 548 HOH A O     1 
HETATM 1307 O  O     . HOH E 5 .   ? -14.790 4.452   5.292   1.00 47.37 ? 549 HOH A O     1 
HETATM 1308 O  O     . HOH E 5 .   ? -14.609 -6.554  0.340   1.00 32.20 ? 550 HOH A O     1 
HETATM 1309 O  O     . HOH E 5 .   ? 8.364   -6.338  13.117  1.00 32.52 ? 551 HOH A O     1 
HETATM 1310 O  O     . HOH E 5 .   ? 4.654   11.189  16.386  1.00 43.50 ? 552 HOH A O     1 
HETATM 1311 O  O     . HOH E 5 .   ? -15.484 6.529   -7.898  1.00 39.71 ? 553 HOH A O     1 
HETATM 1312 O  O     . HOH E 5 .   ? -6.046  -4.275  10.398  1.00 38.69 ? 554 HOH A O     1 
HETATM 1313 O  O     . HOH E 5 .   ? 6.550   -0.849  -13.328 1.00 41.93 ? 555 HOH A O     1 
HETATM 1314 O  O     . HOH E 5 .   ? 4.020   -1.391  -13.056 1.00 37.37 ? 556 HOH A O     1 
HETATM 1315 O  O     . HOH E 5 .   ? 11.539  -16.667 -0.328  1.00 34.96 ? 557 HOH A O     1 
HETATM 1316 O  O     . HOH E 5 .   ? -1.784  15.479  7.448   1.00 42.02 ? 558 HOH A O     1 
HETATM 1317 O  O     . HOH E 5 .   ? 13.310  5.500   1.735   1.00 39.55 ? 559 HOH A O     1 
HETATM 1318 O  O     . HOH E 5 .   ? -2.609  0.525   -17.962 1.00 42.47 ? 560 HOH A O     1 
HETATM 1319 O  O     . HOH E 5 .   ? 2.085   9.689   13.364  1.00 56.47 ? 561 HOH A O     1 
HETATM 1320 O  O     . HOH E 5 .   ? 11.191  4.559   15.320  1.00 37.12 ? 562 HOH A O     1 
HETATM 1321 O  O     . HOH E 5 .   ? -19.094 -0.985  4.612   1.00 39.13 ? 563 HOH A O     1 
HETATM 1322 O  O     . HOH E 5 .   ? -10.340 11.072  8.603   1.00 44.06 ? 564 HOH A O     1 
HETATM 1323 O  O     . HOH E 5 .   ? 7.124   16.155  1.622   1.00 39.31 ? 565 HOH A O     1 
HETATM 1324 O  O     . HOH E 5 .   ? -9.382  9.071   8.698   1.00 48.16 ? 566 HOH A O     1 
HETATM 1325 O  O     . HOH E 5 .   ? 7.875   -20.059 5.587   1.00 43.00 ? 567 HOH A O     1 
HETATM 1326 O  O     . HOH E 5 .   ? -7.362  -8.850  -1.022  1.00 18.13 ? 568 HOH A O     1 
HETATM 1327 O  O     . HOH E 5 .   ? 0.313   -6.849  -4.936  1.00 25.98 ? 569 HOH A O     1 
HETATM 1328 O  O     . HOH E 5 .   ? -3.369  -3.078  10.871  1.00 31.02 ? 570 HOH A O     1 
HETATM 1329 O  O     . HOH E 5 .   ? -2.010  1.823   14.266  1.00 41.34 ? 571 HOH A O     1 
HETATM 1330 O  O     . HOH E 5 .   ? -1.374  -22.267 8.933   1.00 36.79 ? 572 HOH A O     1 
HETATM 1331 O  O     . HOH E 5 .   ? -0.210  3.331   13.076  1.00 35.23 ? 573 HOH A O     1 
HETATM 1332 O  O     . HOH E 5 .   ? -8.076  -2.815  9.707   1.00 37.58 ? 574 HOH A O     1 
HETATM 1333 O  O     . HOH E 5 .   ? -10.563 8.565   6.660   1.00 40.59 ? 575 HOH A O     1 
HETATM 1334 O  O     . HOH E 5 .   ? 4.409   -8.245  14.904  1.00 37.52 ? 576 HOH A O     1 
HETATM 1335 O  O     . HOH E 5 .   ? -14.891 -5.711  -9.210  1.00 36.28 ? 577 HOH A O     1 
HETATM 1336 O  O     . HOH E 5 .   ? -3.310  7.246   12.100  1.00 37.29 ? 578 HOH A O     1 
HETATM 1337 O  O     . HOH E 5 .   ? 0.813   -5.861  13.448  1.00 41.29 ? 579 HOH A O     1 
HETATM 1338 O  O     . HOH E 5 .   ? 6.661   -7.006  15.462  1.00 39.81 ? 580 HOH A O     1 
HETATM 1339 O  O     . HOH E 5 .   ? -3.404  -4.656  -11.232 1.00 43.83 ? 581 HOH A O     1 
HETATM 1340 O  O     . HOH E 5 .   ? -6.758  -7.334  -8.319  1.00 45.39 ? 582 HOH A O     1 
HETATM 1341 O  O     . HOH E 5 .   ? 11.676  10.868  1.967   1.00 49.37 ? 583 HOH A O     1 
HETATM 1342 O  O     . HOH E 5 .   ? 10.904  -6.208  -9.578  1.00 44.62 ? 584 HOH A O     1 
HETATM 1343 O  O     . HOH E 5 .   ? 3.017   12.185  -8.309  1.00 40.63 ? 585 HOH A O     1 
HETATM 1344 O  O     . HOH E 5 .   ? -14.478 -1.939  6.425   1.00 45.41 ? 586 HOH A O     1 
HETATM 1345 O  O     . HOH E 5 .   ? -1.537  -4.513  -13.371 1.00 35.93 ? 587 HOH A O     1 
HETATM 1346 O  O     . HOH E 5 .   ? -17.069 10.321  -2.036  1.00 46.04 ? 588 HOH A O     1 
HETATM 1347 O  O     . HOH E 5 .   ? -1.578  2.422   -18.586 1.00 50.50 ? 589 HOH A O     1 
HETATM 1348 O  O     . HOH E 5 .   ? 12.414  -15.657 -2.422  1.00 48.19 ? 590 HOH A O     1 
HETATM 1349 O  O     . HOH E 5 .   ? -12.201 6.583   10.402  1.00 42.90 ? 591 HOH A O     1 
HETATM 1350 O  O     . HOH E 5 .   ? 2.562   -12.031 14.811  1.00 41.90 ? 592 HOH A O     1 
HETATM 1351 O  O     . HOH E 5 .   ? -7.286  -3.586  -10.138 1.00 37.76 ? 593 HOH A O     1 
HETATM 1352 O  O     . HOH E 5 .   ? -3.501  11.645  11.021  1.00 44.64 ? 594 HOH A O     1 
HETATM 1353 O  O     . HOH E 5 .   ? -14.631 -2.170  -7.652  1.00 33.47 ? 595 HOH A O     1 
HETATM 1354 O  O     . HOH E 5 .   ? 6.002   17.762  4.443   1.00 44.36 ? 596 HOH A O     1 
HETATM 1355 O  O     . HOH E 5 .   ? 6.141   -4.741  -15.234 1.00 41.14 ? 597 HOH A O     1 
HETATM 1356 O  O     . HOH E 5 .   ? -1.091  -22.991 5.447   1.00 42.95 ? 598 HOH A O     1 
HETATM 1357 O  O     . HOH E 5 .   ? 7.391   -11.074 14.617  1.00 39.71 ? 599 HOH A O     1 
HETATM 1358 O  O     . HOH E 5 .   ? -17.626 3.621   -0.820  1.00 42.83 ? 600 HOH A O     1 
HETATM 1359 O  O     . HOH E 5 .   ? 15.139  -1.272  3.039   1.00 47.22 ? 601 HOH A O     1 
HETATM 1360 O  O     . HOH E 5 .   ? 3.369   -1.918  -17.638 1.00 53.75 ? 602 HOH A O     1 
HETATM 1361 O  O     . HOH E 5 .   ? -5.856  -4.654  -12.267 1.00 49.38 ? 603 HOH A O     1 
HETATM 1362 O  O     . HOH E 5 .   ? -6.732  -9.049  -4.577  1.00 45.62 ? 604 HOH A O     1 
HETATM 1363 O  O     . HOH E 5 .   ? -2.342  -7.360  -5.154  1.00 38.17 ? 605 HOH A O     1 
HETATM 1364 O  O     . HOH E 5 .   ? 5.350   -13.823 -8.716  1.00 54.29 ? 606 HOH A O     1 
HETATM 1365 O  O     . HOH E 5 .   ? 7.730   -1.081  -11.312 1.00 49.81 ? 607 HOH A O     1 
HETATM 1366 O  O     . HOH E 5 .   ? 10.510  -16.877 3.771   1.00 44.58 ? 608 HOH A O     1 
HETATM 1367 O  O     . HOH E 5 .   ? 4.830   1.396   17.051  1.00 44.46 ? 609 HOH A O     1 
HETATM 1368 O  O     . HOH E 5 .   ? 8.754   -15.000 -4.863  1.00 60.54 ? 610 HOH A O     1 
HETATM 1369 O  O     . HOH E 5 .   ? -8.156  -2.240  -13.855 1.00 39.70 ? 611 HOH A O     1 
HETATM 1370 O  O     . HOH E 5 .   ? 7.216   -12.731 11.064  1.00 44.72 ? 612 HOH A O     1 
HETATM 1371 O  O     . HOH E 5 .   ? 8.513   10.807  15.964  1.00 47.75 ? 613 HOH A O     1 
HETATM 1372 O  O     . HOH E 5 .   ? -8.739  12.351  -2.760  1.00 40.98 ? 614 HOH A O     1 
HETATM 1373 O  O     . HOH E 5 .   ? 5.163   -8.122  -2.633  1.00 34.64 ? 615 HOH A O     1 
HETATM 1374 O  O     . HOH E 5 .   ? -14.092 5.329   9.334   1.00 50.80 ? 616 HOH A O     1 
HETATM 1375 O  O     . HOH E 5 .   ? -18.341 -3.239  0.684   1.00 49.87 ? 617 HOH A O     1 
HETATM 1376 O  O     . HOH E 5 .   ? 9.422   15.199  11.162  1.00 45.76 ? 618 HOH A O     1 
# 
loop_
_pdbx_poly_seq_scheme.asym_id 
_pdbx_poly_seq_scheme.entity_id 
_pdbx_poly_seq_scheme.seq_id 
_pdbx_poly_seq_scheme.mon_id 
_pdbx_poly_seq_scheme.ndb_seq_num 
_pdbx_poly_seq_scheme.pdb_seq_num 
_pdbx_poly_seq_scheme.auth_seq_num 
_pdbx_poly_seq_scheme.pdb_mon_id 
_pdbx_poly_seq_scheme.auth_mon_id 
_pdbx_poly_seq_scheme.pdb_strand_id 
_pdbx_poly_seq_scheme.pdb_ins_code 
_pdbx_poly_seq_scheme.hetero 
A 1 1   ARG 1   9   9   ARG ARG A . n 
A 1 2   HIS 2   10  10  HIS HIS A . n 
A 1 3   LEU 3   11  11  LEU LEU A . n 
A 1 4   PRO 4   12  12  PRO PRO A . n 
A 1 5   TYR 5   13  13  TYR TYR A . n 
A 1 6   PHE 6   14  14  PHE PHE A . n 
A 1 7   CYS 7   15  15  CYS CYS A . n 
A 1 8   ARG 8   16  16  ARG ARG A . n 
A 1 9   GLY 9   17  17  GLY GLY A . n 
A 1 10  GLN 10  18  18  GLN GLN A . n 
A 1 11  VAL 11  19  19  VAL VAL A . n 
A 1 12  VAL 12  20  20  VAL VAL A . n 
A 1 13  ARG 13  21  21  ARG ARG A . n 
A 1 14  GLY 14  22  22  GLY GLY A . n 
A 1 15  PHE 15  23  23  PHE PHE A . n 
A 1 16  GLY 16  24  24  GLY GLY A . n 
A 1 17  ARG 17  25  25  ARG ARG A . n 
A 1 18  GLY 18  26  26  GLY GLY A . n 
A 1 19  SER 19  27  27  SER SER A . n 
A 1 20  LYS 20  28  28  LYS LYS A . n 
A 1 21  GLN 21  29  29  GLN GLN A . n 
A 1 22  LEU 22  30  30  LEU LEU A . n 
A 1 23  GLY 23  31  31  GLY GLY A . n 
A 1 24  ILE 24  32  32  ILE ILE A . n 
A 1 25  PRO 25  33  33  PRO PRO A . n 
A 1 26  THR 26  34  34  THR THR A . n 
A 1 27  ALA 27  35  35  ALA ALA A . n 
A 1 28  ASN 28  36  36  ASN ASN A . n 
A 1 29  PHE 29  37  37  PHE PHE A . n 
A 1 30  PRO 30  38  38  PRO PRO A . n 
A 1 31  GLU 31  39  39  GLU GLU A . n 
A 1 32  GLN 32  40  40  GLN GLN A . n 
A 1 33  VAL 33  41  41  VAL VAL A . n 
A 1 34  VAL 34  42  42  VAL VAL A . n 
A 1 35  ASP 35  43  43  ASP ASP A . n 
A 1 36  ASN 36  44  44  ASN ASN A . n 
A 1 37  LEU 37  45  45  LEU LEU A . n 
A 1 38  PRO 38  46  46  PRO PRO A . n 
A 1 39  ALA 39  47  47  ALA ALA A . n 
A 1 40  ASP 40  48  48  ASP ASP A . n 
A 1 41  ILE 41  49  49  ILE ILE A . n 
A 1 42  SER 42  50  50  SER SER A . n 
A 1 43  THR 43  51  51  THR THR A . n 
A 1 44  GLY 44  52  52  GLY GLY A . n 
A 1 45  ILE 45  53  53  ILE ILE A . n 
A 1 46  TYR 46  54  54  TYR TYR A . n 
A 1 47  TYR 47  55  55  TYR TYR A . n 
A 1 48  GLY 48  56  56  GLY GLY A . n 
A 1 49  TRP 49  57  57  TRP TRP A . n 
A 1 50  ALA 50  58  58  ALA ALA A . n 
A 1 51  SER 51  59  59  SER SER A . n 
A 1 52  VAL 52  60  60  VAL VAL A . n 
A 1 53  GLY 53  61  61  GLY GLY A . n 
A 1 54  SER 54  62  62  SER SER A . n 
A 1 55  GLY 55  63  63  GLY GLY A . n 
A 1 56  ASP 56  64  64  ASP ASP A . n 
A 1 57  VAL 57  65  65  VAL VAL A . n 
A 1 58  HIS 58  66  66  HIS HIS A . n 
A 1 59  LYS 59  67  67  LYS LYS A . n 
A 1 60  MET 60  68  68  MET MET A . n 
A 1 61  VAL 61  69  69  VAL VAL A . n 
A 1 62  VAL 62  70  70  VAL VAL A . n 
A 1 63  SER 63  71  71  SER SER A . n 
A 1 64  ILE 64  72  72  ILE ILE A . n 
A 1 65  GLY 65  73  73  GLY GLY A . n 
A 1 66  TRP 66  74  74  TRP TRP A . n 
A 1 67  ASN 67  75  75  ASN ASN A . n 
A 1 68  PRO 68  76  76  PRO PRO A . n 
A 1 69  TYR 69  77  77  TYR TYR A . n 
A 1 70  TYR 70  78  78  TYR TYR A . n 
A 1 71  LYS 71  79  79  LYS LYS A . n 
A 1 72  ASN 72  80  80  ASN ASN A . n 
A 1 73  THR 73  81  81  THR THR A . n 
A 1 74  LYS 74  82  82  LYS LYS A . n 
A 1 75  LYS 75  83  83  LYS LYS A . n 
A 1 76  SER 76  84  84  SER SER A . n 
A 1 77  MET 77  85  85  MET MET A . n 
A 1 78  GLU 78  86  86  GLU GLU A . n 
A 1 79  THR 79  87  87  THR THR A . n 
A 1 80  HIS 80  88  88  HIS HIS A . n 
A 1 81  ILE 81  89  89  ILE ILE A . n 
A 1 82  MET 82  90  90  MET MET A . n 
A 1 83  HIS 83  91  91  HIS HIS A . n 
A 1 84  THR 84  92  92  THR THR A . n 
A 1 85  PHE 85  93  93  PHE PHE A . n 
A 1 86  LYS 86  94  94  LYS LYS A . n 
A 1 87  GLU 87  95  95  GLU GLU A . n 
A 1 88  ASP 88  96  96  ASP ASP A . n 
A 1 89  PHE 89  97  97  PHE PHE A . n 
A 1 90  TYR 90  98  98  TYR TYR A . n 
A 1 91  GLY 91  99  99  GLY GLY A . n 
A 1 92  GLU 92  100 100 GLU GLU A . n 
A 1 93  ILE 93  101 101 ILE ILE A . n 
A 1 94  LEU 94  102 102 LEU LEU A . n 
A 1 95  ASN 95  103 103 ASN ASN A . n 
A 1 96  VAL 96  104 104 VAL VAL A . n 
A 1 97  ALA 97  105 105 ALA ALA A . n 
A 1 98  ILE 98  106 106 ILE ILE A . n 
A 1 99  VAL 99  107 107 VAL VAL A . n 
A 1 100 GLY 100 108 108 GLY GLY A . n 
A 1 101 TYR 101 109 109 TYR TYR A . n 
A 1 102 LEU 102 110 110 LEU LEU A . n 
A 1 103 ARG 103 111 111 ARG ARG A . n 
A 1 104 PRO 104 112 112 PRO PRO A . n 
A 1 105 GLU 105 113 113 GLU GLU A . n 
A 1 106 LYS 106 114 114 LYS LYS A . n 
A 1 107 ASN 107 115 115 ASN ASN A . n 
A 1 108 PHE 108 116 116 PHE PHE A . n 
A 1 109 ASP 109 117 117 ASP ASP A . n 
A 1 110 SER 110 118 118 SER SER A . n 
A 1 111 LEU 111 119 119 LEU LEU A . n 
A 1 112 GLU 112 120 120 GLU GLU A . n 
A 1 113 SER 113 121 121 SER SER A . n 
A 1 114 LEU 114 122 122 LEU LEU A . n 
A 1 115 ILE 115 123 123 ILE ILE A . n 
A 1 116 SER 116 124 124 SER SER A . n 
A 1 117 ALA 117 125 125 ALA ALA A . n 
A 1 118 ILE 118 126 126 ILE ILE A . n 
A 1 119 GLN 119 127 127 GLN GLN A . n 
A 1 120 GLY 120 128 128 GLY GLY A . n 
A 1 121 ASP 121 129 129 ASP ASP A . n 
A 1 122 ILE 122 130 130 ILE ILE A . n 
A 1 123 GLU 123 131 131 GLU GLU A . n 
A 1 124 GLU 124 132 132 GLU GLU A . n 
A 1 125 ALA 125 133 133 ALA ALA A . n 
A 1 126 LYS 126 134 134 LYS LYS A . n 
A 1 127 LYS 127 135 135 LYS LYS A . n 
A 1 128 ARG 128 136 136 ARG ARG A . n 
A 1 129 LEU 129 137 137 LEU LEU A . n 
A 1 130 GLU 130 138 138 GLU GLU A . n 
A 1 131 LEU 131 139 139 LEU LEU A . n 
A 1 132 PRO 132 140 140 PRO PRO A . n 
A 1 133 GLU 133 141 141 GLU GLU A . n 
A 1 134 TYR 134 142 142 TYR TYR A . n 
A 1 135 LEU 135 143 143 LEU LEU A . n 
A 1 136 LYS 136 144 144 LYS LYS A . n 
A 1 137 ILE 137 145 145 ILE ILE A . n 
A 1 138 LYS 138 146 146 LYS LYS A . n 
A 1 139 GLU 139 147 147 GLU GLU A . n 
A 1 140 ASP 140 148 148 ASP ASP A . n 
A 1 141 ASN 141 149 149 ASN ASN A . n 
A 1 142 PHE 142 150 150 PHE PHE A . n 
A 1 143 PHE 143 151 151 PHE PHE A . n 
A 1 144 GLN 144 152 152 GLN GLN A . n 
A 1 145 VAL 145 153 153 VAL VAL A . n 
A 1 146 SER 146 154 154 SER SER A . n 
A 1 147 LYS 147 155 155 LYS LYS A . n 
# 
loop_
_pdbx_nonpoly_scheme.asym_id 
_pdbx_nonpoly_scheme.entity_id 
_pdbx_nonpoly_scheme.mon_id 
_pdbx_nonpoly_scheme.ndb_seq_num 
_pdbx_nonpoly_scheme.pdb_seq_num 
_pdbx_nonpoly_scheme.auth_seq_num 
_pdbx_nonpoly_scheme.pdb_mon_id 
_pdbx_nonpoly_scheme.auth_mon_id 
_pdbx_nonpoly_scheme.pdb_strand_id 
_pdbx_nonpoly_scheme.pdb_ins_code 
B 2 MG  1   201 301 MG  MG  A . 
C 3 ADP 1   301 201 ADP ADP A . 
D 4 RBF 1   401 401 RBF RBF A . 
E 5 HOH 1   501 501 HOH HOH A . 
E 5 HOH 2   502 502 HOH HOH A . 
E 5 HOH 3   503 503 HOH HOH A . 
E 5 HOH 4   504 504 HOH HOH A . 
E 5 HOH 5   505 505 HOH HOH A . 
E 5 HOH 6   506 506 HOH HOH A . 
E 5 HOH 7   507 507 HOH HOH A . 
E 5 HOH 8   508 508 HOH HOH A . 
E 5 HOH 9   509 509 HOH HOH A . 
E 5 HOH 10  510 510 HOH HOH A . 
E 5 HOH 11  511 511 HOH HOH A . 
E 5 HOH 12  512 512 HOH HOH A . 
E 5 HOH 13  513 513 HOH HOH A . 
E 5 HOH 14  514 514 HOH HOH A . 
E 5 HOH 15  515 515 HOH HOH A . 
E 5 HOH 16  516 516 HOH HOH A . 
E 5 HOH 17  517 517 HOH HOH A . 
E 5 HOH 18  518 518 HOH HOH A . 
E 5 HOH 19  519 519 HOH HOH A . 
E 5 HOH 20  520 520 HOH HOH A . 
E 5 HOH 21  521 521 HOH HOH A . 
E 5 HOH 22  522 522 HOH HOH A . 
E 5 HOH 23  523 523 HOH HOH A . 
E 5 HOH 24  524 524 HOH HOH A . 
E 5 HOH 25  525 525 HOH HOH A . 
E 5 HOH 26  526 526 HOH HOH A . 
E 5 HOH 27  527 527 HOH HOH A . 
E 5 HOH 28  528 528 HOH HOH A . 
E 5 HOH 29  529 529 HOH HOH A . 
E 5 HOH 30  530 530 HOH HOH A . 
E 5 HOH 31  531 531 HOH HOH A . 
E 5 HOH 32  532 532 HOH HOH A . 
E 5 HOH 33  533 533 HOH HOH A . 
E 5 HOH 34  534 534 HOH HOH A . 
E 5 HOH 35  535 535 HOH HOH A . 
E 5 HOH 36  536 536 HOH HOH A . 
E 5 HOH 37  537 537 HOH HOH A . 
E 5 HOH 38  538 538 HOH HOH A . 
E 5 HOH 39  539 539 HOH HOH A . 
E 5 HOH 40  540 540 HOH HOH A . 
E 5 HOH 41  541 541 HOH HOH A . 
E 5 HOH 42  542 542 HOH HOH A . 
E 5 HOH 43  543 543 HOH HOH A . 
E 5 HOH 44  544 544 HOH HOH A . 
E 5 HOH 45  545 545 HOH HOH A . 
E 5 HOH 46  546 546 HOH HOH A . 
E 5 HOH 47  547 547 HOH HOH A . 
E 5 HOH 48  548 548 HOH HOH A . 
E 5 HOH 49  549 549 HOH HOH A . 
E 5 HOH 50  550 550 HOH HOH A . 
E 5 HOH 51  551 551 HOH HOH A . 
E 5 HOH 52  552 552 HOH HOH A . 
E 5 HOH 53  553 553 HOH HOH A . 
E 5 HOH 54  554 554 HOH HOH A . 
E 5 HOH 55  555 555 HOH HOH A . 
E 5 HOH 56  556 556 HOH HOH A . 
E 5 HOH 57  557 557 HOH HOH A . 
E 5 HOH 58  558 558 HOH HOH A . 
E 5 HOH 59  559 559 HOH HOH A . 
E 5 HOH 60  560 560 HOH HOH A . 
E 5 HOH 61  561 561 HOH HOH A . 
E 5 HOH 62  562 562 HOH HOH A . 
E 5 HOH 63  563 563 HOH HOH A . 
E 5 HOH 64  564 564 HOH HOH A . 
E 5 HOH 65  565 565 HOH HOH A . 
E 5 HOH 66  566 566 HOH HOH A . 
E 5 HOH 67  567 567 HOH HOH A . 
E 5 HOH 68  568 568 HOH HOH A . 
E 5 HOH 69  569 569 HOH HOH A . 
E 5 HOH 70  570 570 HOH HOH A . 
E 5 HOH 71  571 571 HOH HOH A . 
E 5 HOH 72  572 572 HOH HOH A . 
E 5 HOH 73  573 573 HOH HOH A . 
E 5 HOH 74  574 574 HOH HOH A . 
E 5 HOH 75  575 575 HOH HOH A . 
E 5 HOH 76  576 576 HOH HOH A . 
E 5 HOH 77  577 577 HOH HOH A . 
E 5 HOH 78  578 578 HOH HOH A . 
E 5 HOH 79  579 579 HOH HOH A . 
E 5 HOH 80  580 580 HOH HOH A . 
E 5 HOH 81  581 581 HOH HOH A . 
E 5 HOH 82  582 582 HOH HOH A . 
E 5 HOH 83  583 583 HOH HOH A . 
E 5 HOH 84  584 584 HOH HOH A . 
E 5 HOH 85  585 585 HOH HOH A . 
E 5 HOH 86  586 586 HOH HOH A . 
E 5 HOH 87  587 587 HOH HOH A . 
E 5 HOH 88  588 588 HOH HOH A . 
E 5 HOH 89  589 589 HOH HOH A . 
E 5 HOH 90  590 590 HOH HOH A . 
E 5 HOH 91  591 591 HOH HOH A . 
E 5 HOH 92  592 592 HOH HOH A . 
E 5 HOH 93  593 593 HOH HOH A . 
E 5 HOH 94  594 594 HOH HOH A . 
E 5 HOH 95  595 595 HOH HOH A . 
E 5 HOH 96  596 596 HOH HOH A . 
E 5 HOH 97  597 597 HOH HOH A . 
E 5 HOH 98  598 598 HOH HOH A . 
E 5 HOH 99  599 599 HOH HOH A . 
E 5 HOH 100 600 600 HOH HOH A . 
E 5 HOH 101 601 601 HOH HOH A . 
E 5 HOH 102 602 602 HOH HOH A . 
E 5 HOH 103 603 603 HOH HOH A . 
E 5 HOH 104 604 604 HOH HOH A . 
E 5 HOH 105 605 605 HOH HOH A . 
E 5 HOH 106 606 606 HOH HOH A . 
E 5 HOH 107 607 607 HOH HOH A . 
E 5 HOH 108 608 608 HOH HOH A . 
E 5 HOH 109 609 609 HOH HOH A . 
E 5 HOH 110 610 610 HOH HOH A . 
E 5 HOH 111 611 611 HOH HOH A . 
E 5 HOH 112 612 612 HOH HOH A . 
E 5 HOH 113 613 613 HOH HOH A . 
E 5 HOH 114 614 614 HOH HOH A . 
E 5 HOH 115 615 615 HOH HOH A . 
E 5 HOH 116 616 616 HOH HOH A . 
E 5 HOH 117 617 617 HOH HOH A . 
E 5 HOH 118 618 618 HOH HOH A . 
# 
_pdbx_struct_assembly.id                   1 
_pdbx_struct_assembly.details              author_defined_assembly 
_pdbx_struct_assembly.method_details       ? 
_pdbx_struct_assembly.oligomeric_details   monomeric 
_pdbx_struct_assembly.oligomeric_count     1 
# 
_pdbx_struct_assembly_gen.assembly_id       1 
_pdbx_struct_assembly_gen.oper_expression   1 
_pdbx_struct_assembly_gen.asym_id_list      A,B,C,D,E 
# 
_pdbx_struct_oper_list.id                   1 
_pdbx_struct_oper_list.type                 'identity operation' 
_pdbx_struct_oper_list.name                 1_555 
_pdbx_struct_oper_list.symmetry_operation   x,y,z 
_pdbx_struct_oper_list.matrix[1][1]         1.0000000000 
_pdbx_struct_oper_list.matrix[1][2]         0.0000000000 
_pdbx_struct_oper_list.matrix[1][3]         0.0000000000 
_pdbx_struct_oper_list.vector[1]            0.0000000000 
_pdbx_struct_oper_list.matrix[2][1]         0.0000000000 
_pdbx_struct_oper_list.matrix[2][2]         1.0000000000 
_pdbx_struct_oper_list.matrix[2][3]         0.0000000000 
_pdbx_struct_oper_list.vector[2]            0.0000000000 
_pdbx_struct_oper_list.matrix[3][1]         0.0000000000 
_pdbx_struct_oper_list.matrix[3][2]         0.0000000000 
_pdbx_struct_oper_list.matrix[3][3]         1.0000000000 
_pdbx_struct_oper_list.vector[3]            0.0000000000 
# 
loop_
_pdbx_struct_conn_angle.id 
_pdbx_struct_conn_angle.ptnr1_label_atom_id 
_pdbx_struct_conn_angle.ptnr1_label_alt_id 
_pdbx_struct_conn_angle.ptnr1_label_asym_id 
_pdbx_struct_conn_angle.ptnr1_label_comp_id 
_pdbx_struct_conn_angle.ptnr1_label_seq_id 
_pdbx_struct_conn_angle.ptnr1_auth_atom_id 
_pdbx_struct_conn_angle.ptnr1_auth_asym_id 
_pdbx_struct_conn_angle.ptnr1_auth_comp_id 
_pdbx_struct_conn_angle.ptnr1_auth_seq_id 
_pdbx_struct_conn_angle.ptnr1_PDB_ins_code 
_pdbx_struct_conn_angle.ptnr1_symmetry 
_pdbx_struct_conn_angle.ptnr2_label_atom_id 
_pdbx_struct_conn_angle.ptnr2_label_alt_id 
_pdbx_struct_conn_angle.ptnr2_label_asym_id 
_pdbx_struct_conn_angle.ptnr2_label_comp_id 
_pdbx_struct_conn_angle.ptnr2_label_seq_id 
_pdbx_struct_conn_angle.ptnr2_auth_atom_id 
_pdbx_struct_conn_angle.ptnr2_auth_asym_id 
_pdbx_struct_conn_angle.ptnr2_auth_comp_id 
_pdbx_struct_conn_angle.ptnr2_auth_seq_id 
_pdbx_struct_conn_angle.ptnr2_PDB_ins_code 
_pdbx_struct_conn_angle.ptnr2_symmetry 
_pdbx_struct_conn_angle.ptnr3_label_atom_id 
_pdbx_struct_conn_angle.ptnr3_label_alt_id 
_pdbx_struct_conn_angle.ptnr3_label_asym_id 
_pdbx_struct_conn_angle.ptnr3_label_comp_id 
_pdbx_struct_conn_angle.ptnr3_label_seq_id 
_pdbx_struct_conn_angle.ptnr3_auth_atom_id 
_pdbx_struct_conn_angle.ptnr3_auth_asym_id 
_pdbx_struct_conn_angle.ptnr3_auth_comp_id 
_pdbx_struct_conn_angle.ptnr3_auth_seq_id 
_pdbx_struct_conn_angle.ptnr3_PDB_ins_code 
_pdbx_struct_conn_angle.ptnr3_symmetry 
_pdbx_struct_conn_angle.value 
_pdbx_struct_conn_angle.value_esd 
1  O   ? A THR 26 ? A THR 34  ? 1_555 MG ? B MG . ? A MG 201 ? 1_555 OG1 ? A THR 26 ? A THR 34  ? 1_555 85.0  ? 
2  O   ? A THR 26 ? A THR 34  ? 1_555 MG ? B MG . ? A MG 201 ? 1_555 O1B ? C ADP .  ? A ADP 301 ? 1_555 96.1  ? 
3  OG1 ? A THR 26 ? A THR 34  ? 1_555 MG ? B MG . ? A MG 201 ? 1_555 O1B ? C ADP .  ? A ADP 301 ? 1_555 178.0 ? 
4  O   ? A THR 26 ? A THR 34  ? 1_555 MG ? B MG . ? A MG 201 ? 1_555 O2A ? C ADP .  ? A ADP 301 ? 1_555 89.6  ? 
5  OG1 ? A THR 26 ? A THR 34  ? 1_555 MG ? B MG . ? A MG 201 ? 1_555 O2A ? C ADP .  ? A ADP 301 ? 1_555 87.9  ? 
6  O1B ? C ADP .  ? A ADP 301 ? 1_555 MG ? B MG . ? A MG 201 ? 1_555 O2A ? C ADP .  ? A ADP 301 ? 1_555 93.8  ? 
7  O   ? A THR 26 ? A THR 34  ? 1_555 MG ? B MG . ? A MG 201 ? 1_555 O   ? E HOH .  ? A HOH 502 ? 1_555 91.1  ? 
8  OG1 ? A THR 26 ? A THR 34  ? 1_555 MG ? B MG . ? A MG 201 ? 1_555 O   ? E HOH .  ? A HOH 502 ? 1_555 87.8  ? 
9  O1B ? C ADP .  ? A ADP 301 ? 1_555 MG ? B MG . ? A MG 201 ? 1_555 O   ? E HOH .  ? A HOH 502 ? 1_555 90.5  ? 
10 O2A ? C ADP .  ? A ADP 301 ? 1_555 MG ? B MG . ? A MG 201 ? 1_555 O   ? E HOH .  ? A HOH 502 ? 1_555 175.6 ? 
11 O   ? A THR 26 ? A THR 34  ? 1_555 MG ? B MG . ? A MG 201 ? 1_555 O   ? E HOH .  ? A HOH 568 ? 1_555 171.3 ? 
12 OG1 ? A THR 26 ? A THR 34  ? 1_555 MG ? B MG . ? A MG 201 ? 1_555 O   ? E HOH .  ? A HOH 568 ? 1_555 87.0  ? 
13 O1B ? C ADP .  ? A ADP 301 ? 1_555 MG ? B MG . ? A MG 201 ? 1_555 O   ? E HOH .  ? A HOH 568 ? 1_555 92.1  ? 
14 O2A ? C ADP .  ? A ADP 301 ? 1_555 MG ? B MG . ? A MG 201 ? 1_555 O   ? E HOH .  ? A HOH 568 ? 1_555 87.0  ? 
15 O   ? E HOH .  ? A HOH 502 ? 1_555 MG ? B MG . ? A MG 201 ? 1_555 O   ? E HOH .  ? A HOH 568 ? 1_555 91.7  ? 
# 
loop_
_pdbx_audit_revision_history.ordinal 
_pdbx_audit_revision_history.data_content_type 
_pdbx_audit_revision_history.major_revision 
_pdbx_audit_revision_history.minor_revision 
_pdbx_audit_revision_history.revision_date 
1 'Structure model' 1 0 2003-03-11 
2 'Structure model' 1 1 2008-04-28 
3 'Structure model' 1 2 2011-07-13 
4 'Structure model' 1 3 2023-08-16 
# 
_pdbx_audit_revision_details.ordinal             1 
_pdbx_audit_revision_details.revision_ordinal    1 
_pdbx_audit_revision_details.data_content_type   'Structure model' 
_pdbx_audit_revision_details.provider            repository 
_pdbx_audit_revision_details.type                'Initial release' 
_pdbx_audit_revision_details.description         ? 
_pdbx_audit_revision_details.details             ? 
# 
loop_
_pdbx_audit_revision_group.ordinal 
_pdbx_audit_revision_group.revision_ordinal 
_pdbx_audit_revision_group.data_content_type 
_pdbx_audit_revision_group.group 
1 2 'Structure model' 'Version format compliance' 
2 3 'Structure model' Advisory                    
3 3 'Structure model' 'Version format compliance' 
4 4 'Structure model' 'Data collection'           
5 4 'Structure model' 'Database references'       
6 4 'Structure model' 'Derived calculations'      
7 4 'Structure model' 'Refinement description'    
# 
loop_
_pdbx_audit_revision_category.ordinal 
_pdbx_audit_revision_category.revision_ordinal 
_pdbx_audit_revision_category.data_content_type 
_pdbx_audit_revision_category.category 
1 4 'Structure model' chem_comp_atom                
2 4 'Structure model' chem_comp_bond                
3 4 'Structure model' database_2                    
4 4 'Structure model' pdbx_initial_refinement_model 
5 4 'Structure model' pdbx_struct_conn_angle        
6 4 'Structure model' struct_conn                   
7 4 'Structure model' struct_ref_seq_dif            
8 4 'Structure model' struct_site                   
# 
loop_
_pdbx_audit_revision_item.ordinal 
_pdbx_audit_revision_item.revision_ordinal 
_pdbx_audit_revision_item.data_content_type 
_pdbx_audit_revision_item.item 
1  4 'Structure model' '_database_2.pdbx_DOI'                        
2  4 'Structure model' '_database_2.pdbx_database_accession'         
3  4 'Structure model' '_pdbx_struct_conn_angle.ptnr1_auth_comp_id'  
4  4 'Structure model' '_pdbx_struct_conn_angle.ptnr1_auth_seq_id'   
5  4 'Structure model' '_pdbx_struct_conn_angle.ptnr1_label_asym_id' 
6  4 'Structure model' '_pdbx_struct_conn_angle.ptnr1_label_atom_id' 
7  4 'Structure model' '_pdbx_struct_conn_angle.ptnr1_label_comp_id' 
8  4 'Structure model' '_pdbx_struct_conn_angle.ptnr1_label_seq_id'  
9  4 'Structure model' '_pdbx_struct_conn_angle.ptnr3_auth_comp_id'  
10 4 'Structure model' '_pdbx_struct_conn_angle.ptnr3_auth_seq_id'   
11 4 'Structure model' '_pdbx_struct_conn_angle.ptnr3_label_asym_id' 
12 4 'Structure model' '_pdbx_struct_conn_angle.ptnr3_label_atom_id' 
13 4 'Structure model' '_pdbx_struct_conn_angle.ptnr3_label_comp_id' 
14 4 'Structure model' '_pdbx_struct_conn_angle.ptnr3_label_seq_id'  
15 4 'Structure model' '_pdbx_struct_conn_angle.value'               
16 4 'Structure model' '_struct_conn.pdbx_dist_value'                
17 4 'Structure model' '_struct_conn.ptnr1_auth_comp_id'             
18 4 'Structure model' '_struct_conn.ptnr1_auth_seq_id'              
19 4 'Structure model' '_struct_conn.ptnr1_label_asym_id'            
20 4 'Structure model' '_struct_conn.ptnr1_label_atom_id'            
21 4 'Structure model' '_struct_conn.ptnr1_label_comp_id'            
22 4 'Structure model' '_struct_conn.ptnr1_label_seq_id'             
23 4 'Structure model' '_struct_conn.ptnr2_auth_comp_id'             
24 4 'Structure model' '_struct_conn.ptnr2_auth_seq_id'              
25 4 'Structure model' '_struct_conn.ptnr2_label_asym_id'            
26 4 'Structure model' '_struct_conn.ptnr2_label_atom_id'            
27 4 'Structure model' '_struct_conn.ptnr2_label_comp_id'            
28 4 'Structure model' '_struct_conn.ptnr2_label_seq_id'             
29 4 'Structure model' '_struct_ref_seq_dif.details'                 
30 4 'Structure model' '_struct_site.pdbx_auth_asym_id'              
31 4 'Structure model' '_struct_site.pdbx_auth_comp_id'              
32 4 'Structure model' '_struct_site.pdbx_auth_seq_id'               
# 
_pdbx_refine_tls.id               1 
_pdbx_refine_tls.details          ? 
_pdbx_refine_tls.method           refined 
_pdbx_refine_tls.origin_x         0.0016 
_pdbx_refine_tls.origin_y         0.0986 
_pdbx_refine_tls.origin_z         0.1087 
_pdbx_refine_tls.T[1][1]          0.0441 
_pdbx_refine_tls.T[2][2]          0.0624 
_pdbx_refine_tls.T[3][3]          0.0152 
_pdbx_refine_tls.T[1][2]          -0.0155 
_pdbx_refine_tls.T[1][3]          0.0020 
_pdbx_refine_tls.T[2][3]          0.0173 
_pdbx_refine_tls.L[1][1]          1.3384 
_pdbx_refine_tls.L[2][2]          1.5625 
_pdbx_refine_tls.L[3][3]          1.3667 
_pdbx_refine_tls.L[1][2]          -0.2477 
_pdbx_refine_tls.L[1][3]          0.5597 
_pdbx_refine_tls.L[2][3]          -0.8019 
_pdbx_refine_tls.S[1][1]          -0.0417 
_pdbx_refine_tls.S[1][2]          0.0429 
_pdbx_refine_tls.S[1][3]          0.0210 
_pdbx_refine_tls.S[2][1]          -0.0113 
_pdbx_refine_tls.S[2][2]          0.0451 
_pdbx_refine_tls.S[2][3]          -0.0032 
_pdbx_refine_tls.S[3][1]          -0.0287 
_pdbx_refine_tls.S[3][2]          0.0258 
_pdbx_refine_tls.S[3][3]          -0.0034 
_pdbx_refine_tls.pdbx_refine_id   'X-RAY DIFFRACTION' 
# 
_pdbx_refine_tls_group.id                  1 
_pdbx_refine_tls_group.refine_tls_id       1 
_pdbx_refine_tls_group.beg_label_asym_id   A 
_pdbx_refine_tls_group.beg_label_seq_id    1 
_pdbx_refine_tls_group.beg_auth_seq_id     9 
_pdbx_refine_tls_group.end_label_asym_id   A 
_pdbx_refine_tls_group.end_label_seq_id    147 
_pdbx_refine_tls_group.end_auth_seq_id     155 
_pdbx_refine_tls_group.selection           ? 
_pdbx_refine_tls_group.beg_auth_asym_id    A 
_pdbx_refine_tls_group.end_auth_asym_id    A 
_pdbx_refine_tls_group.pdbx_refine_id      'X-RAY DIFFRACTION' 
_pdbx_refine_tls_group.selection_details   ? 
# 
loop_
_software.name 
_software.classification 
_software.version 
_software.citation_id 
_software.pdbx_ordinal 
HKL-2000  'data collection' .      ? 1 
SCALEPACK 'data scaling'    .      ? 2 
SOLVE     phasing           .      ? 3 
REFMAC    refinement        5.1.27 ? 4 
HKL-2000  'data reduction'  .      ? 5 
MOLREP    phasing           .      ? 6 
# 
_pdbx_validate_torsion.id              1 
_pdbx_validate_torsion.PDB_model_num   1 
_pdbx_validate_torsion.auth_comp_id    ASN 
_pdbx_validate_torsion.auth_asym_id    A 
_pdbx_validate_torsion.auth_seq_id     80 
_pdbx_validate_torsion.PDB_ins_code    ? 
_pdbx_validate_torsion.label_alt_id    ? 
_pdbx_validate_torsion.phi             62.01 
_pdbx_validate_torsion.psi             -137.35 
# 
loop_
_pdbx_unobs_or_zero_occ_atoms.id 
_pdbx_unobs_or_zero_occ_atoms.PDB_model_num 
_pdbx_unobs_or_zero_occ_atoms.polymer_flag 
_pdbx_unobs_or_zero_occ_atoms.occupancy_flag 
_pdbx_unobs_or_zero_occ_atoms.auth_asym_id 
_pdbx_unobs_or_zero_occ_atoms.auth_comp_id 
_pdbx_unobs_or_zero_occ_atoms.auth_seq_id 
_pdbx_unobs_or_zero_occ_atoms.PDB_ins_code 
_pdbx_unobs_or_zero_occ_atoms.auth_atom_id 
_pdbx_unobs_or_zero_occ_atoms.label_alt_id 
_pdbx_unobs_or_zero_occ_atoms.label_asym_id 
_pdbx_unobs_or_zero_occ_atoms.label_comp_id 
_pdbx_unobs_or_zero_occ_atoms.label_seq_id 
_pdbx_unobs_or_zero_occ_atoms.label_atom_id 
1 1 Y 1 A ARG 9 ? CB  ? A ARG 1 CB  
2 1 Y 1 A ARG 9 ? CG  ? A ARG 1 CG  
3 1 Y 1 A ARG 9 ? CD  ? A ARG 1 CD  
4 1 Y 1 A ARG 9 ? NE  ? A ARG 1 NE  
5 1 Y 1 A ARG 9 ? CZ  ? A ARG 1 CZ  
6 1 Y 1 A ARG 9 ? NH1 ? A ARG 1 NH1 
7 1 Y 1 A ARG 9 ? NH2 ? A ARG 1 NH2 
# 
loop_
_chem_comp_atom.comp_id 
_chem_comp_atom.atom_id 
_chem_comp_atom.type_symbol 
_chem_comp_atom.pdbx_aromatic_flag 
_chem_comp_atom.pdbx_stereo_config 
_chem_comp_atom.pdbx_ordinal 
ADP PB     P  N N 1   
ADP O1B    O  N N 2   
ADP O2B    O  N N 3   
ADP O3B    O  N N 4   
ADP PA     P  N S 5   
ADP O1A    O  N N 6   
ADP O2A    O  N N 7   
ADP O3A    O  N N 8   
ADP "O5'"  O  N N 9   
ADP "C5'"  C  N N 10  
ADP "C4'"  C  N R 11  
ADP "O4'"  O  N N 12  
ADP "C3'"  C  N S 13  
ADP "O3'"  O  N N 14  
ADP "C2'"  C  N R 15  
ADP "O2'"  O  N N 16  
ADP "C1'"  C  N R 17  
ADP N9     N  Y N 18  
ADP C8     C  Y N 19  
ADP N7     N  Y N 20  
ADP C5     C  Y N 21  
ADP C6     C  Y N 22  
ADP N6     N  N N 23  
ADP N1     N  Y N 24  
ADP C2     C  Y N 25  
ADP N3     N  Y N 26  
ADP C4     C  Y N 27  
ADP HOB2   H  N N 28  
ADP HOB3   H  N N 29  
ADP HOA2   H  N N 30  
ADP "H5'1" H  N N 31  
ADP "H5'2" H  N N 32  
ADP "H4'"  H  N N 33  
ADP "H3'"  H  N N 34  
ADP "HO3'" H  N N 35  
ADP "H2'"  H  N N 36  
ADP "HO2'" H  N N 37  
ADP "H1'"  H  N N 38  
ADP H8     H  N N 39  
ADP HN61   H  N N 40  
ADP HN62   H  N N 41  
ADP H2     H  N N 42  
ALA N      N  N N 43  
ALA CA     C  N S 44  
ALA C      C  N N 45  
ALA O      O  N N 46  
ALA CB     C  N N 47  
ALA OXT    O  N N 48  
ALA H      H  N N 49  
ALA H2     H  N N 50  
ALA HA     H  N N 51  
ALA HB1    H  N N 52  
ALA HB2    H  N N 53  
ALA HB3    H  N N 54  
ALA HXT    H  N N 55  
ARG N      N  N N 56  
ARG CA     C  N S 57  
ARG C      C  N N 58  
ARG O      O  N N 59  
ARG CB     C  N N 60  
ARG CG     C  N N 61  
ARG CD     C  N N 62  
ARG NE     N  N N 63  
ARG CZ     C  N N 64  
ARG NH1    N  N N 65  
ARG NH2    N  N N 66  
ARG OXT    O  N N 67  
ARG H      H  N N 68  
ARG H2     H  N N 69  
ARG HA     H  N N 70  
ARG HB2    H  N N 71  
ARG HB3    H  N N 72  
ARG HG2    H  N N 73  
ARG HG3    H  N N 74  
ARG HD2    H  N N 75  
ARG HD3    H  N N 76  
ARG HE     H  N N 77  
ARG HH11   H  N N 78  
ARG HH12   H  N N 79  
ARG HH21   H  N N 80  
ARG HH22   H  N N 81  
ARG HXT    H  N N 82  
ASN N      N  N N 83  
ASN CA     C  N S 84  
ASN C      C  N N 85  
ASN O      O  N N 86  
ASN CB     C  N N 87  
ASN CG     C  N N 88  
ASN OD1    O  N N 89  
ASN ND2    N  N N 90  
ASN OXT    O  N N 91  
ASN H      H  N N 92  
ASN H2     H  N N 93  
ASN HA     H  N N 94  
ASN HB2    H  N N 95  
ASN HB3    H  N N 96  
ASN HD21   H  N N 97  
ASN HD22   H  N N 98  
ASN HXT    H  N N 99  
ASP N      N  N N 100 
ASP CA     C  N S 101 
ASP C      C  N N 102 
ASP O      O  N N 103 
ASP CB     C  N N 104 
ASP CG     C  N N 105 
ASP OD1    O  N N 106 
ASP OD2    O  N N 107 
ASP OXT    O  N N 108 
ASP H      H  N N 109 
ASP H2     H  N N 110 
ASP HA     H  N N 111 
ASP HB2    H  N N 112 
ASP HB3    H  N N 113 
ASP HD2    H  N N 114 
ASP HXT    H  N N 115 
CYS N      N  N N 116 
CYS CA     C  N R 117 
CYS C      C  N N 118 
CYS O      O  N N 119 
CYS CB     C  N N 120 
CYS SG     S  N N 121 
CYS OXT    O  N N 122 
CYS H      H  N N 123 
CYS H2     H  N N 124 
CYS HA     H  N N 125 
CYS HB2    H  N N 126 
CYS HB3    H  N N 127 
CYS HG     H  N N 128 
CYS HXT    H  N N 129 
GLN N      N  N N 130 
GLN CA     C  N S 131 
GLN C      C  N N 132 
GLN O      O  N N 133 
GLN CB     C  N N 134 
GLN CG     C  N N 135 
GLN CD     C  N N 136 
GLN OE1    O  N N 137 
GLN NE2    N  N N 138 
GLN OXT    O  N N 139 
GLN H      H  N N 140 
GLN H2     H  N N 141 
GLN HA     H  N N 142 
GLN HB2    H  N N 143 
GLN HB3    H  N N 144 
GLN HG2    H  N N 145 
GLN HG3    H  N N 146 
GLN HE21   H  N N 147 
GLN HE22   H  N N 148 
GLN HXT    H  N N 149 
GLU N      N  N N 150 
GLU CA     C  N S 151 
GLU C      C  N N 152 
GLU O      O  N N 153 
GLU CB     C  N N 154 
GLU CG     C  N N 155 
GLU CD     C  N N 156 
GLU OE1    O  N N 157 
GLU OE2    O  N N 158 
GLU OXT    O  N N 159 
GLU H      H  N N 160 
GLU H2     H  N N 161 
GLU HA     H  N N 162 
GLU HB2    H  N N 163 
GLU HB3    H  N N 164 
GLU HG2    H  N N 165 
GLU HG3    H  N N 166 
GLU HE2    H  N N 167 
GLU HXT    H  N N 168 
GLY N      N  N N 169 
GLY CA     C  N N 170 
GLY C      C  N N 171 
GLY O      O  N N 172 
GLY OXT    O  N N 173 
GLY H      H  N N 174 
GLY H2     H  N N 175 
GLY HA2    H  N N 176 
GLY HA3    H  N N 177 
GLY HXT    H  N N 178 
HIS N      N  N N 179 
HIS CA     C  N S 180 
HIS C      C  N N 181 
HIS O      O  N N 182 
HIS CB     C  N N 183 
HIS CG     C  Y N 184 
HIS ND1    N  Y N 185 
HIS CD2    C  Y N 186 
HIS CE1    C  Y N 187 
HIS NE2    N  Y N 188 
HIS OXT    O  N N 189 
HIS H      H  N N 190 
HIS H2     H  N N 191 
HIS HA     H  N N 192 
HIS HB2    H  N N 193 
HIS HB3    H  N N 194 
HIS HD1    H  N N 195 
HIS HD2    H  N N 196 
HIS HE1    H  N N 197 
HIS HE2    H  N N 198 
HIS HXT    H  N N 199 
HOH O      O  N N 200 
HOH H1     H  N N 201 
HOH H2     H  N N 202 
ILE N      N  N N 203 
ILE CA     C  N S 204 
ILE C      C  N N 205 
ILE O      O  N N 206 
ILE CB     C  N S 207 
ILE CG1    C  N N 208 
ILE CG2    C  N N 209 
ILE CD1    C  N N 210 
ILE OXT    O  N N 211 
ILE H      H  N N 212 
ILE H2     H  N N 213 
ILE HA     H  N N 214 
ILE HB     H  N N 215 
ILE HG12   H  N N 216 
ILE HG13   H  N N 217 
ILE HG21   H  N N 218 
ILE HG22   H  N N 219 
ILE HG23   H  N N 220 
ILE HD11   H  N N 221 
ILE HD12   H  N N 222 
ILE HD13   H  N N 223 
ILE HXT    H  N N 224 
LEU N      N  N N 225 
LEU CA     C  N S 226 
LEU C      C  N N 227 
LEU O      O  N N 228 
LEU CB     C  N N 229 
LEU CG     C  N N 230 
LEU CD1    C  N N 231 
LEU CD2    C  N N 232 
LEU OXT    O  N N 233 
LEU H      H  N N 234 
LEU H2     H  N N 235 
LEU HA     H  N N 236 
LEU HB2    H  N N 237 
LEU HB3    H  N N 238 
LEU HG     H  N N 239 
LEU HD11   H  N N 240 
LEU HD12   H  N N 241 
LEU HD13   H  N N 242 
LEU HD21   H  N N 243 
LEU HD22   H  N N 244 
LEU HD23   H  N N 245 
LEU HXT    H  N N 246 
LYS N      N  N N 247 
LYS CA     C  N S 248 
LYS C      C  N N 249 
LYS O      O  N N 250 
LYS CB     C  N N 251 
LYS CG     C  N N 252 
LYS CD     C  N N 253 
LYS CE     C  N N 254 
LYS NZ     N  N N 255 
LYS OXT    O  N N 256 
LYS H      H  N N 257 
LYS H2     H  N N 258 
LYS HA     H  N N 259 
LYS HB2    H  N N 260 
LYS HB3    H  N N 261 
LYS HG2    H  N N 262 
LYS HG3    H  N N 263 
LYS HD2    H  N N 264 
LYS HD3    H  N N 265 
LYS HE2    H  N N 266 
LYS HE3    H  N N 267 
LYS HZ1    H  N N 268 
LYS HZ2    H  N N 269 
LYS HZ3    H  N N 270 
LYS HXT    H  N N 271 
MET N      N  N N 272 
MET CA     C  N S 273 
MET C      C  N N 274 
MET O      O  N N 275 
MET CB     C  N N 276 
MET CG     C  N N 277 
MET SD     S  N N 278 
MET CE     C  N N 279 
MET OXT    O  N N 280 
MET H      H  N N 281 
MET H2     H  N N 282 
MET HA     H  N N 283 
MET HB2    H  N N 284 
MET HB3    H  N N 285 
MET HG2    H  N N 286 
MET HG3    H  N N 287 
MET HE1    H  N N 288 
MET HE2    H  N N 289 
MET HE3    H  N N 290 
MET HXT    H  N N 291 
MG  MG     MG N N 292 
PHE N      N  N N 293 
PHE CA     C  N S 294 
PHE C      C  N N 295 
PHE O      O  N N 296 
PHE CB     C  N N 297 
PHE CG     C  Y N 298 
PHE CD1    C  Y N 299 
PHE CD2    C  Y N 300 
PHE CE1    C  Y N 301 
PHE CE2    C  Y N 302 
PHE CZ     C  Y N 303 
PHE OXT    O  N N 304 
PHE H      H  N N 305 
PHE H2     H  N N 306 
PHE HA     H  N N 307 
PHE HB2    H  N N 308 
PHE HB3    H  N N 309 
PHE HD1    H  N N 310 
PHE HD2    H  N N 311 
PHE HE1    H  N N 312 
PHE HE2    H  N N 313 
PHE HZ     H  N N 314 
PHE HXT    H  N N 315 
PRO N      N  N N 316 
PRO CA     C  N S 317 
PRO C      C  N N 318 
PRO O      O  N N 319 
PRO CB     C  N N 320 
PRO CG     C  N N 321 
PRO CD     C  N N 322 
PRO OXT    O  N N 323 
PRO H      H  N N 324 
PRO HA     H  N N 325 
PRO HB2    H  N N 326 
PRO HB3    H  N N 327 
PRO HG2    H  N N 328 
PRO HG3    H  N N 329 
PRO HD2    H  N N 330 
PRO HD3    H  N N 331 
PRO HXT    H  N N 332 
RBF N1     N  N N 333 
RBF C2     C  N N 334 
RBF O2     O  N N 335 
RBF N3     N  N N 336 
RBF C4     C  N N 337 
RBF O4     O  N N 338 
RBF C4A    C  N N 339 
RBF N5     N  N N 340 
RBF C5A    C  Y N 341 
RBF C6     C  Y N 342 
RBF C7     C  Y N 343 
RBF C7M    C  N N 344 
RBF C8     C  Y N 345 
RBF C8M    C  N N 346 
RBF C9     C  Y N 347 
RBF C9A    C  Y N 348 
RBF N10    N  N N 349 
RBF C10    C  N N 350 
RBF "C1'"  C  N N 351 
RBF "C2'"  C  N S 352 
RBF "O2'"  O  N N 353 
RBF "C3'"  C  N S 354 
RBF "O3'"  O  N N 355 
RBF "C4'"  C  N R 356 
RBF "O4'"  O  N N 357 
RBF "C5'"  C  N N 358 
RBF "O5'"  O  N N 359 
RBF HN3    H  N N 360 
RBF HC6    H  N N 361 
RBF HC71   H  N N 362 
RBF HC72   H  N N 363 
RBF HC73   H  N N 364 
RBF HC81   H  N N 365 
RBF HC82   H  N N 366 
RBF HC83   H  N N 367 
RBF HC9    H  N N 368 
RBF HC11   H  N N 369 
RBF HC12   H  N N 370 
RBF "HC2'" H  N N 371 
RBF "HO2'" H  N N 372 
RBF "HC3'" H  N N 373 
RBF "HO3'" H  N N 374 
RBF "HC4'" H  N N 375 
RBF "HO4'" H  N N 376 
RBF HC51   H  N N 377 
RBF HC52   H  N N 378 
RBF "HO5'" H  N N 379 
SER N      N  N N 380 
SER CA     C  N S 381 
SER C      C  N N 382 
SER O      O  N N 383 
SER CB     C  N N 384 
SER OG     O  N N 385 
SER OXT    O  N N 386 
SER H      H  N N 387 
SER H2     H  N N 388 
SER HA     H  N N 389 
SER HB2    H  N N 390 
SER HB3    H  N N 391 
SER HG     H  N N 392 
SER HXT    H  N N 393 
THR N      N  N N 394 
THR CA     C  N S 395 
THR C      C  N N 396 
THR O      O  N N 397 
THR CB     C  N R 398 
THR OG1    O  N N 399 
THR CG2    C  N N 400 
THR OXT    O  N N 401 
THR H      H  N N 402 
THR H2     H  N N 403 
THR HA     H  N N 404 
THR HB     H  N N 405 
THR HG1    H  N N 406 
THR HG21   H  N N 407 
THR HG22   H  N N 408 
THR HG23   H  N N 409 
THR HXT    H  N N 410 
TRP N      N  N N 411 
TRP CA     C  N S 412 
TRP C      C  N N 413 
TRP O      O  N N 414 
TRP CB     C  N N 415 
TRP CG     C  Y N 416 
TRP CD1    C  Y N 417 
TRP CD2    C  Y N 418 
TRP NE1    N  Y N 419 
TRP CE2    C  Y N 420 
TRP CE3    C  Y N 421 
TRP CZ2    C  Y N 422 
TRP CZ3    C  Y N 423 
TRP CH2    C  Y N 424 
TRP OXT    O  N N 425 
TRP H      H  N N 426 
TRP H2     H  N N 427 
TRP HA     H  N N 428 
TRP HB2    H  N N 429 
TRP HB3    H  N N 430 
TRP HD1    H  N N 431 
TRP HE1    H  N N 432 
TRP HE3    H  N N 433 
TRP HZ2    H  N N 434 
TRP HZ3    H  N N 435 
TRP HH2    H  N N 436 
TRP HXT    H  N N 437 
TYR N      N  N N 438 
TYR CA     C  N S 439 
TYR C      C  N N 440 
TYR O      O  N N 441 
TYR CB     C  N N 442 
TYR CG     C  Y N 443 
TYR CD1    C  Y N 444 
TYR CD2    C  Y N 445 
TYR CE1    C  Y N 446 
TYR CE2    C  Y N 447 
TYR CZ     C  Y N 448 
TYR OH     O  N N 449 
TYR OXT    O  N N 450 
TYR H      H  N N 451 
TYR H2     H  N N 452 
TYR HA     H  N N 453 
TYR HB2    H  N N 454 
TYR HB3    H  N N 455 
TYR HD1    H  N N 456 
TYR HD2    H  N N 457 
TYR HE1    H  N N 458 
TYR HE2    H  N N 459 
TYR HH     H  N N 460 
TYR HXT    H  N N 461 
VAL N      N  N N 462 
VAL CA     C  N S 463 
VAL C      C  N N 464 
VAL O      O  N N 465 
VAL CB     C  N N 466 
VAL CG1    C  N N 467 
VAL CG2    C  N N 468 
VAL OXT    O  N N 469 
VAL H      H  N N 470 
VAL H2     H  N N 471 
VAL HA     H  N N 472 
VAL HB     H  N N 473 
VAL HG11   H  N N 474 
VAL HG12   H  N N 475 
VAL HG13   H  N N 476 
VAL HG21   H  N N 477 
VAL HG22   H  N N 478 
VAL HG23   H  N N 479 
VAL HXT    H  N N 480 
# 
loop_
_chem_comp_bond.comp_id 
_chem_comp_bond.atom_id_1 
_chem_comp_bond.atom_id_2 
_chem_comp_bond.value_order 
_chem_comp_bond.pdbx_aromatic_flag 
_chem_comp_bond.pdbx_stereo_config 
_chem_comp_bond.pdbx_ordinal 
ADP PB    O1B    doub N N 1   
ADP PB    O2B    sing N N 2   
ADP PB    O3B    sing N N 3   
ADP PB    O3A    sing N N 4   
ADP O2B   HOB2   sing N N 5   
ADP O3B   HOB3   sing N N 6   
ADP PA    O1A    doub N N 7   
ADP PA    O2A    sing N N 8   
ADP PA    O3A    sing N N 9   
ADP PA    "O5'"  sing N N 10  
ADP O2A   HOA2   sing N N 11  
ADP "O5'" "C5'"  sing N N 12  
ADP "C5'" "C4'"  sing N N 13  
ADP "C5'" "H5'1" sing N N 14  
ADP "C5'" "H5'2" sing N N 15  
ADP "C4'" "O4'"  sing N N 16  
ADP "C4'" "C3'"  sing N N 17  
ADP "C4'" "H4'"  sing N N 18  
ADP "O4'" "C1'"  sing N N 19  
ADP "C3'" "O3'"  sing N N 20  
ADP "C3'" "C2'"  sing N N 21  
ADP "C3'" "H3'"  sing N N 22  
ADP "O3'" "HO3'" sing N N 23  
ADP "C2'" "O2'"  sing N N 24  
ADP "C2'" "C1'"  sing N N 25  
ADP "C2'" "H2'"  sing N N 26  
ADP "O2'" "HO2'" sing N N 27  
ADP "C1'" N9     sing N N 28  
ADP "C1'" "H1'"  sing N N 29  
ADP N9    C8     sing Y N 30  
ADP N9    C4     sing Y N 31  
ADP C8    N7     doub Y N 32  
ADP C8    H8     sing N N 33  
ADP N7    C5     sing Y N 34  
ADP C5    C6     sing Y N 35  
ADP C5    C4     doub Y N 36  
ADP C6    N6     sing N N 37  
ADP C6    N1     doub Y N 38  
ADP N6    HN61   sing N N 39  
ADP N6    HN62   sing N N 40  
ADP N1    C2     sing Y N 41  
ADP C2    N3     doub Y N 42  
ADP C2    H2     sing N N 43  
ADP N3    C4     sing Y N 44  
ALA N     CA     sing N N 45  
ALA N     H      sing N N 46  
ALA N     H2     sing N N 47  
ALA CA    C      sing N N 48  
ALA CA    CB     sing N N 49  
ALA CA    HA     sing N N 50  
ALA C     O      doub N N 51  
ALA C     OXT    sing N N 52  
ALA CB    HB1    sing N N 53  
ALA CB    HB2    sing N N 54  
ALA CB    HB3    sing N N 55  
ALA OXT   HXT    sing N N 56  
ARG N     CA     sing N N 57  
ARG N     H      sing N N 58  
ARG N     H2     sing N N 59  
ARG CA    C      sing N N 60  
ARG CA    CB     sing N N 61  
ARG CA    HA     sing N N 62  
ARG C     O      doub N N 63  
ARG C     OXT    sing N N 64  
ARG CB    CG     sing N N 65  
ARG CB    HB2    sing N N 66  
ARG CB    HB3    sing N N 67  
ARG CG    CD     sing N N 68  
ARG CG    HG2    sing N N 69  
ARG CG    HG3    sing N N 70  
ARG CD    NE     sing N N 71  
ARG CD    HD2    sing N N 72  
ARG CD    HD3    sing N N 73  
ARG NE    CZ     sing N N 74  
ARG NE    HE     sing N N 75  
ARG CZ    NH1    sing N N 76  
ARG CZ    NH2    doub N N 77  
ARG NH1   HH11   sing N N 78  
ARG NH1   HH12   sing N N 79  
ARG NH2   HH21   sing N N 80  
ARG NH2   HH22   sing N N 81  
ARG OXT   HXT    sing N N 82  
ASN N     CA     sing N N 83  
ASN N     H      sing N N 84  
ASN N     H2     sing N N 85  
ASN CA    C      sing N N 86  
ASN CA    CB     sing N N 87  
ASN CA    HA     sing N N 88  
ASN C     O      doub N N 89  
ASN C     OXT    sing N N 90  
ASN CB    CG     sing N N 91  
ASN CB    HB2    sing N N 92  
ASN CB    HB3    sing N N 93  
ASN CG    OD1    doub N N 94  
ASN CG    ND2    sing N N 95  
ASN ND2   HD21   sing N N 96  
ASN ND2   HD22   sing N N 97  
ASN OXT   HXT    sing N N 98  
ASP N     CA     sing N N 99  
ASP N     H      sing N N 100 
ASP N     H2     sing N N 101 
ASP CA    C      sing N N 102 
ASP CA    CB     sing N N 103 
ASP CA    HA     sing N N 104 
ASP C     O      doub N N 105 
ASP C     OXT    sing N N 106 
ASP CB    CG     sing N N 107 
ASP CB    HB2    sing N N 108 
ASP CB    HB3    sing N N 109 
ASP CG    OD1    doub N N 110 
ASP CG    OD2    sing N N 111 
ASP OD2   HD2    sing N N 112 
ASP OXT   HXT    sing N N 113 
CYS N     CA     sing N N 114 
CYS N     H      sing N N 115 
CYS N     H2     sing N N 116 
CYS CA    C      sing N N 117 
CYS CA    CB     sing N N 118 
CYS CA    HA     sing N N 119 
CYS C     O      doub N N 120 
CYS C     OXT    sing N N 121 
CYS CB    SG     sing N N 122 
CYS CB    HB2    sing N N 123 
CYS CB    HB3    sing N N 124 
CYS SG    HG     sing N N 125 
CYS OXT   HXT    sing N N 126 
GLN N     CA     sing N N 127 
GLN N     H      sing N N 128 
GLN N     H2     sing N N 129 
GLN CA    C      sing N N 130 
GLN CA    CB     sing N N 131 
GLN CA    HA     sing N N 132 
GLN C     O      doub N N 133 
GLN C     OXT    sing N N 134 
GLN CB    CG     sing N N 135 
GLN CB    HB2    sing N N 136 
GLN CB    HB3    sing N N 137 
GLN CG    CD     sing N N 138 
GLN CG    HG2    sing N N 139 
GLN CG    HG3    sing N N 140 
GLN CD    OE1    doub N N 141 
GLN CD    NE2    sing N N 142 
GLN NE2   HE21   sing N N 143 
GLN NE2   HE22   sing N N 144 
GLN OXT   HXT    sing N N 145 
GLU N     CA     sing N N 146 
GLU N     H      sing N N 147 
GLU N     H2     sing N N 148 
GLU CA    C      sing N N 149 
GLU CA    CB     sing N N 150 
GLU CA    HA     sing N N 151 
GLU C     O      doub N N 152 
GLU C     OXT    sing N N 153 
GLU CB    CG     sing N N 154 
GLU CB    HB2    sing N N 155 
GLU CB    HB3    sing N N 156 
GLU CG    CD     sing N N 157 
GLU CG    HG2    sing N N 158 
GLU CG    HG3    sing N N 159 
GLU CD    OE1    doub N N 160 
GLU CD    OE2    sing N N 161 
GLU OE2   HE2    sing N N 162 
GLU OXT   HXT    sing N N 163 
GLY N     CA     sing N N 164 
GLY N     H      sing N N 165 
GLY N     H2     sing N N 166 
GLY CA    C      sing N N 167 
GLY CA    HA2    sing N N 168 
GLY CA    HA3    sing N N 169 
GLY C     O      doub N N 170 
GLY C     OXT    sing N N 171 
GLY OXT   HXT    sing N N 172 
HIS N     CA     sing N N 173 
HIS N     H      sing N N 174 
HIS N     H2     sing N N 175 
HIS CA    C      sing N N 176 
HIS CA    CB     sing N N 177 
HIS CA    HA     sing N N 178 
HIS C     O      doub N N 179 
HIS C     OXT    sing N N 180 
HIS CB    CG     sing N N 181 
HIS CB    HB2    sing N N 182 
HIS CB    HB3    sing N N 183 
HIS CG    ND1    sing Y N 184 
HIS CG    CD2    doub Y N 185 
HIS ND1   CE1    doub Y N 186 
HIS ND1   HD1    sing N N 187 
HIS CD2   NE2    sing Y N 188 
HIS CD2   HD2    sing N N 189 
HIS CE1   NE2    sing Y N 190 
HIS CE1   HE1    sing N N 191 
HIS NE2   HE2    sing N N 192 
HIS OXT   HXT    sing N N 193 
HOH O     H1     sing N N 194 
HOH O     H2     sing N N 195 
ILE N     CA     sing N N 196 
ILE N     H      sing N N 197 
ILE N     H2     sing N N 198 
ILE CA    C      sing N N 199 
ILE CA    CB     sing N N 200 
ILE CA    HA     sing N N 201 
ILE C     O      doub N N 202 
ILE C     OXT    sing N N 203 
ILE CB    CG1    sing N N 204 
ILE CB    CG2    sing N N 205 
ILE CB    HB     sing N N 206 
ILE CG1   CD1    sing N N 207 
ILE CG1   HG12   sing N N 208 
ILE CG1   HG13   sing N N 209 
ILE CG2   HG21   sing N N 210 
ILE CG2   HG22   sing N N 211 
ILE CG2   HG23   sing N N 212 
ILE CD1   HD11   sing N N 213 
ILE CD1   HD12   sing N N 214 
ILE CD1   HD13   sing N N 215 
ILE OXT   HXT    sing N N 216 
LEU N     CA     sing N N 217 
LEU N     H      sing N N 218 
LEU N     H2     sing N N 219 
LEU CA    C      sing N N 220 
LEU CA    CB     sing N N 221 
LEU CA    HA     sing N N 222 
LEU C     O      doub N N 223 
LEU C     OXT    sing N N 224 
LEU CB    CG     sing N N 225 
LEU CB    HB2    sing N N 226 
LEU CB    HB3    sing N N 227 
LEU CG    CD1    sing N N 228 
LEU CG    CD2    sing N N 229 
LEU CG    HG     sing N N 230 
LEU CD1   HD11   sing N N 231 
LEU CD1   HD12   sing N N 232 
LEU CD1   HD13   sing N N 233 
LEU CD2   HD21   sing N N 234 
LEU CD2   HD22   sing N N 235 
LEU CD2   HD23   sing N N 236 
LEU OXT   HXT    sing N N 237 
LYS N     CA     sing N N 238 
LYS N     H      sing N N 239 
LYS N     H2     sing N N 240 
LYS CA    C      sing N N 241 
LYS CA    CB     sing N N 242 
LYS CA    HA     sing N N 243 
LYS C     O      doub N N 244 
LYS C     OXT    sing N N 245 
LYS CB    CG     sing N N 246 
LYS CB    HB2    sing N N 247 
LYS CB    HB3    sing N N 248 
LYS CG    CD     sing N N 249 
LYS CG    HG2    sing N N 250 
LYS CG    HG3    sing N N 251 
LYS CD    CE     sing N N 252 
LYS CD    HD2    sing N N 253 
LYS CD    HD3    sing N N 254 
LYS CE    NZ     sing N N 255 
LYS CE    HE2    sing N N 256 
LYS CE    HE3    sing N N 257 
LYS NZ    HZ1    sing N N 258 
LYS NZ    HZ2    sing N N 259 
LYS NZ    HZ3    sing N N 260 
LYS OXT   HXT    sing N N 261 
MET N     CA     sing N N 262 
MET N     H      sing N N 263 
MET N     H2     sing N N 264 
MET CA    C      sing N N 265 
MET CA    CB     sing N N 266 
MET CA    HA     sing N N 267 
MET C     O      doub N N 268 
MET C     OXT    sing N N 269 
MET CB    CG     sing N N 270 
MET CB    HB2    sing N N 271 
MET CB    HB3    sing N N 272 
MET CG    SD     sing N N 273 
MET CG    HG2    sing N N 274 
MET CG    HG3    sing N N 275 
MET SD    CE     sing N N 276 
MET CE    HE1    sing N N 277 
MET CE    HE2    sing N N 278 
MET CE    HE3    sing N N 279 
MET OXT   HXT    sing N N 280 
PHE N     CA     sing N N 281 
PHE N     H      sing N N 282 
PHE N     H2     sing N N 283 
PHE CA    C      sing N N 284 
PHE CA    CB     sing N N 285 
PHE CA    HA     sing N N 286 
PHE C     O      doub N N 287 
PHE C     OXT    sing N N 288 
PHE CB    CG     sing N N 289 
PHE CB    HB2    sing N N 290 
PHE CB    HB3    sing N N 291 
PHE CG    CD1    doub Y N 292 
PHE CG    CD2    sing Y N 293 
PHE CD1   CE1    sing Y N 294 
PHE CD1   HD1    sing N N 295 
PHE CD2   CE2    doub Y N 296 
PHE CD2   HD2    sing N N 297 
PHE CE1   CZ     doub Y N 298 
PHE CE1   HE1    sing N N 299 
PHE CE2   CZ     sing Y N 300 
PHE CE2   HE2    sing N N 301 
PHE CZ    HZ     sing N N 302 
PHE OXT   HXT    sing N N 303 
PRO N     CA     sing N N 304 
PRO N     CD     sing N N 305 
PRO N     H      sing N N 306 
PRO CA    C      sing N N 307 
PRO CA    CB     sing N N 308 
PRO CA    HA     sing N N 309 
PRO C     O      doub N N 310 
PRO C     OXT    sing N N 311 
PRO CB    CG     sing N N 312 
PRO CB    HB2    sing N N 313 
PRO CB    HB3    sing N N 314 
PRO CG    CD     sing N N 315 
PRO CG    HG2    sing N N 316 
PRO CG    HG3    sing N N 317 
PRO CD    HD2    sing N N 318 
PRO CD    HD3    sing N N 319 
PRO OXT   HXT    sing N N 320 
RBF N1    C2     sing N N 321 
RBF N1    C10    doub N N 322 
RBF C2    O2     doub N N 323 
RBF C2    N3     sing N N 324 
RBF N3    C4     sing N N 325 
RBF N3    HN3    sing N N 326 
RBF C4    O4     doub N N 327 
RBF C4    C4A    sing N N 328 
RBF C4A   N5     doub N N 329 
RBF C4A   C10    sing N N 330 
RBF N5    C5A    sing N N 331 
RBF C5A   C6     doub Y N 332 
RBF C5A   C9A    sing Y N 333 
RBF C6    C7     sing Y N 334 
RBF C6    HC6    sing N N 335 
RBF C7    C7M    sing N N 336 
RBF C7    C8     doub Y N 337 
RBF C7M   HC71   sing N N 338 
RBF C7M   HC72   sing N N 339 
RBF C7M   HC73   sing N N 340 
RBF C8    C8M    sing N N 341 
RBF C8    C9     sing Y N 342 
RBF C8M   HC81   sing N N 343 
RBF C8M   HC82   sing N N 344 
RBF C8M   HC83   sing N N 345 
RBF C9    C9A    doub Y N 346 
RBF C9    HC9    sing N N 347 
RBF C9A   N10    sing N N 348 
RBF N10   C10    sing N N 349 
RBF N10   "C1'"  sing N N 350 
RBF "C1'" "C2'"  sing N N 351 
RBF "C1'" HC11   sing N N 352 
RBF "C1'" HC12   sing N N 353 
RBF "C2'" "O2'"  sing N N 354 
RBF "C2'" "C3'"  sing N N 355 
RBF "C2'" "HC2'" sing N N 356 
RBF "O2'" "HO2'" sing N N 357 
RBF "C3'" "O3'"  sing N N 358 
RBF "C3'" "C4'"  sing N N 359 
RBF "C3'" "HC3'" sing N N 360 
RBF "O3'" "HO3'" sing N N 361 
RBF "C4'" "O4'"  sing N N 362 
RBF "C4'" "C5'"  sing N N 363 
RBF "C4'" "HC4'" sing N N 364 
RBF "O4'" "HO4'" sing N N 365 
RBF "C5'" "O5'"  sing N N 366 
RBF "C5'" HC51   sing N N 367 
RBF "C5'" HC52   sing N N 368 
RBF "O5'" "HO5'" sing N N 369 
SER N     CA     sing N N 370 
SER N     H      sing N N 371 
SER N     H2     sing N N 372 
SER CA    C      sing N N 373 
SER CA    CB     sing N N 374 
SER CA    HA     sing N N 375 
SER C     O      doub N N 376 
SER C     OXT    sing N N 377 
SER CB    OG     sing N N 378 
SER CB    HB2    sing N N 379 
SER CB    HB3    sing N N 380 
SER OG    HG     sing N N 381 
SER OXT   HXT    sing N N 382 
THR N     CA     sing N N 383 
THR N     H      sing N N 384 
THR N     H2     sing N N 385 
THR CA    C      sing N N 386 
THR CA    CB     sing N N 387 
THR CA    HA     sing N N 388 
THR C     O      doub N N 389 
THR C     OXT    sing N N 390 
THR CB    OG1    sing N N 391 
THR CB    CG2    sing N N 392 
THR CB    HB     sing N N 393 
THR OG1   HG1    sing N N 394 
THR CG2   HG21   sing N N 395 
THR CG2   HG22   sing N N 396 
THR CG2   HG23   sing N N 397 
THR OXT   HXT    sing N N 398 
TRP N     CA     sing N N 399 
TRP N     H      sing N N 400 
TRP N     H2     sing N N 401 
TRP CA    C      sing N N 402 
TRP CA    CB     sing N N 403 
TRP CA    HA     sing N N 404 
TRP C     O      doub N N 405 
TRP C     OXT    sing N N 406 
TRP CB    CG     sing N N 407 
TRP CB    HB2    sing N N 408 
TRP CB    HB3    sing N N 409 
TRP CG    CD1    doub Y N 410 
TRP CG    CD2    sing Y N 411 
TRP CD1   NE1    sing Y N 412 
TRP CD1   HD1    sing N N 413 
TRP CD2   CE2    doub Y N 414 
TRP CD2   CE3    sing Y N 415 
TRP NE1   CE2    sing Y N 416 
TRP NE1   HE1    sing N N 417 
TRP CE2   CZ2    sing Y N 418 
TRP CE3   CZ3    doub Y N 419 
TRP CE3   HE3    sing N N 420 
TRP CZ2   CH2    doub Y N 421 
TRP CZ2   HZ2    sing N N 422 
TRP CZ3   CH2    sing Y N 423 
TRP CZ3   HZ3    sing N N 424 
TRP CH2   HH2    sing N N 425 
TRP OXT   HXT    sing N N 426 
TYR N     CA     sing N N 427 
TYR N     H      sing N N 428 
TYR N     H2     sing N N 429 
TYR CA    C      sing N N 430 
TYR CA    CB     sing N N 431 
TYR CA    HA     sing N N 432 
TYR C     O      doub N N 433 
TYR C     OXT    sing N N 434 
TYR CB    CG     sing N N 435 
TYR CB    HB2    sing N N 436 
TYR CB    HB3    sing N N 437 
TYR CG    CD1    doub Y N 438 
TYR CG    CD2    sing Y N 439 
TYR CD1   CE1    sing Y N 440 
TYR CD1   HD1    sing N N 441 
TYR CD2   CE2    doub Y N 442 
TYR CD2   HD2    sing N N 443 
TYR CE1   CZ     doub Y N 444 
TYR CE1   HE1    sing N N 445 
TYR CE2   CZ     sing Y N 446 
TYR CE2   HE2    sing N N 447 
TYR CZ    OH     sing N N 448 
TYR OH    HH     sing N N 449 
TYR OXT   HXT    sing N N 450 
VAL N     CA     sing N N 451 
VAL N     H      sing N N 452 
VAL N     H2     sing N N 453 
VAL CA    C      sing N N 454 
VAL CA    CB     sing N N 455 
VAL CA    HA     sing N N 456 
VAL C     O      doub N N 457 
VAL C     OXT    sing N N 458 
VAL CB    CG1    sing N N 459 
VAL CB    CG2    sing N N 460 
VAL CB    HB     sing N N 461 
VAL CG1   HG11   sing N N 462 
VAL CG1   HG12   sing N N 463 
VAL CG1   HG13   sing N N 464 
VAL CG2   HG21   sing N N 465 
VAL CG2   HG22   sing N N 466 
VAL CG2   HG23   sing N N 467 
VAL OXT   HXT    sing N N 468 
# 
loop_
_pdbx_entity_nonpoly.entity_id 
_pdbx_entity_nonpoly.name 
_pdbx_entity_nonpoly.comp_id 
2 'MAGNESIUM ION'            MG  
3 "ADENOSINE-5'-DIPHOSPHATE" ADP 
4 RIBOFLAVIN                 RBF 
5 water                      HOH 
# 
_pdbx_initial_refinement_model.id               1 
_pdbx_initial_refinement_model.entity_id_list   ? 
_pdbx_initial_refinement_model.type             'experimental model' 
_pdbx_initial_refinement_model.source_name      PDB 
_pdbx_initial_refinement_model.accession_code   1NB0 
_pdbx_initial_refinement_model.details          'PDB ENTRY 1NB0' 
# 
